data_5ZJ9
#
_entry.id   5ZJ9
#
_cell.length_a   150.140
_cell.length_b   182.730
_cell.length_c   51.100
_cell.angle_alpha   90.00
_cell.angle_beta   90.00
_cell.angle_gamma   90.00
#
_symmetry.space_group_name_H-M   'P 21 21 2'
#
loop_
_entity.id
_entity.type
_entity.pdbx_description
1 polymer 'D-amino-acid oxidase'
2 non-polymer 'FLAVIN-ADENINE DINUCLEOTIDE'
3 non-polymer '5-chloro thiophene-3-carboxylic acid'
4 water water
#
_entity_poly.entity_id   1
_entity_poly.type   'polypeptide(L)'
_entity_poly.pdbx_seq_one_letter_code
;MRVVVIGAGVIGLSTALCIHERYHSVLQPLDIKVYADRFTPLTTTDVAAGLWQPYLSDPNNPQEADWSQQTFDYLLSHVH
SPNAENLGLFLISGYNLFHEAIPDPSWKDTVLGFRKLTPRELDMFPDYGYGWFHTSLILEGKNYLQWLTERLTERGVKFF
QRKVESFEEVAREGADVIVNCTGVWAGALQRDPLLQPGRGQIMKVDAPWMKHFILTHDPERGIYNSPYIIPGTQTVTLGG
IFQLGNWSELNNIQDHNTIWEGCCRLEPTLKNARIIGERTGFRPVRPQIRLEREQLRTGPSNTEVIHNYGHGGYGLTIHW
GCALEAAKLFGRILEEKKLS
;
_entity_poly.pdbx_strand_id   A,B,C,D
#
loop_
_chem_comp.id
_chem_comp.type
_chem_comp.name
_chem_comp.formula
9E6 non-polymer '5-chloro thiophene-3-carboxylic acid' 'C5 H3 Cl O2 S'
FAD non-polymer 'FLAVIN-ADENINE DINUCLEOTIDE' 'C27 H33 N9 O15 P2'
#
# COMPACT_ATOMS: atom_id res chain seq x y z
N MET A 1 -25.88 39.08 11.55
CA MET A 1 -24.53 39.22 10.99
C MET A 1 -24.23 38.11 9.99
N ARG A 2 -24.26 38.46 8.70
CA ARG A 2 -23.95 37.52 7.63
C ARG A 2 -22.51 37.71 7.19
N VAL A 3 -21.69 36.68 7.39
CA VAL A 3 -20.27 36.71 7.04
C VAL A 3 -20.03 35.80 5.85
N VAL A 4 -19.16 36.24 4.95
CA VAL A 4 -18.82 35.47 3.75
C VAL A 4 -17.30 35.35 3.69
N VAL A 5 -16.81 34.12 3.74
CA VAL A 5 -15.38 33.84 3.61
C VAL A 5 -15.12 33.40 2.18
N ILE A 6 -14.22 34.10 1.49
CA ILE A 6 -13.84 33.77 0.13
C ILE A 6 -12.52 33.01 0.20
N GLY A 7 -12.56 31.73 -0.17
CA GLY A 7 -11.36 30.90 -0.13
C GLY A 7 -11.53 29.64 0.69
N ALA A 8 -11.25 28.49 0.08
CA ALA A 8 -11.36 27.20 0.76
C ALA A 8 -10.00 26.56 1.02
N GLY A 9 -8.93 27.35 1.00
CA GLY A 9 -7.62 26.87 1.39
C GLY A 9 -7.50 26.77 2.90
N VAL A 10 -6.27 26.52 3.35
CA VAL A 10 -6.01 26.40 4.78
C VAL A 10 -6.28 27.73 5.48
N ILE A 11 -6.08 28.85 4.79
CA ILE A 11 -6.30 30.16 5.40
C ILE A 11 -7.79 30.46 5.51
N GLY A 12 -8.56 30.17 4.45
CA GLY A 12 -9.98 30.46 4.48
C GLY A 12 -10.74 29.57 5.44
N LEU A 13 -10.48 28.27 5.41
CA LEU A 13 -11.26 27.33 6.22
C LEU A 13 -10.92 27.47 7.70
N SER A 14 -9.64 27.61 8.04
CA SER A 14 -9.28 27.75 9.45
C SER A 14 -9.79 29.06 10.03
N THR A 15 -9.80 30.12 9.23
CA THR A 15 -10.35 31.40 9.70
C THR A 15 -11.85 31.29 9.91
N ALA A 16 -12.56 30.66 8.98
CA ALA A 16 -14.01 30.48 9.14
C ALA A 16 -14.32 29.62 10.36
N LEU A 17 -13.49 28.61 10.63
CA LEU A 17 -13.68 27.78 11.81
C LEU A 17 -13.36 28.56 13.08
N CYS A 18 -12.23 29.28 13.08
CA CYS A 18 -11.82 30.02 14.27
C CYS A 18 -12.78 31.16 14.58
N ILE A 19 -13.43 31.72 13.56
CA ILE A 19 -14.35 32.84 13.79
C ILE A 19 -15.65 32.34 14.42
N HIS A 20 -16.16 31.19 13.96
CA HIS A 20 -17.44 30.70 14.45
C HIS A 20 -17.33 30.23 15.90
N GLU A 21 -16.29 29.44 16.22
CA GLU A 21 -16.17 28.92 17.58
C GLU A 21 -16.02 30.01 18.62
N ARG A 22 -15.60 31.21 18.21
CA ARG A 22 -15.47 32.33 19.12
C ARG A 22 -16.71 33.20 19.19
N TYR A 23 -17.60 33.13 18.19
CA TYR A 23 -18.68 34.11 18.12
C TYR A 23 -20.03 33.50 17.74
N HIS A 24 -20.20 32.18 17.81
CA HIS A 24 -21.48 31.60 17.39
C HIS A 24 -22.57 31.76 18.44
N SER A 25 -22.20 31.87 19.72
CA SER A 25 -23.14 32.11 20.80
C SER A 25 -23.13 33.54 21.36
N VAL A 26 -22.06 34.31 21.11
CA VAL A 26 -22.15 35.77 21.31
C VAL A 26 -22.99 36.43 20.25
N LEU A 27 -23.37 35.70 19.21
CA LEU A 27 -24.02 36.28 18.03
C LEU A 27 -25.00 35.25 17.50
N GLN A 28 -26.30 35.53 17.62
CA GLN A 28 -27.33 34.54 17.33
C GLN A 28 -27.54 34.36 15.83
N PRO A 29 -27.74 35.43 15.05
CA PRO A 29 -27.81 35.20 13.59
C PRO A 29 -26.45 35.29 12.93
N LEU A 30 -25.59 34.33 13.24
CA LEU A 30 -24.26 34.20 12.63
C LEU A 30 -24.35 33.15 11.53
N ASP A 31 -24.64 33.59 10.31
CA ASP A 31 -24.69 32.73 9.14
C ASP A 31 -23.41 32.95 8.34
N ILE A 32 -22.54 31.95 8.34
CA ILE A 32 -21.28 31.99 7.62
C ILE A 32 -21.40 31.07 6.40
N LYS A 33 -20.98 31.58 5.24
CA LYS A 33 -20.91 30.78 4.02
C LYS A 33 -19.51 30.93 3.44
N VAL A 34 -19.05 29.87 2.78
CA VAL A 34 -17.73 29.84 2.17
C VAL A 34 -17.90 29.84 0.66
N TYR A 35 -17.39 30.88 0.02
CA TYR A 35 -17.35 30.98 -1.44
C TYR A 35 -15.94 30.64 -1.92
N ALA A 36 -15.84 29.71 -2.87
CA ALA A 36 -14.54 29.28 -3.35
C ALA A 36 -14.63 28.84 -4.80
N ASP A 37 -13.62 29.22 -5.59
CA ASP A 37 -13.53 28.76 -6.96
C ASP A 37 -13.12 27.29 -7.02
N ARG A 38 -12.16 26.90 -6.20
CA ARG A 38 -11.69 25.52 -6.13
C ARG A 38 -11.67 25.05 -4.68
N PHE A 39 -12.02 23.78 -4.48
CA PHE A 39 -11.91 23.12 -3.18
C PHE A 39 -10.85 22.03 -3.26
N THR A 40 -10.60 21.39 -2.13
CA THR A 40 -9.71 20.24 -2.12
C THR A 40 -10.31 19.14 -3.00
N PRO A 41 -9.48 18.38 -3.74
CA PRO A 41 -8.02 18.41 -3.77
C PRO A 41 -7.44 19.26 -4.89
N LEU A 42 -7.94 20.48 -5.08
CA LEU A 42 -7.52 21.32 -6.19
C LEU A 42 -7.06 22.70 -5.72
N THR A 43 -6.58 22.79 -4.49
CA THR A 43 -6.07 24.05 -3.96
C THR A 43 -4.56 23.99 -3.78
N THR A 44 -3.96 25.16 -3.60
CA THR A 44 -2.52 25.22 -3.35
C THR A 44 -2.15 24.50 -2.07
N THR A 45 -3.03 24.51 -1.07
CA THR A 45 -2.79 23.80 0.18
C THR A 45 -2.58 22.31 -0.05
N ASP A 46 -3.24 21.75 -1.07
CA ASP A 46 -3.10 20.32 -1.33
C ASP A 46 -1.73 19.98 -1.91
N VAL A 47 -1.10 20.92 -2.61
CA VAL A 47 0.21 20.66 -3.19
C VAL A 47 1.29 20.63 -2.11
N ALA A 48 1.13 21.43 -1.07
CA ALA A 48 2.15 21.52 -0.02
C ALA A 48 2.30 20.20 0.70
N ALA A 49 3.53 19.92 1.14
CA ALA A 49 3.79 18.72 1.94
C ALA A 49 3.25 18.88 3.36
N GLY A 50 3.35 20.08 3.91
CA GLY A 50 2.80 20.36 5.23
C GLY A 50 3.81 20.53 6.34
N LEU A 51 5.09 20.69 6.03
CA LEU A 51 6.11 20.84 7.06
C LEU A 51 5.99 22.20 7.74
N TRP A 52 6.11 22.20 9.07
CA TRP A 52 6.16 23.45 9.83
C TRP A 52 7.60 23.95 9.80
N GLN A 53 7.84 24.99 9.00
CA GLN A 53 9.12 25.69 9.03
C GLN A 53 8.96 27.07 8.41
N PRO A 54 9.25 28.13 9.14
CA PRO A 54 9.24 29.48 8.56
C PRO A 54 10.51 29.69 7.74
N TYR A 55 10.61 30.88 7.14
CA TYR A 55 11.81 31.25 6.42
C TYR A 55 12.99 31.36 7.39
N LEU A 56 14.19 31.31 6.83
CA LEU A 56 15.39 31.36 7.66
C LEU A 56 15.62 32.74 8.25
N SER A 57 15.27 33.79 7.52
CA SER A 57 15.43 35.16 7.99
C SER A 57 14.20 35.63 8.76
N ASP A 58 14.35 36.76 9.43
CA ASP A 58 13.24 37.33 10.18
C ASP A 58 12.15 37.82 9.22
N PRO A 59 10.87 37.75 9.63
CA PRO A 59 9.78 37.87 8.67
C PRO A 59 9.36 39.29 8.33
N ASN A 60 10.16 40.30 8.63
CA ASN A 60 9.87 41.72 8.36
C ASN A 60 8.65 42.22 9.13
N ASN A 61 8.02 41.36 9.92
CA ASN A 61 6.91 41.76 10.79
C ASN A 61 6.95 40.78 11.96
N PRO A 62 7.52 41.18 13.10
CA PRO A 62 7.75 40.21 14.18
C PRO A 62 6.49 39.58 14.75
N GLN A 63 5.30 40.05 14.35
CA GLN A 63 4.08 39.39 14.78
C GLN A 63 3.88 38.06 14.05
N GLU A 64 4.39 37.96 12.82
CA GLU A 64 4.33 36.68 12.12
C GLU A 64 5.16 35.61 12.81
N ALA A 65 6.25 36.00 13.47
CA ALA A 65 7.03 35.05 14.26
C ALA A 65 6.19 34.50 15.41
N ASP A 66 5.31 35.33 15.98
CA ASP A 66 4.42 34.85 17.02
C ASP A 66 3.33 33.96 16.44
N TRP A 67 2.74 34.36 15.32
CA TRP A 67 1.68 33.56 14.69
C TRP A 67 2.16 32.16 14.37
N SER A 68 3.43 32.01 13.99
CA SER A 68 3.97 30.69 13.68
C SER A 68 4.10 29.84 14.94
N GLN A 69 4.48 30.46 16.06
CA GLN A 69 4.62 29.70 17.30
C GLN A 69 3.26 29.29 17.86
N GLN A 70 2.25 30.16 17.72
CA GLN A 70 0.90 29.78 18.13
C GLN A 70 0.41 28.57 17.35
N THR A 71 0.70 28.54 16.04
CA THR A 71 0.30 27.40 15.23
C THR A 71 1.04 26.13 15.65
N PHE A 72 2.34 26.25 15.96
CA PHE A 72 3.11 25.08 16.39
C PHE A 72 2.62 24.58 17.75
N ASP A 73 2.40 25.49 18.70
CA ASP A 73 1.98 25.08 20.03
C ASP A 73 0.61 24.42 19.99
N TYR A 74 -0.28 24.92 19.15
CA TYR A 74 -1.62 24.33 19.06
C TYR A 74 -1.58 22.98 18.39
N LEU A 75 -0.81 22.85 17.30
CA LEU A 75 -0.68 21.56 16.63
C LEU A 75 0.03 20.55 17.52
N LEU A 76 1.05 20.98 18.26
CA LEU A 76 1.76 20.08 19.16
C LEU A 76 0.86 19.60 20.30
N SER A 77 -0.12 20.42 20.70
CA SER A 77 -1.07 20.03 21.73
C SER A 77 -2.10 19.03 21.24
N HIS A 78 -2.07 18.66 19.95
CA HIS A 78 -2.98 17.68 19.39
C HIS A 78 -2.25 16.57 18.64
N VAL A 79 -0.93 16.47 18.80
CA VAL A 79 -0.16 15.51 18.00
C VAL A 79 -0.36 14.08 18.51
N HIS A 80 -0.69 13.91 19.78
CA HIS A 80 -0.96 12.60 20.35
C HIS A 80 -2.43 12.34 20.55
N SER A 81 -3.29 13.23 20.06
CA SER A 81 -4.73 12.98 20.09
C SER A 81 -5.09 11.91 19.07
N PRO A 82 -6.06 11.04 19.37
CA PRO A 82 -6.39 9.95 18.43
C PRO A 82 -6.94 10.44 17.09
N ASN A 83 -7.41 11.68 17.00
CA ASN A 83 -7.89 12.21 15.74
C ASN A 83 -6.80 12.94 14.96
N ALA A 84 -5.54 12.81 15.37
CA ALA A 84 -4.44 13.41 14.61
C ALA A 84 -4.31 12.78 13.23
N GLU A 85 -4.66 11.49 13.11
CA GLU A 85 -4.64 10.85 11.80
C GLU A 85 -5.65 11.50 10.85
N ASN A 86 -6.80 11.94 11.38
CA ASN A 86 -7.76 12.64 10.55
C ASN A 86 -7.23 14.00 10.12
N LEU A 87 -6.46 14.67 10.98
CA LEU A 87 -5.86 15.95 10.63
C LEU A 87 -4.69 15.80 9.67
N GLY A 88 -4.08 14.61 9.61
CA GLY A 88 -2.84 14.45 8.88
C GLY A 88 -1.65 15.04 9.62
N LEU A 89 -1.63 14.91 10.94
CA LEU A 89 -0.64 15.56 11.79
C LEU A 89 0.22 14.50 12.48
N PHE A 90 1.53 14.71 12.45
CA PHE A 90 2.46 13.79 13.09
C PHE A 90 3.82 14.48 13.24
N LEU A 91 4.60 14.03 14.21
CA LEU A 91 5.92 14.56 14.44
C LEU A 91 6.92 13.97 13.44
N ILE A 92 7.97 14.74 13.16
CA ILE A 92 9.03 14.27 12.27
C ILE A 92 10.31 15.07 12.53
N SER A 93 11.43 14.38 12.63
CA SER A 93 12.74 15.01 12.71
C SER A 93 13.41 15.01 11.35
N GLY A 94 14.41 15.86 11.18
CA GLY A 94 15.04 15.96 9.89
C GLY A 94 16.24 16.89 9.91
N TYR A 95 16.80 17.11 8.72
CA TYR A 95 18.04 17.84 8.54
C TYR A 95 17.80 19.11 7.73
N ASN A 96 18.68 20.09 7.94
CA ASN A 96 18.72 21.32 7.15
C ASN A 96 20.18 21.54 6.75
N LEU A 97 20.49 21.37 5.48
CA LEU A 97 21.89 21.32 5.02
C LEU A 97 22.30 22.65 4.39
N PHE A 98 23.48 23.13 4.78
CA PHE A 98 24.07 24.35 4.22
C PHE A 98 25.50 24.06 3.79
N HIS A 99 26.01 24.91 2.89
CA HIS A 99 27.38 24.74 2.42
C HIS A 99 28.40 25.29 3.40
N GLU A 100 28.03 26.29 4.21
CA GLU A 100 28.88 26.78 5.28
C GLU A 100 27.99 27.38 6.37
N ALA A 101 28.64 27.78 7.46
CA ALA A 101 27.91 28.18 8.66
C ALA A 101 27.09 29.44 8.44
N ILE A 102 25.86 29.42 8.93
CA ILE A 102 24.96 30.58 8.90
C ILE A 102 24.29 30.70 10.27
N PRO A 103 23.83 31.91 10.61
CA PRO A 103 23.25 32.11 11.95
C PRO A 103 22.02 31.22 12.19
N ASP A 104 21.76 30.98 13.47
CA ASP A 104 20.63 30.17 13.87
C ASP A 104 19.31 30.88 13.56
N PRO A 105 18.22 30.14 13.33
CA PRO A 105 16.94 30.77 13.05
C PRO A 105 16.26 31.26 14.32
N SER A 106 15.34 32.21 14.13
CA SER A 106 14.60 32.76 15.25
C SER A 106 13.65 31.75 15.87
N TRP A 107 13.25 30.72 15.13
CA TRP A 107 12.33 29.70 15.62
C TRP A 107 13.07 28.50 16.21
N LYS A 108 14.32 28.68 16.63
CA LYS A 108 15.11 27.56 17.12
C LYS A 108 14.53 26.97 18.41
N ASP A 109 13.96 27.81 19.27
CA ASP A 109 13.39 27.35 20.53
C ASP A 109 11.94 26.93 20.42
N THR A 110 11.29 27.17 19.28
CA THR A 110 9.91 26.71 19.09
C THR A 110 9.86 25.23 18.76
N VAL A 111 10.79 24.74 17.93
CA VAL A 111 10.85 23.33 17.55
C VAL A 111 11.46 22.55 18.71
N LEU A 112 11.35 21.21 18.64
CA LEU A 112 11.81 20.34 19.71
C LEU A 112 13.24 19.87 19.44
N GLY A 113 14.10 20.03 20.43
CA GLY A 113 15.45 19.46 20.37
C GLY A 113 16.33 20.01 19.26
N PHE A 114 16.29 21.33 19.03
CA PHE A 114 17.13 21.92 18.02
C PHE A 114 18.60 21.79 18.40
N ARG A 115 19.43 21.46 17.40
CA ARG A 115 20.86 21.30 17.62
C ARG A 115 21.56 21.35 16.26
N LYS A 116 22.89 21.47 16.32
CA LYS A 116 23.71 21.48 15.12
C LYS A 116 24.18 20.07 14.78
N LEU A 117 24.49 19.87 13.51
CA LEU A 117 24.83 18.54 13.01
C LEU A 117 26.26 18.18 13.40
N THR A 118 26.44 16.94 13.85
CA THR A 118 27.76 16.44 14.21
C THR A 118 28.55 16.13 12.93
N PRO A 119 29.89 16.03 13.04
CA PRO A 119 30.68 15.71 11.84
C PRO A 119 30.28 14.41 11.17
N ARG A 120 29.97 13.37 11.94
CA ARG A 120 29.59 12.09 11.34
C ARG A 120 28.25 12.19 10.61
N GLU A 121 27.36 13.08 11.07
CA GLU A 121 26.12 13.30 10.34
C GLU A 121 26.37 14.07 9.04
N LEU A 122 27.32 15.01 9.06
CA LEU A 122 27.66 15.75 7.86
C LEU A 122 28.40 14.91 6.84
N ASP A 123 29.00 13.80 7.26
CA ASP A 123 29.67 12.91 6.30
C ASP A 123 28.69 12.15 5.44
N MET A 124 27.43 12.01 5.87
CA MET A 124 26.41 11.39 5.05
C MET A 124 25.96 12.27 3.89
N PHE A 125 26.34 13.54 3.89
CA PHE A 125 25.98 14.49 2.84
C PHE A 125 27.25 15.18 2.38
N PRO A 126 27.94 14.61 1.38
CA PRO A 126 29.27 15.13 1.02
C PRO A 126 29.27 16.57 0.53
N ASP A 127 28.15 17.05 -0.02
CA ASP A 127 28.14 18.38 -0.61
C ASP A 127 28.08 19.48 0.46
N TYR A 128 27.38 19.24 1.55
CA TYR A 128 27.10 20.26 2.55
C TYR A 128 27.93 20.02 3.81
N GLY A 129 28.49 21.10 4.35
CA GLY A 129 29.39 21.01 5.47
C GLY A 129 28.88 21.60 6.77
N TYR A 130 27.63 22.08 6.77
CA TYR A 130 27.03 22.64 7.97
C TYR A 130 25.53 22.39 7.93
N GLY A 131 24.93 22.24 9.10
CA GLY A 131 23.50 22.00 9.15
C GLY A 131 22.96 21.92 10.55
N TRP A 132 21.65 21.75 10.63
CA TRP A 132 20.91 21.61 11.89
C TRP A 132 20.19 20.27 11.92
N PHE A 133 19.73 19.93 13.12
CA PHE A 133 18.85 18.78 13.34
C PHE A 133 17.80 19.20 14.37
N HIS A 134 16.53 18.95 14.06
CA HIS A 134 15.46 19.32 14.97
C HIS A 134 14.22 18.50 14.64
N THR A 135 13.29 18.47 15.58
CA THR A 135 12.01 17.79 15.43
C THR A 135 10.92 18.82 15.19
N SER A 136 10.07 18.57 14.20
CA SER A 136 9.01 19.49 13.82
C SER A 136 7.74 18.68 13.56
N LEU A 137 6.77 19.32 12.93
CA LEU A 137 5.48 18.72 12.63
C LEU A 137 5.20 18.77 11.13
N ILE A 138 4.26 17.94 10.70
CA ILE A 138 3.77 17.93 9.33
C ILE A 138 2.25 17.92 9.37
N LEU A 139 1.64 18.86 8.66
CA LEU A 139 0.19 18.97 8.57
C LEU A 139 -0.18 18.85 7.10
N GLU A 140 -0.47 17.62 6.66
CA GLU A 140 -0.81 17.38 5.27
C GLU A 140 -2.13 18.09 4.92
N GLY A 141 -2.08 18.91 3.87
CA GLY A 141 -3.20 19.79 3.58
C GLY A 141 -4.47 19.05 3.21
N LYS A 142 -4.34 17.93 2.48
CA LYS A 142 -5.51 17.20 2.02
C LYS A 142 -6.37 16.72 3.19
N ASN A 143 -5.75 16.00 4.13
CA ASN A 143 -6.49 15.52 5.29
C ASN A 143 -6.94 16.68 6.18
N TYR A 144 -6.12 17.72 6.30
CA TYR A 144 -6.47 18.85 7.15
C TYR A 144 -7.65 19.62 6.57
N LEU A 145 -7.65 19.83 5.25
CA LEU A 145 -8.74 20.61 4.64
C LEU A 145 -10.06 19.87 4.73
N GLN A 146 -10.06 18.56 4.51
CA GLN A 146 -11.29 17.79 4.65
C GLN A 146 -11.72 17.66 6.10
N TRP A 147 -10.76 17.75 7.04
CA TRP A 147 -11.12 17.79 8.45
C TRP A 147 -11.81 19.10 8.79
N LEU A 148 -11.23 20.23 8.36
CA LEU A 148 -11.85 21.53 8.60
C LEU A 148 -13.23 21.61 7.95
N THR A 149 -13.38 20.99 6.77
CA THR A 149 -14.69 20.98 6.11
C THR A 149 -15.71 20.23 6.94
N GLU A 150 -15.35 19.05 7.45
CA GLU A 150 -16.28 18.26 8.25
C GLU A 150 -16.67 18.99 9.52
N ARG A 151 -15.70 19.68 10.15
CA ARG A 151 -16.03 20.52 11.30
C ARG A 151 -17.03 21.61 10.89
N LEU A 152 -16.69 22.40 9.87
CA LEU A 152 -17.53 23.52 9.46
C LEU A 152 -18.90 23.05 9.01
N THR A 153 -18.98 21.89 8.35
CA THR A 153 -20.28 21.38 7.92
C THR A 153 -21.15 21.01 9.13
N GLU A 154 -20.53 20.45 10.17
CA GLU A 154 -21.27 20.15 11.40
C GLU A 154 -21.84 21.39 12.07
N ARG A 155 -21.27 22.57 11.78
CA ARG A 155 -21.69 23.81 12.41
C ARG A 155 -22.52 24.70 11.48
N GLY A 156 -23.11 24.12 10.44
CA GLY A 156 -23.99 24.89 9.58
C GLY A 156 -23.30 25.94 8.75
N VAL A 157 -22.05 25.69 8.35
CA VAL A 157 -21.32 26.58 7.45
C VAL A 157 -21.46 25.98 6.05
N LYS A 158 -22.32 26.59 5.23
CA LYS A 158 -22.62 26.05 3.92
C LYS A 158 -21.58 26.48 2.90
N PHE A 159 -21.25 25.58 1.98
CA PHE A 159 -20.22 25.79 0.99
C PHE A 159 -20.83 25.99 -0.39
N PHE A 160 -20.18 26.82 -1.21
CA PHE A 160 -20.67 27.13 -2.54
C PHE A 160 -19.50 27.26 -3.50
N GLN A 161 -19.57 26.53 -4.62
CA GLN A 161 -18.56 26.63 -5.67
C GLN A 161 -18.87 27.86 -6.52
N ARG A 162 -18.08 28.90 -6.37
CA ARG A 162 -18.39 30.17 -7.01
C ARG A 162 -17.13 31.01 -7.13
N LYS A 163 -16.92 31.60 -8.30
CA LYS A 163 -15.83 32.53 -8.54
C LYS A 163 -16.31 33.94 -8.25
N VAL A 164 -15.70 34.60 -7.27
CA VAL A 164 -16.10 35.95 -6.89
C VAL A 164 -15.43 36.95 -7.82
N GLU A 165 -16.25 37.80 -8.44
CA GLU A 165 -15.73 38.82 -9.35
C GLU A 165 -15.31 40.10 -8.65
N SER A 166 -16.02 40.49 -7.59
CA SER A 166 -15.70 41.73 -6.89
C SER A 166 -16.30 41.69 -5.49
N PHE A 167 -15.70 42.49 -4.60
CA PHE A 167 -16.27 42.66 -3.27
C PHE A 167 -17.65 43.28 -3.34
N GLU A 168 -17.85 44.20 -4.29
CA GLU A 168 -19.16 44.83 -4.46
C GLU A 168 -20.24 43.81 -4.80
N GLU A 169 -19.89 42.76 -5.54
CA GLU A 169 -20.85 41.71 -5.85
C GLU A 169 -21.32 41.00 -4.58
N VAL A 170 -20.36 40.60 -3.73
CA VAL A 170 -20.71 39.92 -2.49
C VAL A 170 -21.49 40.84 -1.56
N ALA A 171 -21.06 42.10 -1.45
CA ALA A 171 -21.77 43.05 -0.61
C ALA A 171 -23.16 43.35 -1.15
N ARG A 172 -23.36 43.24 -2.46
CA ARG A 172 -24.69 43.42 -3.04
C ARG A 172 -25.64 42.31 -2.59
N GLU A 173 -25.12 41.10 -2.35
CA GLU A 173 -25.96 39.97 -1.98
C GLU A 173 -26.47 40.04 -0.56
N GLY A 174 -25.96 40.97 0.25
CA GLY A 174 -26.36 41.09 1.64
C GLY A 174 -25.30 40.75 2.66
N ALA A 175 -24.04 40.66 2.25
CA ALA A 175 -22.96 40.30 3.16
C ALA A 175 -22.60 41.49 4.05
N ASP A 176 -22.42 41.21 5.35
CA ASP A 176 -22.04 42.24 6.30
C ASP A 176 -20.53 42.31 6.50
N VAL A 177 -19.87 41.17 6.60
CA VAL A 177 -18.42 41.10 6.73
C VAL A 177 -17.89 40.17 5.65
N ILE A 178 -16.81 40.55 5.00
CA ILE A 178 -16.17 39.76 3.95
C ILE A 178 -14.77 39.43 4.42
N VAL A 179 -14.46 38.14 4.51
CA VAL A 179 -13.13 37.66 4.89
C VAL A 179 -12.44 37.20 3.61
N ASN A 180 -11.45 37.96 3.16
CA ASN A 180 -10.75 37.69 1.92
C ASN A 180 -9.56 36.78 2.20
N CYS A 181 -9.65 35.52 1.78
CA CYS A 181 -8.57 34.54 1.90
C CYS A 181 -8.30 33.91 0.55
N THR A 182 -8.16 34.76 -0.47
CA THR A 182 -8.06 34.32 -1.86
C THR A 182 -6.65 33.89 -2.24
N GLY A 183 -5.70 33.93 -1.32
CA GLY A 183 -4.36 33.42 -1.62
C GLY A 183 -3.66 34.23 -2.68
N VAL A 184 -3.04 33.52 -3.63
CA VAL A 184 -2.27 34.18 -4.68
C VAL A 184 -3.16 34.88 -5.69
N TRP A 185 -4.45 34.55 -5.74
CA TRP A 185 -5.38 35.15 -6.67
C TRP A 185 -6.09 36.38 -6.09
N ALA A 186 -5.50 37.03 -5.08
CA ALA A 186 -6.15 38.18 -4.46
C ALA A 186 -6.11 39.41 -5.34
N GLY A 187 -5.16 39.49 -6.27
CA GLY A 187 -5.05 40.67 -7.11
C GLY A 187 -6.27 40.89 -8.00
N ALA A 188 -6.99 39.81 -8.31
CA ALA A 188 -8.16 39.92 -9.18
C ALA A 188 -9.35 40.59 -8.49
N LEU A 189 -9.28 40.82 -7.17
CA LEU A 189 -10.31 41.53 -6.46
C LEU A 189 -9.87 42.91 -5.97
N GLN A 190 -8.56 43.10 -5.78
CA GLN A 190 -8.00 44.42 -5.45
C GLN A 190 -6.52 44.37 -5.81
N ARG A 191 -6.11 45.25 -6.72
CA ARG A 191 -4.74 45.23 -7.23
C ARG A 191 -3.74 45.39 -6.10
N ASP A 192 -2.79 44.45 -6.02
CA ASP A 192 -1.74 44.45 -5.01
C ASP A 192 -0.41 44.19 -5.69
N PRO A 193 0.41 45.23 -5.92
CA PRO A 193 1.71 45.01 -6.56
C PRO A 193 2.69 44.23 -5.71
N LEU A 194 2.43 44.05 -4.42
CA LEU A 194 3.33 43.30 -3.56
C LEU A 194 3.10 41.79 -3.65
N LEU A 195 1.93 41.37 -4.12
CA LEU A 195 1.57 39.95 -4.21
C LEU A 195 1.91 39.42 -5.59
N GLN A 196 2.70 38.35 -5.64
CA GLN A 196 3.12 37.73 -6.88
C GLN A 196 3.25 36.23 -6.66
N PRO A 197 3.11 35.42 -7.72
CA PRO A 197 3.13 33.96 -7.55
C PRO A 197 4.55 33.42 -7.45
N GLY A 198 4.84 32.74 -6.35
CA GLY A 198 6.06 31.97 -6.22
C GLY A 198 5.84 30.53 -6.65
N ARG A 199 5.70 30.30 -7.96
CA ARG A 199 5.32 29.00 -8.48
C ARG A 199 6.29 27.91 -8.01
N GLY A 200 5.74 26.76 -7.65
CA GLY A 200 6.54 25.62 -7.24
C GLY A 200 6.04 24.35 -7.88
N GLN A 201 6.92 23.34 -7.89
CA GLN A 201 6.61 22.03 -8.44
C GLN A 201 7.19 20.98 -7.49
N ILE A 202 6.41 19.94 -7.22
CA ILE A 202 6.83 18.89 -6.30
C ILE A 202 6.55 17.53 -6.91
N MET A 203 7.35 16.55 -6.49
CA MET A 203 7.21 15.16 -6.90
C MET A 203 6.79 14.32 -5.69
N LYS A 204 5.76 13.51 -5.87
CA LYS A 204 5.30 12.59 -4.83
C LYS A 204 5.82 11.21 -5.16
N VAL A 205 6.71 10.69 -4.32
CA VAL A 205 7.42 9.45 -4.59
C VAL A 205 7.15 8.44 -3.48
N ASP A 206 7.17 7.16 -3.85
CA ASP A 206 6.94 6.07 -2.90
C ASP A 206 8.30 5.57 -2.40
N ALA A 207 8.70 6.03 -1.22
CA ALA A 207 9.94 5.59 -0.58
C ALA A 207 9.73 5.58 0.92
N PRO A 208 8.99 4.59 1.43
CA PRO A 208 8.59 4.61 2.85
C PRO A 208 9.73 4.37 3.84
N TRP A 209 10.94 4.09 3.36
CA TRP A 209 12.07 3.98 4.28
C TRP A 209 12.64 5.33 4.69
N MET A 210 12.19 6.42 4.07
CA MET A 210 12.64 7.77 4.43
C MET A 210 11.86 8.22 5.66
N LYS A 211 12.56 8.37 6.79
CA LYS A 211 11.93 8.78 8.02
C LYS A 211 12.21 10.24 8.39
N HIS A 212 13.24 10.84 7.81
CA HIS A 212 13.62 12.21 8.11
C HIS A 212 13.37 13.11 6.91
N PHE A 213 13.14 14.40 7.18
CA PHE A 213 13.11 15.40 6.12
C PHE A 213 14.51 15.96 5.91
N ILE A 214 14.83 16.26 4.66
CA ILE A 214 16.15 16.79 4.31
C ILE A 214 15.93 18.03 3.45
N LEU A 215 16.23 19.20 4.02
CA LEU A 215 16.14 20.46 3.29
C LEU A 215 17.55 20.98 3.04
N THR A 216 17.84 21.30 1.78
CA THR A 216 19.11 21.91 1.41
C THR A 216 18.90 23.39 1.14
N HIS A 217 19.97 24.17 1.31
CA HIS A 217 19.87 25.62 1.19
C HIS A 217 21.06 26.17 0.42
N ASP A 218 20.79 27.17 -0.41
CA ASP A 218 21.80 27.88 -1.18
C ASP A 218 21.39 29.35 -1.28
N PRO A 219 22.16 30.26 -0.70
CA PRO A 219 21.80 31.69 -0.79
C PRO A 219 21.75 32.21 -2.21
N GLU A 220 22.54 31.64 -3.13
CA GLU A 220 22.51 32.10 -4.52
C GLU A 220 21.18 31.79 -5.19
N ARG A 221 20.66 30.58 -4.97
CA ARG A 221 19.45 30.15 -5.68
C ARG A 221 18.18 30.72 -5.09
N GLY A 222 18.22 31.25 -3.86
CA GLY A 222 17.01 31.63 -3.17
C GLY A 222 16.40 30.46 -2.42
N ILE A 223 15.52 30.79 -1.46
CA ILE A 223 14.96 29.76 -0.59
C ILE A 223 14.07 28.84 -1.40
N TYR A 224 14.11 27.54 -1.06
CA TYR A 224 13.31 26.49 -1.68
C TYR A 224 13.57 26.36 -3.18
N ASN A 225 14.67 26.93 -3.65
CA ASN A 225 15.21 26.62 -4.97
C ASN A 225 16.33 25.60 -4.89
N SER A 226 16.29 24.76 -3.85
CA SER A 226 17.29 23.75 -3.55
C SER A 226 16.56 22.46 -3.20
N PRO A 227 17.15 21.30 -3.50
CA PRO A 227 16.46 20.03 -3.28
C PRO A 227 16.00 19.87 -1.83
N TYR A 228 14.75 19.44 -1.67
CA TYR A 228 14.25 19.06 -0.36
C TYR A 228 13.43 17.79 -0.48
N ILE A 229 13.46 17.01 0.60
CA ILE A 229 12.80 15.69 0.66
C ILE A 229 11.97 15.66 1.94
N ILE A 230 10.65 15.57 1.78
CA ILE A 230 9.74 15.63 2.92
C ILE A 230 8.85 14.39 2.95
N PRO A 231 9.14 13.41 3.80
CA PRO A 231 8.30 12.21 3.86
C PRO A 231 6.93 12.53 4.46
N GLY A 232 5.87 12.13 3.74
CA GLY A 232 4.52 12.26 4.22
C GLY A 232 3.97 10.95 4.76
N THR A 233 2.66 10.95 4.99
CA THR A 233 2.02 9.77 5.55
C THR A 233 2.08 8.59 4.59
N GLN A 234 1.68 8.80 3.33
CA GLN A 234 1.64 7.73 2.35
C GLN A 234 2.68 7.89 1.25
N THR A 235 3.41 9.00 1.21
CA THR A 235 4.31 9.28 0.10
C THR A 235 5.43 10.19 0.59
N VAL A 236 6.41 10.39 -0.28
CA VAL A 236 7.55 11.27 0.00
C VAL A 236 7.55 12.39 -1.04
N THR A 237 7.55 13.64 -0.55
CA THR A 237 7.54 14.81 -1.43
C THR A 237 8.97 15.21 -1.78
N LEU A 238 9.20 15.40 -3.08
CA LEU A 238 10.47 15.90 -3.60
C LEU A 238 10.21 17.21 -4.31
N GLY A 239 10.90 18.27 -3.90
CA GLY A 239 10.70 19.58 -4.50
C GLY A 239 11.99 20.36 -4.68
N GLY A 240 11.88 21.68 -4.71
CA GLY A 240 13.05 22.51 -4.90
C GLY A 240 12.92 23.57 -5.98
N ILE A 241 11.71 23.94 -6.34
CA ILE A 241 11.45 24.97 -7.34
C ILE A 241 10.74 26.14 -6.69
N PHE A 242 11.27 27.34 -6.90
CA PHE A 242 10.67 28.60 -6.43
C PHE A 242 10.91 29.63 -7.52
N GLN A 243 9.90 29.82 -8.38
CA GLN A 243 10.01 30.69 -9.54
C GLN A 243 9.02 31.85 -9.41
N LEU A 244 9.54 33.05 -9.18
CA LEU A 244 8.68 34.23 -9.06
C LEU A 244 8.12 34.63 -10.42
N GLY A 245 6.82 34.90 -10.46
CA GLY A 245 6.20 35.50 -11.62
C GLY A 245 5.64 34.56 -12.66
N ASN A 246 5.74 33.25 -12.47
CA ASN A 246 5.23 32.29 -13.43
C ASN A 246 3.83 31.84 -13.00
N TRP A 247 2.86 32.01 -13.90
CA TRP A 247 1.48 31.62 -13.66
C TRP A 247 1.12 30.31 -14.34
N SER A 248 2.09 29.60 -14.89
CA SER A 248 1.82 28.35 -15.62
C SER A 248 1.53 27.24 -14.63
N GLU A 249 0.24 26.89 -14.49
CA GLU A 249 -0.16 25.75 -13.67
C GLU A 249 0.00 24.48 -14.50
N LEU A 250 1.26 24.15 -14.77
CA LEU A 250 1.59 23.02 -15.62
C LEU A 250 2.94 22.47 -15.18
N ASN A 251 3.01 21.15 -15.02
CA ASN A 251 4.27 20.52 -14.63
C ASN A 251 5.28 20.65 -15.77
N ASN A 252 6.48 21.10 -15.43
CA ASN A 252 7.53 21.34 -16.40
C ASN A 252 8.53 20.18 -16.38
N ILE A 253 9.03 19.83 -17.56
CA ILE A 253 9.97 18.70 -17.67
C ILE A 253 11.32 19.07 -17.08
N GLN A 254 11.81 20.29 -17.35
CA GLN A 254 13.08 20.71 -16.79
C GLN A 254 13.01 20.84 -15.27
N ASP A 255 11.89 21.38 -14.76
CA ASP A 255 11.70 21.42 -13.32
C ASP A 255 11.60 20.01 -12.74
N HIS A 256 11.02 19.08 -13.49
CA HIS A 256 11.01 17.68 -13.07
C HIS A 256 12.43 17.12 -12.98
N ASN A 257 13.23 17.36 -14.02
CA ASN A 257 14.61 16.87 -14.01
C ASN A 257 15.44 17.53 -12.92
N THR A 258 15.17 18.80 -12.62
CA THR A 258 15.89 19.48 -11.54
C THR A 258 15.57 18.85 -10.20
N ILE A 259 14.29 18.56 -9.94
CA ILE A 259 13.91 17.95 -8.67
C ILE A 259 14.50 16.56 -8.54
N TRP A 260 14.43 15.76 -9.62
CA TRP A 260 14.88 14.38 -9.53
C TRP A 260 16.38 14.29 -9.32
N GLU A 261 17.16 15.00 -10.15
CA GLU A 261 18.62 14.92 -10.03
C GLU A 261 19.10 15.49 -8.70
N GLY A 262 18.44 16.54 -8.21
CA GLY A 262 18.87 17.14 -6.95
C GLY A 262 18.62 16.23 -5.76
N CYS A 263 17.43 15.62 -5.71
CA CYS A 263 17.10 14.75 -4.59
C CYS A 263 17.81 13.40 -4.69
N CYS A 264 18.01 12.88 -5.90
CA CYS A 264 18.71 11.61 -6.06
C CYS A 264 20.18 11.74 -5.70
N ARG A 265 20.80 12.87 -6.06
CA ARG A 265 22.15 13.15 -5.61
C ARG A 265 22.19 13.32 -4.10
N LEU A 266 21.19 14.02 -3.55
CA LEU A 266 21.11 14.22 -2.10
C LEU A 266 20.80 12.92 -1.37
N GLU A 267 20.06 12.01 -2.00
CA GLU A 267 19.64 10.76 -1.38
C GLU A 267 19.67 9.67 -2.44
N PRO A 268 20.79 8.94 -2.56
CA PRO A 268 20.91 7.96 -3.63
C PRO A 268 19.92 6.80 -3.55
N THR A 269 19.30 6.56 -2.38
CA THR A 269 18.33 5.49 -2.29
C THR A 269 17.04 5.81 -3.05
N LEU A 270 16.83 7.08 -3.42
CA LEU A 270 15.66 7.46 -4.21
C LEU A 270 15.76 7.03 -5.67
N LYS A 271 16.87 6.41 -6.08
CA LYS A 271 17.05 6.05 -7.48
C LYS A 271 15.99 5.08 -7.97
N ASN A 272 15.51 4.20 -7.10
CA ASN A 272 14.54 3.16 -7.48
C ASN A 272 13.17 3.39 -6.85
N ALA A 273 12.89 4.61 -6.39
CA ALA A 273 11.59 4.91 -5.81
C ALA A 273 10.56 5.17 -6.90
N ARG A 274 9.37 4.61 -6.71
CA ARG A 274 8.30 4.79 -7.69
C ARG A 274 7.75 6.22 -7.62
N ILE A 275 7.62 6.85 -8.79
CA ILE A 275 7.02 8.17 -8.88
C ILE A 275 5.51 8.00 -8.94
N ILE A 276 4.80 8.60 -7.99
CA ILE A 276 3.36 8.43 -7.87
C ILE A 276 2.61 9.59 -8.51
N GLY A 277 3.09 10.82 -8.32
CA GLY A 277 2.42 11.98 -8.89
C GLY A 277 3.33 13.18 -8.92
N GLU A 278 2.84 14.23 -9.56
CA GLU A 278 3.55 15.50 -9.67
C GLU A 278 2.54 16.63 -9.71
N ARG A 279 2.83 17.70 -8.98
CA ARG A 279 1.89 18.80 -8.81
C ARG A 279 2.61 20.13 -8.95
N THR A 280 1.83 21.16 -9.27
CA THR A 280 2.34 22.53 -9.40
C THR A 280 1.43 23.46 -8.62
N GLY A 281 2.04 24.33 -7.80
CA GLY A 281 1.28 25.27 -7.00
C GLY A 281 1.94 26.63 -7.03
N PHE A 282 1.19 27.62 -6.54
CA PHE A 282 1.62 29.02 -6.52
C PHE A 282 1.65 29.52 -5.09
N ARG A 283 2.84 29.78 -4.57
CA ARG A 283 2.95 30.38 -3.24
C ARG A 283 2.55 31.85 -3.31
N PRO A 284 1.60 32.30 -2.48
CA PRO A 284 1.23 33.72 -2.48
C PRO A 284 2.32 34.58 -1.86
N VAL A 285 3.34 34.91 -2.65
CA VAL A 285 4.50 35.62 -2.14
C VAL A 285 4.13 37.08 -1.86
N ARG A 286 4.50 37.56 -0.68
CA ARG A 286 4.36 38.96 -0.30
C ARG A 286 5.46 39.29 0.69
N PRO A 287 5.94 40.53 0.71
CA PRO A 287 6.96 40.91 1.70
C PRO A 287 6.47 40.74 3.13
N GLN A 288 5.16 40.75 3.36
CA GLN A 288 4.57 40.47 4.65
C GLN A 288 3.11 40.10 4.41
N ILE A 289 2.58 39.28 5.32
CA ILE A 289 1.18 38.87 5.21
C ILE A 289 0.29 40.10 5.34
N ARG A 290 -0.72 40.19 4.48
CA ARG A 290 -1.73 41.24 4.61
C ARG A 290 -2.86 40.71 5.48
N LEU A 291 -2.76 40.96 6.78
CA LEU A 291 -3.75 40.56 7.76
C LEU A 291 -4.23 41.84 8.45
N GLU A 292 -5.29 42.43 7.91
CA GLU A 292 -5.74 43.74 8.35
C GLU A 292 -7.18 43.95 7.89
N ARG A 293 -7.86 44.87 8.56
CA ARG A 293 -9.21 45.26 8.18
C ARG A 293 -9.17 46.42 7.19
N GLU A 294 -10.23 46.53 6.40
CA GLU A 294 -10.34 47.61 5.42
C GLU A 294 -11.82 47.90 5.18
N GLN A 295 -12.25 49.11 5.53
CA GLN A 295 -13.59 49.59 5.19
C GLN A 295 -13.50 50.24 3.83
N LEU A 296 -14.09 49.61 2.82
CA LEU A 296 -14.04 50.10 1.45
C LEU A 296 -15.36 50.74 1.06
N ARG A 297 -15.30 51.56 0.00
CA ARG A 297 -16.37 52.50 -0.35
C ARG A 297 -17.25 51.90 -1.44
N THR A 298 -18.16 51.02 -1.03
CA THR A 298 -19.18 50.47 -1.91
C THR A 298 -20.56 50.82 -1.39
N GLY A 299 -21.48 51.12 -2.31
CA GLY A 299 -22.82 51.54 -1.95
C GLY A 299 -22.82 52.84 -1.16
N PRO A 300 -24.01 53.26 -0.71
CA PRO A 300 -24.08 54.43 0.17
C PRO A 300 -23.61 54.18 1.60
N SER A 301 -23.29 52.93 1.95
CA SER A 301 -22.81 52.61 3.28
C SER A 301 -21.81 51.45 3.17
N ASN A 302 -20.84 51.45 4.08
CA ASN A 302 -19.70 50.56 3.97
C ASN A 302 -20.08 49.11 4.31
N THR A 303 -19.33 48.19 3.70
CA THR A 303 -19.31 46.79 4.09
C THR A 303 -17.85 46.42 4.35
N GLU A 304 -17.55 46.04 5.58
CA GLU A 304 -16.16 45.92 6.02
C GLU A 304 -15.55 44.59 5.61
N VAL A 305 -14.24 44.62 5.33
CA VAL A 305 -13.50 43.48 4.79
C VAL A 305 -12.31 43.18 5.70
N ILE A 306 -12.03 41.89 5.87
CA ILE A 306 -10.83 41.43 6.55
C ILE A 306 -9.99 40.65 5.55
N HIS A 307 -8.76 41.10 5.33
CA HIS A 307 -7.85 40.46 4.38
C HIS A 307 -6.97 39.46 5.11
N ASN A 308 -6.82 38.26 4.54
CA ASN A 308 -5.90 37.24 5.06
C ASN A 308 -5.29 36.52 3.86
N TYR A 309 -4.16 37.01 3.37
CA TYR A 309 -3.47 36.38 2.25
C TYR A 309 -2.02 36.86 2.24
N GLY A 310 -1.22 36.21 1.40
CA GLY A 310 0.18 36.54 1.30
C GLY A 310 1.10 35.73 2.18
N HIS A 311 0.76 34.47 2.45
CA HIS A 311 1.53 33.64 3.35
C HIS A 311 2.70 32.93 2.68
N GLY A 312 2.83 33.05 1.36
CA GLY A 312 4.00 32.52 0.69
C GLY A 312 4.14 31.02 0.86
N GLY A 313 5.35 30.59 1.24
CA GLY A 313 5.64 29.19 1.42
C GLY A 313 5.63 28.74 2.86
N TYR A 314 4.83 29.42 3.70
CA TYR A 314 4.68 29.03 5.10
C TYR A 314 3.23 29.15 5.56
N GLY A 315 2.27 28.92 4.66
CA GLY A 315 0.88 29.07 5.03
C GLY A 315 0.45 28.10 6.11
N LEU A 316 0.70 26.80 5.88
CA LEU A 316 0.37 25.80 6.90
C LEU A 316 1.18 26.01 8.18
N THR A 317 2.37 26.60 8.06
CA THR A 317 3.19 26.88 9.22
C THR A 317 2.59 27.97 10.11
N ILE A 318 1.81 28.88 9.52
CA ILE A 318 1.36 30.09 10.19
C ILE A 318 -0.16 30.22 10.21
N HIS A 319 -0.89 29.24 9.69
CA HIS A 319 -2.33 29.42 9.44
C HIS A 319 -3.11 29.68 10.72
N TRP A 320 -2.75 29.00 11.82
CA TRP A 320 -3.57 29.11 13.03
C TRP A 320 -3.40 30.47 13.70
N GLY A 321 -2.17 30.98 13.76
CA GLY A 321 -1.96 32.31 14.29
C GLY A 321 -2.73 33.38 13.52
N CYS A 322 -2.75 33.25 12.18
CA CYS A 322 -3.51 34.18 11.36
C CYS A 322 -5.01 34.00 11.54
N ALA A 323 -5.45 32.78 11.83
CA ALA A 323 -6.88 32.54 12.04
C ALA A 323 -7.35 33.18 13.35
N LEU A 324 -6.56 33.04 14.42
CA LEU A 324 -6.90 33.69 15.69
C LEU A 324 -6.90 35.20 15.55
N GLU A 325 -5.91 35.75 14.83
CA GLU A 325 -5.81 37.19 14.67
C GLU A 325 -6.97 37.73 13.83
N ALA A 326 -7.33 37.03 12.76
CA ALA A 326 -8.47 37.44 11.95
C ALA A 326 -9.77 37.38 12.76
N ALA A 327 -9.82 36.50 13.77
CA ALA A 327 -10.99 36.44 14.63
C ALA A 327 -11.04 37.64 15.59
N LYS A 328 -9.87 38.14 16.00
CA LYS A 328 -9.84 39.31 16.87
C LYS A 328 -10.35 40.54 16.14
N LEU A 329 -9.85 40.79 14.92
CA LEU A 329 -10.33 41.91 14.13
C LEU A 329 -11.81 41.76 13.79
N PHE A 330 -12.31 40.53 13.74
CA PHE A 330 -13.75 40.32 13.60
C PHE A 330 -14.48 40.72 14.87
N GLY A 331 -13.85 40.53 16.03
CA GLY A 331 -14.47 40.96 17.28
C GLY A 331 -14.55 42.46 17.42
N ARG A 332 -13.53 43.17 16.94
CA ARG A 332 -13.57 44.63 16.98
C ARG A 332 -14.66 45.18 16.07
N ILE A 333 -14.96 44.49 14.96
CA ILE A 333 -16.10 44.87 14.14
C ILE A 333 -17.39 44.78 14.94
N LEU A 334 -17.49 43.75 15.80
CA LEU A 334 -18.66 43.62 16.65
C LEU A 334 -18.75 44.76 17.67
N GLU A 335 -17.61 45.26 18.14
CA GLU A 335 -17.63 46.38 19.07
C GLU A 335 -18.05 47.67 18.37
N GLU A 336 -17.54 47.91 17.16
CA GLU A 336 -17.84 49.15 16.46
C GLU A 336 -19.30 49.22 16.03
N LYS A 337 -19.92 48.07 15.79
CA LYS A 337 -21.35 48.02 15.46
C LYS A 337 -22.22 47.85 16.71
N LYS A 338 -21.62 47.83 17.90
CA LYS A 338 -22.34 47.70 19.16
C LYS A 338 -23.21 46.45 19.16
N LEU A 339 -22.55 45.30 19.03
CA LEU A 339 -23.21 44.00 18.96
C LEU A 339 -22.78 43.07 20.10
N SER A 340 -21.96 43.56 21.02
CA SER A 340 -21.49 42.72 22.12
C SER A 340 -21.60 43.44 23.46
N MET B 1 39.27 -27.99 1.79
CA MET B 1 38.67 -27.42 2.99
C MET B 1 37.16 -27.29 2.84
N ARG B 2 36.42 -28.21 3.44
CA ARG B 2 34.97 -28.21 3.41
C ARG B 2 34.46 -27.57 4.69
N VAL B 3 33.69 -26.49 4.55
CA VAL B 3 33.13 -25.76 5.68
C VAL B 3 31.62 -25.92 5.65
N VAL B 4 31.04 -26.23 6.80
CA VAL B 4 29.60 -26.38 6.95
C VAL B 4 29.12 -25.39 8.01
N VAL B 5 28.30 -24.44 7.59
CA VAL B 5 27.69 -23.46 8.50
C VAL B 5 26.29 -23.94 8.83
N ILE B 6 26.01 -24.12 10.12
CA ILE B 6 24.71 -24.57 10.58
C ILE B 6 23.91 -23.35 11.02
N GLY B 7 22.85 -23.03 10.29
CA GLY B 7 22.02 -21.88 10.64
C GLY B 7 21.91 -20.92 9.47
N ALA B 8 20.68 -20.49 9.20
CA ALA B 8 20.40 -19.53 8.14
C ALA B 8 19.88 -18.20 8.68
N GLY B 9 20.07 -17.94 9.97
CA GLY B 9 19.74 -16.66 10.53
C GLY B 9 20.78 -15.61 10.15
N VAL B 10 20.61 -14.42 10.73
CA VAL B 10 21.56 -13.33 10.47
C VAL B 10 22.96 -13.75 10.89
N ILE B 11 23.07 -14.60 11.92
CA ILE B 11 24.38 -15.01 12.42
C ILE B 11 25.04 -15.98 11.44
N GLY B 12 24.31 -17.00 11.01
CA GLY B 12 24.90 -17.98 10.12
C GLY B 12 25.22 -17.44 8.74
N LEU B 13 24.31 -16.63 8.19
CA LEU B 13 24.50 -16.14 6.82
C LEU B 13 25.62 -15.10 6.76
N SER B 14 25.63 -14.16 7.70
CA SER B 14 26.69 -13.15 7.70
C SER B 14 28.05 -13.78 8.00
N THR B 15 28.08 -14.81 8.85
CA THR B 15 29.35 -15.50 9.11
C THR B 15 29.84 -16.24 7.86
N ALA B 16 28.93 -16.92 7.15
CA ALA B 16 29.31 -17.61 5.93
C ALA B 16 29.81 -16.64 4.88
N LEU B 17 29.11 -15.51 4.71
CA LEU B 17 29.55 -14.52 3.72
C LEU B 17 30.88 -13.90 4.13
N CYS B 18 31.03 -13.56 5.40
CA CYS B 18 32.28 -12.93 5.86
C CYS B 18 33.45 -13.89 5.78
N ILE B 19 33.21 -15.19 5.97
CA ILE B 19 34.30 -16.16 5.84
C ILE B 19 34.70 -16.34 4.39
N HIS B 20 33.72 -16.41 3.50
CA HIS B 20 34.02 -16.57 2.07
C HIS B 20 34.72 -15.35 1.52
N GLU B 21 34.25 -14.15 1.86
CA GLU B 21 34.81 -12.94 1.30
C GLU B 21 36.26 -12.72 1.75
N ARG B 22 36.62 -13.19 2.93
CA ARG B 22 37.97 -13.02 3.44
C ARG B 22 38.87 -14.21 3.14
N TYR B 23 38.33 -15.33 2.65
CA TYR B 23 39.16 -16.51 2.48
C TYR B 23 38.88 -17.27 1.19
N HIS B 24 38.24 -16.64 0.20
CA HIS B 24 38.03 -17.32 -1.07
C HIS B 24 39.33 -17.47 -1.86
N SER B 25 40.19 -16.45 -1.82
CA SER B 25 41.41 -16.46 -2.61
C SER B 25 42.54 -17.25 -1.95
N VAL B 26 42.57 -17.31 -0.61
CA VAL B 26 43.63 -18.02 0.08
C VAL B 26 43.38 -19.52 0.13
N LEU B 27 42.24 -19.99 -0.36
CA LEU B 27 41.90 -21.41 -0.27
C LEU B 27 40.93 -21.74 -1.40
N GLN B 28 41.44 -22.44 -2.42
CA GLN B 28 40.60 -22.72 -3.57
C GLN B 28 39.66 -23.90 -3.32
N PRO B 29 40.14 -25.01 -2.71
CA PRO B 29 39.17 -26.02 -2.25
C PRO B 29 38.41 -25.52 -1.03
N LEU B 30 37.63 -24.45 -1.19
CA LEU B 30 36.81 -23.88 -0.12
C LEU B 30 35.35 -24.05 -0.52
N ASP B 31 34.77 -25.19 -0.14
CA ASP B 31 33.37 -25.49 -0.40
C ASP B 31 32.58 -25.20 0.87
N ILE B 32 31.82 -24.11 0.87
CA ILE B 32 31.01 -23.70 2.00
C ILE B 32 29.57 -24.13 1.75
N LYS B 33 28.99 -24.84 2.71
CA LYS B 33 27.60 -25.28 2.63
C LYS B 33 26.87 -24.81 3.88
N VAL B 34 25.60 -24.46 3.72
CA VAL B 34 24.78 -23.97 4.81
C VAL B 34 23.69 -25.00 5.07
N TYR B 35 23.72 -25.61 6.26
CA TYR B 35 22.68 -26.51 6.73
C TYR B 35 21.78 -25.75 7.70
N ALA B 36 20.48 -25.76 7.45
CA ALA B 36 19.55 -25.05 8.31
C ALA B 36 18.21 -25.76 8.31
N ASP B 37 17.54 -25.75 9.46
CA ASP B 37 16.21 -26.33 9.57
C ASP B 37 15.14 -25.40 9.02
N ARG B 38 15.23 -24.11 9.35
CA ARG B 38 14.30 -23.10 8.86
C ARG B 38 15.06 -22.00 8.14
N PHE B 39 14.42 -21.42 7.13
CA PHE B 39 14.95 -20.29 6.38
C PHE B 39 13.98 -19.12 6.48
N THR B 40 14.35 -18.00 5.87
CA THR B 40 13.47 -16.85 5.86
C THR B 40 12.21 -17.18 5.07
N PRO B 41 11.03 -16.70 5.51
CA PRO B 41 10.82 -15.85 6.68
C PRO B 41 10.39 -16.62 7.94
N LEU B 42 11.09 -17.70 8.28
CA LEU B 42 10.70 -18.55 9.41
C LEU B 42 11.81 -18.65 10.45
N THR B 43 12.68 -17.65 10.55
CA THR B 43 13.73 -17.62 11.57
C THR B 43 13.45 -16.51 12.58
N THR B 44 14.19 -16.56 13.69
CA THR B 44 14.05 -15.54 14.72
C THR B 44 14.43 -14.16 14.20
N THR B 45 15.38 -14.11 13.26
CA THR B 45 15.78 -12.83 12.67
C THR B 45 14.63 -12.16 11.95
N ASP B 46 13.74 -12.94 11.33
CA ASP B 46 12.61 -12.37 10.62
C ASP B 46 11.63 -11.70 11.56
N VAL B 47 11.52 -12.17 12.80
CA VAL B 47 10.59 -11.58 13.76
C VAL B 47 11.12 -10.24 14.26
N ALA B 48 12.44 -10.08 14.32
CA ALA B 48 13.03 -8.86 14.87
C ALA B 48 12.65 -7.64 14.05
N ALA B 49 12.42 -6.52 14.73
CA ALA B 49 12.17 -5.27 14.03
C ALA B 49 13.41 -4.78 13.28
N GLY B 50 14.59 -5.05 13.81
CA GLY B 50 15.83 -4.69 13.15
C GLY B 50 16.52 -3.45 13.67
N LEU B 51 16.07 -2.89 14.78
CA LEU B 51 16.67 -1.67 15.30
C LEU B 51 18.05 -1.96 15.90
N TRP B 52 18.98 -1.04 15.66
CA TRP B 52 20.31 -1.12 16.26
C TRP B 52 20.26 -0.49 17.64
N GLN B 53 20.28 -1.32 18.68
CA GLN B 53 20.46 -0.84 20.04
C GLN B 53 20.91 -1.99 20.94
N PRO B 54 22.07 -1.89 21.56
CA PRO B 54 22.49 -2.91 22.54
C PRO B 54 21.73 -2.73 23.85
N TYR B 55 22.00 -3.63 24.78
CA TYR B 55 21.41 -3.51 26.11
C TYR B 55 21.92 -2.25 26.81
N LEU B 56 21.14 -1.76 27.77
CA LEU B 56 21.52 -0.54 28.46
C LEU B 56 22.73 -0.75 29.36
N SER B 57 22.82 -1.92 30.00
CA SER B 57 23.97 -2.23 30.83
C SER B 57 25.13 -2.73 29.97
N ASP B 58 26.34 -2.55 30.49
CA ASP B 58 27.53 -2.95 29.74
C ASP B 58 27.58 -4.47 29.62
N PRO B 59 28.12 -4.98 28.51
CA PRO B 59 27.72 -6.32 28.04
C PRO B 59 28.39 -7.51 28.70
N ASN B 60 29.04 -7.34 29.85
CA ASN B 60 29.74 -8.41 30.57
C ASN B 60 30.97 -8.90 29.80
N ASN B 61 31.19 -8.40 28.60
CA ASN B 61 32.40 -8.69 27.83
C ASN B 61 32.63 -7.48 26.95
N PRO B 62 33.57 -6.60 27.32
CA PRO B 62 33.76 -5.35 26.57
C PRO B 62 34.08 -5.56 25.10
N GLN B 63 34.42 -6.78 24.68
CA GLN B 63 34.60 -7.06 23.27
C GLN B 63 33.27 -7.01 22.51
N GLU B 64 32.16 -7.33 23.19
CA GLU B 64 30.85 -7.23 22.55
C GLU B 64 30.48 -5.79 22.23
N ALA B 65 30.95 -4.84 23.04
CA ALA B 65 30.68 -3.43 22.73
C ALA B 65 31.35 -3.01 21.44
N ASP B 66 32.55 -3.55 21.18
CA ASP B 66 33.23 -3.26 19.92
C ASP B 66 32.50 -3.91 18.74
N TRP B 67 32.10 -5.18 18.89
CA TRP B 67 31.38 -5.86 17.83
C TRP B 67 30.11 -5.11 17.46
N SER B 68 29.43 -4.52 18.45
CA SER B 68 28.26 -3.70 18.15
C SER B 68 28.64 -2.45 17.38
N GLN B 69 29.76 -1.81 17.74
CA GLN B 69 30.12 -0.55 17.12
C GLN B 69 30.56 -0.75 15.67
N GLN B 70 31.40 -1.75 15.42
CA GLN B 70 31.86 -1.99 14.05
C GLN B 70 30.73 -2.48 13.15
N THR B 71 29.68 -3.07 13.72
CA THR B 71 28.48 -3.36 12.94
C THR B 71 27.75 -2.08 12.56
N PHE B 72 27.65 -1.14 13.50
CA PHE B 72 27.01 0.14 13.21
C PHE B 72 27.79 0.91 12.16
N ASP B 73 29.11 1.05 12.34
CA ASP B 73 29.93 1.78 11.38
C ASP B 73 29.84 1.15 10.00
N TYR B 74 29.77 -0.18 9.94
CA TYR B 74 29.68 -0.86 8.66
C TYR B 74 28.33 -0.59 7.99
N LEU B 75 27.24 -0.69 8.76
CA LEU B 75 25.92 -0.44 8.20
C LEU B 75 25.75 1.02 7.80
N LEU B 76 26.24 1.95 8.64
CA LEU B 76 26.14 3.36 8.30
C LEU B 76 26.93 3.70 7.04
N SER B 77 28.06 3.01 6.81
CA SER B 77 28.87 3.23 5.62
C SER B 77 28.12 2.87 4.33
N HIS B 78 26.99 2.17 4.43
CA HIS B 78 26.21 1.78 3.25
C HIS B 78 24.75 2.21 3.36
N VAL B 79 24.42 3.10 4.30
CA VAL B 79 23.03 3.51 4.46
C VAL B 79 22.58 4.43 3.33
N HIS B 80 23.51 5.12 2.67
CA HIS B 80 23.19 5.93 1.50
C HIS B 80 23.62 5.25 0.21
N SER B 81 24.14 4.03 0.27
CA SER B 81 24.39 3.26 -0.93
C SER B 81 23.05 2.91 -1.61
N PRO B 82 23.03 2.84 -2.94
CA PRO B 82 21.76 2.59 -3.63
C PRO B 82 21.15 1.23 -3.35
N ASN B 83 21.93 0.29 -2.80
CA ASN B 83 21.42 -1.04 -2.47
C ASN B 83 20.85 -1.13 -1.06
N ALA B 84 20.82 -0.03 -0.32
CA ALA B 84 20.31 -0.05 1.05
C ALA B 84 18.85 -0.50 1.10
N GLU B 85 18.07 -0.16 0.07
CA GLU B 85 16.69 -0.63 0.00
C GLU B 85 16.62 -2.15 -0.06
N ASN B 86 17.59 -2.79 -0.72
CA ASN B 86 17.60 -4.24 -0.81
C ASN B 86 18.00 -4.87 0.51
N LEU B 87 18.93 -4.25 1.25
CA LEU B 87 19.30 -4.77 2.55
C LEU B 87 18.23 -4.52 3.60
N GLY B 88 17.31 -3.61 3.34
CA GLY B 88 16.34 -3.21 4.36
C GLY B 88 16.93 -2.30 5.40
N LEU B 89 17.82 -1.40 5.00
CA LEU B 89 18.56 -0.54 5.91
C LEU B 89 18.18 0.92 5.68
N PHE B 90 17.98 1.66 6.77
CA PHE B 90 17.65 3.07 6.69
C PHE B 90 17.86 3.71 8.06
N LEU B 91 17.99 5.03 8.05
CA LEU B 91 18.16 5.80 9.27
C LEU B 91 16.84 5.99 10.00
N ILE B 92 16.91 6.08 11.32
CA ILE B 92 15.72 6.37 12.12
C ILE B 92 16.17 6.98 13.45
N SER B 93 15.44 8.00 13.88
CA SER B 93 15.63 8.62 15.18
C SER B 93 14.44 8.30 16.06
N GLY B 94 14.65 8.38 17.37
CA GLY B 94 13.56 8.05 18.29
C GLY B 94 13.95 8.30 19.73
N TYR B 95 13.01 7.94 20.60
CA TYR B 95 13.10 8.21 22.03
C TYR B 95 13.34 6.93 22.82
N ASN B 96 13.90 7.10 24.00
CA ASN B 96 14.07 6.02 24.98
C ASN B 96 13.64 6.58 26.33
N LEU B 97 12.43 6.21 26.77
CA LEU B 97 11.81 6.82 27.94
C LEU B 97 12.09 6.01 29.21
N PHE B 98 12.17 6.71 30.34
CA PHE B 98 12.38 6.11 31.64
C PHE B 98 11.50 6.80 32.67
N HIS B 99 11.29 6.12 33.80
CA HIS B 99 10.63 6.73 34.94
C HIS B 99 11.59 7.48 35.85
N GLU B 100 12.85 7.06 35.88
CA GLU B 100 13.86 7.66 36.73
C GLU B 100 15.14 7.82 35.93
N ALA B 101 15.93 8.85 36.29
CA ALA B 101 17.17 9.13 35.59
C ALA B 101 18.15 7.96 35.71
N ILE B 102 18.72 7.57 34.58
CA ILE B 102 19.70 6.48 34.54
C ILE B 102 20.96 6.98 33.84
N PRO B 103 22.09 6.34 34.07
CA PRO B 103 23.34 6.79 33.43
C PRO B 103 23.32 6.57 31.92
N ASP B 104 24.17 7.34 31.25
CA ASP B 104 24.27 7.26 29.80
C ASP B 104 24.77 5.88 29.38
N PRO B 105 24.40 5.42 28.19
CA PRO B 105 24.85 4.10 27.73
C PRO B 105 26.29 4.15 27.24
N SER B 106 26.88 2.96 27.13
CA SER B 106 28.24 2.84 26.62
C SER B 106 28.33 3.09 25.11
N TRP B 107 27.19 3.07 24.41
CA TRP B 107 27.15 3.27 22.96
C TRP B 107 26.64 4.66 22.58
N LYS B 108 26.74 5.64 23.49
CA LYS B 108 26.22 6.97 23.19
C LYS B 108 27.01 7.65 22.07
N ASP B 109 28.31 7.37 21.96
CA ASP B 109 29.12 7.95 20.91
C ASP B 109 29.13 7.12 19.64
N THR B 110 28.67 5.87 19.69
CA THR B 110 28.44 5.11 18.46
C THR B 110 27.27 5.68 17.68
N VAL B 111 26.25 6.14 18.39
CA VAL B 111 25.02 6.64 17.79
C VAL B 111 25.23 8.09 17.35
N LEU B 112 24.51 8.49 16.30
CA LEU B 112 24.58 9.86 15.80
C LEU B 112 23.72 10.78 16.66
N GLY B 113 24.32 11.88 17.13
CA GLY B 113 23.57 12.93 17.79
C GLY B 113 22.86 12.52 19.06
N PHE B 114 23.53 11.74 19.92
CA PHE B 114 22.92 11.34 21.19
C PHE B 114 22.77 12.56 22.10
N ARG B 115 21.64 12.62 22.79
CA ARG B 115 21.36 13.72 23.71
C ARG B 115 20.25 13.30 24.65
N LYS B 116 20.10 14.07 25.73
CA LYS B 116 19.01 13.85 26.67
C LYS B 116 17.79 14.68 26.26
N LEU B 117 16.63 14.22 26.69
CA LEU B 117 15.36 14.80 26.24
C LEU B 117 15.07 16.11 26.97
N THR B 118 14.54 17.08 26.22
CA THR B 118 14.14 18.36 26.78
C THR B 118 12.75 18.25 27.43
N PRO B 119 12.39 19.19 28.30
CA PRO B 119 11.09 19.10 28.99
C PRO B 119 9.90 19.05 28.03
N ARG B 120 9.91 19.86 26.97
CA ARG B 120 8.78 19.87 26.05
C ARG B 120 8.60 18.52 25.36
N GLU B 121 9.70 17.79 25.13
CA GLU B 121 9.58 16.47 24.54
C GLU B 121 9.01 15.47 25.54
N LEU B 122 9.41 15.58 26.82
CA LEU B 122 8.89 14.67 27.84
C LEU B 122 7.42 14.91 28.13
N ASP B 123 6.90 16.11 27.87
CA ASP B 123 5.49 16.38 28.12
C ASP B 123 4.58 15.59 27.18
N MET B 124 5.09 15.15 26.03
CA MET B 124 4.32 14.28 25.15
C MET B 124 4.15 12.88 25.71
N PHE B 125 4.90 12.53 26.76
CA PHE B 125 4.82 11.21 27.40
C PHE B 125 4.65 11.42 28.89
N PRO B 126 3.40 11.52 29.35
CA PRO B 126 3.17 11.85 30.78
C PRO B 126 3.68 10.79 31.74
N ASP B 127 3.67 9.51 31.36
CA ASP B 127 4.07 8.44 32.26
C ASP B 127 5.57 8.36 32.47
N TYR B 128 6.36 9.19 31.79
CA TYR B 128 7.81 9.11 31.87
C TYR B 128 8.39 10.51 32.07
N GLY B 129 9.47 10.59 32.83
CA GLY B 129 10.05 11.88 33.18
C GLY B 129 11.54 12.00 32.92
N TYR B 130 12.09 11.09 32.12
CA TYR B 130 13.49 11.13 31.74
C TYR B 130 13.67 10.28 30.51
N GLY B 131 14.68 10.59 29.72
CA GLY B 131 14.94 9.77 28.54
C GLY B 131 15.97 10.37 27.62
N TRP B 132 16.19 9.65 26.52
CA TRP B 132 17.16 10.00 25.50
C TRP B 132 16.46 10.32 24.18
N PHE B 133 17.21 10.96 23.29
CA PHE B 133 16.86 11.07 21.88
C PHE B 133 18.13 10.84 21.09
N HIS B 134 18.02 10.05 20.02
CA HIS B 134 19.21 9.68 19.27
C HIS B 134 18.79 9.15 17.91
N THR B 135 19.74 9.18 16.98
CA THR B 135 19.53 8.70 15.61
C THR B 135 20.28 7.39 15.43
N SER B 136 19.56 6.36 14.99
CA SER B 136 20.14 5.04 14.81
C SER B 136 19.73 4.47 13.45
N LEU B 137 19.94 3.17 13.27
CA LEU B 137 19.62 2.51 12.01
C LEU B 137 18.75 1.28 12.26
N ILE B 138 18.01 0.89 11.24
CA ILE B 138 17.16 -0.29 11.27
C ILE B 138 17.56 -1.20 10.11
N LEU B 139 17.83 -2.47 10.43
CA LEU B 139 18.17 -3.48 9.43
C LEU B 139 17.10 -4.57 9.50
N GLU B 140 16.10 -4.46 8.62
CA GLU B 140 14.98 -5.40 8.65
C GLU B 140 15.44 -6.79 8.22
N GLY B 141 15.10 -7.79 9.02
CA GLY B 141 15.66 -9.12 8.82
C GLY B 141 15.21 -9.78 7.52
N LYS B 142 13.95 -9.59 7.14
CA LYS B 142 13.44 -10.23 5.93
C LYS B 142 14.24 -9.80 4.71
N ASN B 143 14.50 -8.50 4.57
CA ASN B 143 15.27 -8.02 3.42
C ASN B 143 16.74 -8.37 3.55
N TYR B 144 17.30 -8.25 4.75
CA TYR B 144 18.73 -8.49 4.93
C TYR B 144 19.07 -9.96 4.74
N LEU B 145 18.23 -10.87 5.22
CA LEU B 145 18.51 -12.29 5.07
C LEU B 145 18.45 -12.71 3.60
N GLN B 146 17.46 -12.22 2.86
CA GLN B 146 17.39 -12.54 1.43
C GLN B 146 18.53 -11.90 0.65
N TRP B 147 19.00 -10.73 1.09
CA TRP B 147 20.16 -10.12 0.47
C TRP B 147 21.41 -10.96 0.69
N LEU B 148 21.62 -11.44 1.92
CA LEU B 148 22.74 -12.32 2.19
C LEU B 148 22.62 -13.63 1.40
N THR B 149 21.40 -14.15 1.28
CA THR B 149 21.20 -15.41 0.57
C THR B 149 21.61 -15.30 -0.88
N GLU B 150 21.19 -14.22 -1.55
CA GLU B 150 21.52 -14.06 -2.97
C GLU B 150 23.03 -13.85 -3.16
N ARG B 151 23.67 -13.12 -2.25
CA ARG B 151 25.11 -12.89 -2.39
C ARG B 151 25.89 -14.16 -2.10
N LEU B 152 25.44 -14.97 -1.14
CA LEU B 152 26.06 -16.27 -0.90
C LEU B 152 25.84 -17.20 -2.09
N THR B 153 24.69 -17.09 -2.75
CA THR B 153 24.45 -17.90 -3.95
C THR B 153 25.35 -17.46 -5.10
N GLU B 154 25.60 -16.14 -5.21
CA GLU B 154 26.53 -15.65 -6.22
C GLU B 154 27.92 -16.23 -6.02
N ARG B 155 28.32 -16.47 -4.76
CA ARG B 155 29.63 -17.01 -4.44
C ARG B 155 29.65 -18.53 -4.36
N GLY B 156 28.63 -19.19 -4.88
CA GLY B 156 28.62 -20.64 -4.96
C GLY B 156 28.49 -21.36 -3.64
N VAL B 157 27.74 -20.79 -2.69
CA VAL B 157 27.49 -21.41 -1.40
C VAL B 157 26.14 -22.11 -1.48
N LYS B 158 26.16 -23.44 -1.50
CA LYS B 158 24.93 -24.20 -1.61
C LYS B 158 24.18 -24.23 -0.28
N PHE B 159 22.85 -24.29 -0.38
CA PHE B 159 21.97 -24.30 0.78
C PHE B 159 21.23 -25.64 0.84
N PHE B 160 21.04 -26.14 2.05
CA PHE B 160 20.35 -27.41 2.26
C PHE B 160 19.45 -27.31 3.47
N GLN B 161 18.18 -27.67 3.29
CA GLN B 161 17.21 -27.64 4.39
C GLN B 161 17.24 -28.99 5.09
N ARG B 162 17.82 -29.02 6.29
CA ARG B 162 17.85 -30.23 7.10
C ARG B 162 18.17 -29.86 8.53
N LYS B 163 17.66 -30.66 9.46
CA LYS B 163 17.93 -30.48 10.88
C LYS B 163 19.11 -31.36 11.27
N VAL B 164 20.16 -30.74 11.77
CA VAL B 164 21.36 -31.47 12.17
C VAL B 164 21.14 -32.09 13.55
N GLU B 165 21.38 -33.40 13.65
CA GLU B 165 21.18 -34.11 14.90
C GLU B 165 22.39 -34.03 15.83
N SER B 166 23.60 -33.94 15.28
CA SER B 166 24.81 -33.90 16.09
C SER B 166 25.95 -33.36 15.25
N PHE B 167 26.97 -32.83 15.94
CA PHE B 167 28.17 -32.37 15.25
C PHE B 167 28.88 -33.53 14.57
N GLU B 168 28.84 -34.71 15.19
CA GLU B 168 29.53 -35.88 14.64
C GLU B 168 28.96 -36.28 13.28
N GLU B 169 27.64 -36.16 13.10
CA GLU B 169 27.04 -36.53 11.83
C GLU B 169 27.50 -35.61 10.70
N VAL B 170 27.76 -34.34 11.00
CA VAL B 170 28.32 -33.45 10.00
C VAL B 170 29.81 -33.71 9.82
N ALA B 171 30.52 -33.98 10.91
CA ALA B 171 31.94 -34.29 10.83
C ALA B 171 32.19 -35.57 10.06
N ARG B 172 31.40 -36.61 10.35
CA ARG B 172 31.60 -37.90 9.69
C ARG B 172 31.26 -37.84 8.20
N GLU B 173 30.50 -36.84 7.76
CA GLU B 173 30.19 -36.68 6.35
C GLU B 173 31.27 -35.92 5.59
N GLY B 174 32.35 -35.51 6.25
CA GLY B 174 33.48 -34.90 5.58
C GLY B 174 33.77 -33.45 5.95
N ALA B 175 33.03 -32.85 6.88
CA ALA B 175 33.26 -31.44 7.23
C ALA B 175 34.57 -31.28 7.99
N ASP B 176 35.30 -30.22 7.67
CA ASP B 176 36.55 -29.87 8.34
C ASP B 176 36.37 -28.80 9.40
N VAL B 177 35.50 -27.82 9.15
CA VAL B 177 35.19 -26.78 10.11
C VAL B 177 33.67 -26.64 10.16
N ILE B 178 33.11 -26.74 11.35
CA ILE B 178 31.68 -26.63 11.57
C ILE B 178 31.43 -25.31 12.30
N VAL B 179 30.65 -24.44 11.68
CA VAL B 179 30.30 -23.14 12.26
C VAL B 179 28.93 -23.28 12.90
N ASN B 180 28.89 -23.21 14.23
CA ASN B 180 27.66 -23.42 14.99
C ASN B 180 26.95 -22.08 15.18
N CYS B 181 25.91 -21.85 14.39
CA CYS B 181 25.10 -20.65 14.45
C CYS B 181 23.63 -21.02 14.62
N THR B 182 23.38 -21.94 15.56
CA THR B 182 22.06 -22.51 15.75
C THR B 182 21.16 -21.67 16.66
N GLY B 183 21.66 -20.55 17.19
CA GLY B 183 20.82 -19.66 17.96
C GLY B 183 20.33 -20.30 19.24
N VAL B 184 19.04 -20.10 19.54
CA VAL B 184 18.47 -20.57 20.79
C VAL B 184 18.39 -22.10 20.84
N TRP B 185 18.42 -22.77 19.69
CA TRP B 185 18.36 -24.22 19.63
C TRP B 185 19.74 -24.87 19.68
N ALA B 186 20.74 -24.15 20.21
CA ALA B 186 22.11 -24.67 20.20
C ALA B 186 22.30 -25.78 21.22
N GLY B 187 21.53 -25.76 22.31
CA GLY B 187 21.67 -26.79 23.33
C GLY B 187 21.37 -28.20 22.83
N ALA B 188 20.58 -28.32 21.76
CA ALA B 188 20.25 -29.63 21.21
C ALA B 188 21.45 -30.31 20.57
N LEU B 189 22.50 -29.55 20.24
CA LEU B 189 23.73 -30.12 19.71
C LEU B 189 24.82 -30.25 20.77
N GLN B 190 24.77 -29.42 21.80
CA GLN B 190 25.70 -29.52 22.93
C GLN B 190 25.06 -28.80 24.11
N ARG B 191 24.80 -29.53 25.19
CA ARG B 191 24.08 -28.97 26.33
C ARG B 191 24.80 -27.74 26.87
N ASP B 192 24.05 -26.65 27.01
CA ASP B 192 24.58 -25.40 27.54
C ASP B 192 23.56 -24.85 28.53
N PRO B 193 23.81 -24.99 29.84
CA PRO B 193 22.84 -24.47 30.83
C PRO B 193 22.74 -22.96 30.87
N LEU B 194 23.68 -22.24 30.24
CA LEU B 194 23.61 -20.78 30.24
C LEU B 194 22.69 -20.25 29.16
N LEU B 195 22.40 -21.04 28.13
CA LEU B 195 21.54 -20.60 27.02
C LEU B 195 20.10 -20.95 27.33
N GLN B 196 19.21 -19.97 27.17
CA GLN B 196 17.79 -20.16 27.45
C GLN B 196 16.99 -19.24 26.54
N PRO B 197 15.74 -19.58 26.24
CA PRO B 197 14.94 -18.77 25.31
C PRO B 197 14.35 -17.54 25.99
N GLY B 198 14.64 -16.37 25.43
CA GLY B 198 13.97 -15.13 25.79
C GLY B 198 12.78 -14.84 24.91
N ARG B 199 11.68 -15.58 25.08
CA ARG B 199 10.55 -15.48 24.17
C ARG B 199 10.02 -14.05 24.09
N GLY B 200 9.69 -13.63 22.86
CA GLY B 200 9.08 -12.34 22.65
C GLY B 200 7.95 -12.44 21.65
N GLN B 201 7.06 -11.45 21.71
CA GLN B 201 5.91 -11.37 20.82
C GLN B 201 5.79 -9.94 20.32
N ILE B 202 5.59 -9.78 19.02
CA ILE B 202 5.49 -8.45 18.42
C ILE B 202 4.24 -8.38 17.55
N MET B 203 3.69 -7.17 17.46
CA MET B 203 2.56 -6.85 16.60
C MET B 203 3.03 -5.94 15.48
N LYS B 204 2.64 -6.26 14.25
CA LYS B 204 2.96 -5.45 13.09
C LYS B 204 1.70 -4.72 12.65
N VAL B 205 1.76 -3.39 12.68
CA VAL B 205 0.58 -2.55 12.50
C VAL B 205 0.83 -1.55 11.37
N ASP B 206 -0.25 -1.09 10.76
CA ASP B 206 -0.19 -0.12 9.65
C ASP B 206 -0.45 1.26 10.23
N ALA B 207 0.63 2.00 10.50
CA ALA B 207 0.55 3.36 11.02
C ALA B 207 1.69 4.17 10.41
N PRO B 208 1.58 4.54 9.13
CA PRO B 208 2.72 5.13 8.44
C PRO B 208 3.03 6.57 8.83
N TRP B 209 2.25 7.17 9.73
CA TRP B 209 2.60 8.49 10.23
C TRP B 209 3.64 8.44 11.35
N MET B 210 3.94 7.25 11.87
CA MET B 210 4.97 7.10 12.91
C MET B 210 6.34 7.18 12.26
N LYS B 211 7.08 8.25 12.56
CA LYS B 211 8.41 8.46 12.01
C LYS B 211 9.54 8.21 12.99
N HIS B 212 9.22 8.02 14.28
CA HIS B 212 10.23 7.77 15.31
C HIS B 212 9.95 6.45 16.01
N PHE B 213 11.02 5.83 16.51
CA PHE B 213 10.86 4.72 17.43
C PHE B 213 10.71 5.26 18.85
N ILE B 214 9.98 4.52 19.68
CA ILE B 214 9.76 4.91 21.08
C ILE B 214 9.94 3.66 21.92
N LEU B 215 11.04 3.61 22.66
CA LEU B 215 11.32 2.50 23.57
C LEU B 215 11.17 2.98 25.01
N THR B 216 10.30 2.32 25.76
CA THR B 216 10.18 2.58 27.18
C THR B 216 10.89 1.50 27.98
N HIS B 217 11.26 1.82 29.21
CA HIS B 217 12.07 0.92 30.03
C HIS B 217 11.59 0.95 31.46
N ASP B 218 11.71 -0.19 32.13
CA ASP B 218 11.40 -0.35 33.55
C ASP B 218 12.28 -1.44 34.13
N PRO B 219 13.24 -1.08 35.00
CA PRO B 219 14.17 -2.11 35.52
C PRO B 219 13.49 -3.22 36.31
N GLU B 220 12.31 -2.97 36.88
CA GLU B 220 11.64 -4.01 37.66
C GLU B 220 11.17 -5.16 36.78
N ARG B 221 10.67 -4.85 35.58
CA ARG B 221 10.12 -5.87 34.70
C ARG B 221 11.17 -6.47 33.77
N GLY B 222 12.35 -5.88 33.70
CA GLY B 222 13.39 -6.33 32.79
C GLY B 222 13.37 -5.59 31.47
N ILE B 223 14.44 -5.78 30.69
CA ILE B 223 14.56 -5.10 29.41
C ILE B 223 13.56 -5.70 28.42
N TYR B 224 13.00 -4.83 27.58
CA TYR B 224 12.06 -5.22 26.53
C TYR B 224 10.82 -5.90 27.09
N ASN B 225 10.58 -5.76 28.40
CA ASN B 225 9.28 -6.06 29.00
C ASN B 225 8.48 -4.80 29.25
N SER B 226 8.65 -3.81 28.38
CA SER B 226 8.01 -2.51 28.44
C SER B 226 7.61 -2.13 27.02
N PRO B 227 6.51 -1.38 26.86
CA PRO B 227 6.03 -1.08 25.51
C PRO B 227 7.10 -0.38 24.66
N TYR B 228 7.23 -0.84 23.42
CA TYR B 228 8.10 -0.17 22.45
C TYR B 228 7.44 -0.16 21.08
N ILE B 229 7.74 0.89 20.32
CA ILE B 229 7.14 1.12 19.01
C ILE B 229 8.26 1.39 18.02
N ILE B 230 8.42 0.53 17.03
CA ILE B 230 9.51 0.63 16.07
C ILE B 230 8.98 0.64 14.65
N PRO B 231 8.92 1.80 13.99
CA PRO B 231 8.43 1.85 12.61
C PRO B 231 9.43 1.24 11.64
N GLY B 232 8.95 0.36 10.78
CA GLY B 232 9.73 -0.24 9.73
C GLY B 232 9.45 0.39 8.38
N THR B 233 9.84 -0.33 7.32
CA THR B 233 9.63 0.17 5.97
C THR B 233 8.14 0.26 5.64
N GLN B 234 7.43 -0.87 5.74
CA GLN B 234 6.03 -0.94 5.34
C GLN B 234 5.06 -1.04 6.51
N THR B 235 5.55 -1.29 7.72
CA THR B 235 4.67 -1.46 8.87
C THR B 235 5.39 -1.01 10.13
N VAL B 236 4.63 -0.93 11.23
CA VAL B 236 5.13 -0.47 12.52
C VAL B 236 5.09 -1.63 13.50
N THR B 237 6.21 -1.90 14.16
CA THR B 237 6.32 -3.00 15.10
C THR B 237 5.93 -2.55 16.51
N LEU B 238 5.00 -3.27 17.12
CA LEU B 238 4.60 -3.05 18.50
C LEU B 238 5.01 -4.25 19.34
N GLY B 239 5.74 -3.99 20.43
CA GLY B 239 6.24 -5.09 21.25
C GLY B 239 6.29 -4.78 22.72
N GLY B 240 7.11 -5.52 23.47
CA GLY B 240 7.20 -5.33 24.91
C GLY B 240 7.06 -6.59 25.73
N ILE B 241 7.30 -7.75 25.13
CA ILE B 241 7.22 -9.05 25.82
C ILE B 241 8.62 -9.66 25.85
N PHE B 242 9.03 -10.14 27.03
CA PHE B 242 10.33 -10.79 27.22
C PHE B 242 10.16 -11.79 28.35
N GLN B 243 10.01 -13.07 28.00
CA GLN B 243 9.72 -14.12 28.96
C GLN B 243 10.83 -15.16 28.92
N LEU B 244 11.54 -15.31 30.04
CA LEU B 244 12.61 -16.30 30.12
C LEU B 244 12.04 -17.71 30.23
N GLY B 245 12.65 -18.64 29.51
CA GLY B 245 12.30 -20.04 29.65
C GLY B 245 10.98 -20.46 29.06
N ASN B 246 10.38 -19.64 28.20
CA ASN B 246 9.11 -19.95 27.56
C ASN B 246 9.39 -20.43 26.14
N TRP B 247 9.07 -21.69 25.86
CA TRP B 247 9.34 -22.32 24.58
C TRP B 247 8.12 -22.35 23.66
N SER B 248 7.05 -21.66 24.02
CA SER B 248 5.79 -21.74 23.26
C SER B 248 5.87 -20.82 22.05
N GLU B 249 6.08 -21.42 20.88
CA GLU B 249 6.08 -20.67 19.62
C GLU B 249 4.62 -20.51 19.16
N LEU B 250 3.88 -19.70 19.92
CA LEU B 250 2.47 -19.50 19.67
C LEU B 250 2.08 -18.14 20.24
N ASN B 251 1.28 -17.40 19.47
CA ASN B 251 0.93 -16.04 19.86
C ASN B 251 -0.08 -16.07 21.01
N ASN B 252 0.28 -15.42 22.11
CA ASN B 252 -0.58 -15.37 23.29
C ASN B 252 -1.60 -14.25 23.17
N ILE B 253 -2.76 -14.46 23.79
CA ILE B 253 -3.79 -13.43 23.81
C ILE B 253 -3.48 -12.36 24.84
N GLN B 254 -3.04 -12.78 26.04
CA GLN B 254 -2.71 -11.82 27.08
C GLN B 254 -1.50 -10.97 26.67
N ASP B 255 -0.51 -11.58 26.04
CA ASP B 255 0.63 -10.81 25.52
C ASP B 255 0.17 -9.84 24.44
N HIS B 256 -0.75 -10.27 23.58
CA HIS B 256 -1.34 -9.37 22.60
C HIS B 256 -2.00 -8.18 23.28
N ASN B 257 -2.74 -8.43 24.37
CA ASN B 257 -3.39 -7.34 25.08
C ASN B 257 -2.39 -6.45 25.78
N THR B 258 -1.30 -7.04 26.31
CA THR B 258 -0.26 -6.24 26.96
C THR B 258 0.42 -5.33 25.95
N ILE B 259 0.77 -5.86 24.78
CA ILE B 259 1.43 -5.06 23.75
C ILE B 259 0.52 -3.93 23.28
N TRP B 260 -0.75 -4.24 23.03
CA TRP B 260 -1.66 -3.28 22.42
C TRP B 260 -1.90 -2.08 23.32
N GLU B 261 -2.41 -2.33 24.54
CA GLU B 261 -2.77 -1.22 25.42
C GLU B 261 -1.53 -0.51 25.95
N GLY B 262 -0.39 -1.19 26.04
CA GLY B 262 0.83 -0.51 26.44
C GLY B 262 1.28 0.52 25.42
N CYS B 263 1.24 0.16 24.14
CA CYS B 263 1.61 1.10 23.09
C CYS B 263 0.50 2.13 22.82
N CYS B 264 -0.76 1.74 23.02
CA CYS B 264 -1.86 2.67 22.79
C CYS B 264 -1.86 3.79 23.82
N ARG B 265 -1.53 3.48 25.07
CA ARG B 265 -1.36 4.54 26.07
C ARG B 265 -0.12 5.37 25.78
N LEU B 266 0.94 4.73 25.28
CA LEU B 266 2.17 5.44 24.95
C LEU B 266 1.97 6.36 23.76
N GLU B 267 1.15 5.95 22.80
CA GLU B 267 0.89 6.75 21.59
C GLU B 267 -0.56 6.54 21.19
N PRO B 268 -1.47 7.42 21.62
CA PRO B 268 -2.90 7.20 21.38
C PRO B 268 -3.32 7.22 19.92
N THR B 269 -2.44 7.59 18.98
CA THR B 269 -2.82 7.55 17.59
C THR B 269 -2.88 6.13 17.03
N LEU B 270 -2.42 5.13 17.80
CA LEU B 270 -2.41 3.75 17.34
C LEU B 270 -3.76 3.06 17.46
N LYS B 271 -4.74 3.70 18.10
CA LYS B 271 -6.04 3.05 18.30
C LYS B 271 -6.73 2.74 16.99
N ASN B 272 -6.49 3.55 15.95
CA ASN B 272 -7.12 3.36 14.65
C ASN B 272 -6.19 2.67 13.64
N ALA B 273 -5.01 2.25 14.06
CA ALA B 273 -4.09 1.55 13.18
C ALA B 273 -4.50 0.08 13.06
N ARG B 274 -4.62 -0.40 11.84
CA ARG B 274 -5.05 -1.77 11.60
C ARG B 274 -3.89 -2.74 11.81
N ILE B 275 -4.19 -3.86 12.46
CA ILE B 275 -3.18 -4.88 12.75
C ILE B 275 -2.97 -5.72 11.50
N ILE B 276 -1.72 -5.81 11.05
CA ILE B 276 -1.39 -6.58 9.85
C ILE B 276 -0.96 -7.99 10.20
N GLY B 277 -0.15 -8.15 11.25
CA GLY B 277 0.31 -9.47 11.63
C GLY B 277 0.79 -9.48 13.07
N GLU B 278 1.14 -10.68 13.52
CA GLU B 278 1.67 -10.89 14.86
C GLU B 278 2.56 -12.12 14.83
N ARG B 279 3.74 -12.02 15.46
CA ARG B 279 4.73 -13.08 15.41
C ARG B 279 5.29 -13.36 16.79
N THR B 280 5.85 -14.55 16.94
CA THR B 280 6.50 -14.99 18.18
C THR B 280 7.92 -15.45 17.86
N GLY B 281 8.87 -15.04 18.71
CA GLY B 281 10.25 -15.43 18.52
C GLY B 281 10.91 -15.77 19.84
N PHE B 282 12.12 -16.31 19.75
CA PHE B 282 12.90 -16.70 20.92
C PHE B 282 14.27 -16.05 20.85
N ARG B 283 14.53 -15.12 21.74
CA ARG B 283 15.86 -14.53 21.83
C ARG B 283 16.84 -15.55 22.41
N PRO B 284 17.98 -15.79 21.77
CA PRO B 284 18.97 -16.70 22.37
C PRO B 284 19.69 -16.05 23.53
N VAL B 285 19.07 -16.12 24.72
CA VAL B 285 19.59 -15.41 25.88
C VAL B 285 20.77 -16.17 26.47
N ARG B 286 21.84 -15.45 26.76
CA ARG B 286 22.99 -15.98 27.49
C ARG B 286 23.74 -14.81 28.10
N PRO B 287 24.36 -14.99 29.27
CA PRO B 287 25.13 -13.88 29.86
C PRO B 287 26.26 -13.39 28.96
N GLN B 288 26.73 -14.22 28.04
CA GLN B 288 27.80 -13.87 27.13
C GLN B 288 27.55 -14.55 25.79
N ILE B 289 27.90 -13.86 24.71
CA ILE B 289 27.88 -14.50 23.40
C ILE B 289 28.99 -15.54 23.36
N ARG B 290 28.65 -16.76 22.96
CA ARG B 290 29.65 -17.83 22.83
C ARG B 290 30.24 -17.75 21.44
N LEU B 291 31.32 -16.99 21.31
CA LEU B 291 32.06 -16.83 20.05
C LEU B 291 33.47 -17.36 20.30
N GLU B 292 33.67 -18.64 20.05
CA GLU B 292 34.90 -19.32 20.43
C GLU B 292 35.06 -20.57 19.60
N ARG B 293 36.30 -21.08 19.58
CA ARG B 293 36.59 -22.33 18.90
C ARG B 293 36.49 -23.50 19.87
N GLU B 294 36.46 -24.71 19.31
CA GLU B 294 36.48 -25.94 20.09
C GLU B 294 36.88 -27.09 19.18
N GLN B 295 38.01 -27.73 19.47
CA GLN B 295 38.40 -28.94 18.76
C GLN B 295 37.61 -30.11 19.34
N LEU B 296 36.85 -30.79 18.50
CA LEU B 296 35.99 -31.87 18.95
C LEU B 296 36.73 -33.20 18.87
N ARG B 297 36.61 -33.99 19.92
CA ARG B 297 37.23 -35.30 20.10
C ARG B 297 36.62 -36.38 19.19
N THR B 298 35.80 -35.95 18.23
CA THR B 298 35.07 -36.86 17.35
C THR B 298 36.00 -37.80 16.59
N GLY B 299 35.87 -39.09 16.84
CA GLY B 299 36.57 -40.11 16.08
C GLY B 299 38.07 -40.10 16.29
N PRO B 300 38.78 -40.93 15.51
CA PRO B 300 40.26 -40.90 15.59
C PRO B 300 40.85 -39.59 15.09
N SER B 301 40.25 -38.98 14.08
CA SER B 301 40.57 -37.61 13.72
C SER B 301 39.92 -36.70 14.77
N ASN B 302 39.95 -35.39 14.55
CA ASN B 302 39.34 -34.47 15.50
C ASN B 302 38.76 -33.29 14.75
N THR B 303 37.49 -32.97 15.03
CA THR B 303 36.78 -31.93 14.31
C THR B 303 37.08 -30.55 14.91
N GLU B 304 37.09 -29.55 14.04
CA GLU B 304 37.23 -28.16 14.42
C GLU B 304 35.87 -27.47 14.32
N VAL B 305 35.45 -26.82 15.40
CA VAL B 305 34.12 -26.24 15.49
C VAL B 305 34.22 -24.80 15.97
N ILE B 306 33.49 -23.91 15.31
CA ILE B 306 33.41 -22.51 15.69
C ILE B 306 31.98 -22.24 16.17
N HIS B 307 31.84 -21.82 17.43
CA HIS B 307 30.55 -21.47 18.00
C HIS B 307 30.30 -19.98 17.86
N ASN B 308 29.07 -19.62 17.45
CA ASN B 308 28.64 -18.22 17.55
C ASN B 308 27.12 -18.24 17.72
N TYR B 309 26.69 -18.16 18.98
CA TYR B 309 25.27 -18.11 19.32
C TYR B 309 25.12 -17.44 20.69
N GLY B 310 23.89 -17.10 21.03
CA GLY B 310 23.61 -16.45 22.30
C GLY B 310 23.65 -14.94 22.21
N HIS B 311 23.08 -14.39 21.14
CA HIS B 311 23.07 -12.96 20.93
C HIS B 311 21.87 -12.25 21.54
N GLY B 312 20.97 -13.00 22.17
CA GLY B 312 19.88 -12.38 22.91
C GLY B 312 18.99 -11.53 22.02
N GLY B 313 18.68 -10.33 22.50
CA GLY B 313 17.82 -9.42 21.75
C GLY B 313 18.59 -8.33 21.03
N TYR B 314 19.82 -8.63 20.64
CA TYR B 314 20.65 -7.68 19.91
C TYR B 314 21.43 -8.36 18.79
N GLY B 315 20.86 -9.41 18.18
CA GLY B 315 21.58 -10.15 17.16
C GLY B 315 21.89 -9.31 15.94
N LEU B 316 20.89 -8.62 15.41
CA LEU B 316 21.13 -7.76 14.25
C LEU B 316 22.04 -6.59 14.60
N THR B 317 21.99 -6.14 15.85
CA THR B 317 22.82 -5.01 16.28
C THR B 317 24.30 -5.35 16.27
N ILE B 318 24.64 -6.62 16.52
CA ILE B 318 26.02 -7.04 16.79
C ILE B 318 26.51 -8.07 15.77
N HIS B 319 25.74 -8.32 14.71
CA HIS B 319 26.01 -9.48 13.86
C HIS B 319 27.31 -9.33 13.08
N TRP B 320 27.62 -8.13 12.59
CA TRP B 320 28.77 -7.99 11.71
C TRP B 320 30.08 -8.11 12.47
N GLY B 321 30.15 -7.55 13.68
CA GLY B 321 31.32 -7.75 14.50
C GLY B 321 31.55 -9.20 14.84
N CYS B 322 30.47 -9.94 15.10
CA CYS B 322 30.59 -11.37 15.36
C CYS B 322 31.02 -12.13 14.12
N ALA B 323 30.57 -11.69 12.94
CA ALA B 323 30.97 -12.36 11.71
C ALA B 323 32.45 -12.16 11.42
N LEU B 324 32.95 -10.95 11.61
CA LEU B 324 34.37 -10.68 11.42
C LEU B 324 35.21 -11.47 12.42
N GLU B 325 34.76 -11.54 13.68
CA GLU B 325 35.52 -12.27 14.70
C GLU B 325 35.53 -13.76 14.41
N ALA B 326 34.40 -14.31 13.96
CA ALA B 326 34.38 -15.71 13.57
C ALA B 326 35.26 -15.98 12.37
N ALA B 327 35.45 -14.97 11.50
CA ALA B 327 36.36 -15.14 10.37
C ALA B 327 37.82 -15.13 10.82
N LYS B 328 38.13 -14.36 11.86
CA LYS B 328 39.50 -14.40 12.41
C LYS B 328 39.79 -15.75 13.05
N LEU B 329 38.84 -16.28 13.84
CA LEU B 329 39.00 -17.62 14.38
C LEU B 329 39.14 -18.66 13.28
N PHE B 330 38.46 -18.46 12.15
CA PHE B 330 38.65 -19.34 11.01
C PHE B 330 40.07 -19.26 10.47
N GLY B 331 40.67 -18.07 10.50
CA GLY B 331 42.02 -17.92 10.00
C GLY B 331 43.07 -18.58 10.88
N ARG B 332 42.84 -18.60 12.19
CA ARG B 332 43.79 -19.28 13.08
C ARG B 332 43.76 -20.79 12.86
N ILE B 333 42.58 -21.35 12.57
CA ILE B 333 42.50 -22.75 12.19
C ILE B 333 43.29 -22.99 10.92
N LEU B 334 43.28 -22.03 10.00
CA LEU B 334 44.04 -22.15 8.76
C LEU B 334 45.54 -22.24 9.05
N GLU B 335 46.05 -21.35 9.90
CA GLU B 335 47.47 -21.32 10.20
C GLU B 335 47.93 -22.59 10.91
N GLU B 336 47.07 -23.20 11.71
CA GLU B 336 47.43 -24.40 12.46
C GLU B 336 47.36 -25.66 11.61
N LYS B 337 46.72 -25.61 10.45
CA LYS B 337 46.67 -26.74 9.52
C LYS B 337 47.73 -26.65 8.44
N LYS B 338 48.77 -25.82 8.65
CA LYS B 338 49.81 -25.57 7.66
C LYS B 338 49.19 -25.17 6.33
N LEU B 339 48.33 -24.14 6.38
CA LEU B 339 47.40 -23.86 5.29
C LEU B 339 47.34 -22.38 4.88
N SER B 340 47.83 -21.46 5.70
CA SER B 340 47.79 -20.05 5.35
C SER B 340 49.21 -19.46 5.32
N MET C 1 -15.55 -35.96 28.19
CA MET C 1 -15.09 -36.17 26.82
C MET C 1 -13.98 -35.20 26.46
N ARG C 2 -12.74 -35.69 26.44
CA ARG C 2 -11.57 -34.88 26.09
C ARG C 2 -11.17 -35.19 24.66
N VAL C 3 -11.12 -34.14 23.83
CA VAL C 3 -10.80 -34.27 22.41
C VAL C 3 -9.52 -33.49 22.14
N VAL C 4 -8.60 -34.10 21.41
CA VAL C 4 -7.33 -33.48 21.04
C VAL C 4 -7.20 -33.49 19.53
N VAL C 5 -7.11 -32.30 18.94
CA VAL C 5 -6.90 -32.15 17.51
C VAL C 5 -5.43 -31.83 17.29
N ILE C 6 -4.76 -32.63 16.46
CA ILE C 6 -3.35 -32.44 16.16
C ILE C 6 -3.25 -31.76 14.80
N GLY C 7 -2.83 -30.50 14.80
CA GLY C 7 -2.68 -29.74 13.57
C GLY C 7 -3.45 -28.44 13.58
N ALA C 8 -2.77 -27.34 13.26
CA ALA C 8 -3.38 -26.01 13.24
C ALA C 8 -3.53 -25.46 11.82
N GLY C 9 -3.46 -26.32 10.82
CA GLY C 9 -3.77 -25.93 9.46
C GLY C 9 -5.27 -25.80 9.25
N VAL C 10 -5.64 -25.60 7.99
CA VAL C 10 -7.05 -25.39 7.65
C VAL C 10 -7.88 -26.62 8.00
N ILE C 11 -7.30 -27.82 7.90
CA ILE C 11 -8.05 -29.03 8.19
C ILE C 11 -8.32 -29.15 9.69
N GLY C 12 -7.25 -29.07 10.50
CA GLY C 12 -7.40 -29.22 11.93
C GLY C 12 -8.28 -28.16 12.56
N LEU C 13 -8.09 -26.89 12.18
CA LEU C 13 -8.83 -25.81 12.79
C LEU C 13 -10.30 -25.84 12.38
N SER C 14 -10.57 -26.10 11.10
CA SER C 14 -11.96 -26.20 10.66
C SER C 14 -12.65 -27.42 11.23
N THR C 15 -11.92 -28.54 11.39
CA THR C 15 -12.50 -29.72 12.03
C THR C 15 -12.81 -29.44 13.49
N ALA C 16 -11.86 -28.81 14.21
CA ALA C 16 -12.09 -28.49 15.61
C ALA C 16 -13.30 -27.57 15.78
N LEU C 17 -13.49 -26.63 14.85
CA LEU C 17 -14.65 -25.76 14.91
C LEU C 17 -15.95 -26.53 14.67
N CYS C 18 -15.95 -27.43 13.68
CA CYS C 18 -17.16 -28.18 13.37
C CYS C 18 -17.56 -29.08 14.53
N ILE C 19 -16.58 -29.75 15.15
CA ILE C 19 -16.89 -30.64 16.26
C ILE C 19 -17.49 -29.85 17.42
N HIS C 20 -16.94 -28.67 17.71
CA HIS C 20 -17.45 -27.88 18.83
C HIS C 20 -18.83 -27.30 18.52
N GLU C 21 -19.04 -26.86 17.28
CA GLU C 21 -20.31 -26.22 16.93
C GLU C 21 -21.48 -27.19 17.07
N ARG C 22 -21.26 -28.48 16.82
CA ARG C 22 -22.35 -29.45 16.76
C ARG C 22 -22.51 -30.28 18.03
N TYR C 23 -21.49 -30.36 18.89
CA TYR C 23 -21.55 -31.25 20.04
C TYR C 23 -21.20 -30.60 21.37
N HIS C 24 -20.98 -29.28 21.40
CA HIS C 24 -20.84 -28.60 22.69
C HIS C 24 -22.16 -28.56 23.44
N SER C 25 -23.28 -28.66 22.74
CA SER C 25 -24.59 -28.62 23.39
C SER C 25 -25.00 -29.96 23.96
N VAL C 26 -24.57 -31.06 23.34
CA VAL C 26 -24.96 -32.39 23.78
C VAL C 26 -23.88 -33.07 24.62
N LEU C 27 -22.78 -32.38 24.91
CA LEU C 27 -21.71 -32.92 25.73
C LEU C 27 -21.34 -31.87 26.78
N GLN C 28 -21.69 -32.12 28.04
CA GLN C 28 -21.32 -31.17 29.09
C GLN C 28 -19.81 -31.14 29.32
N PRO C 29 -19.12 -32.27 29.54
CA PRO C 29 -17.65 -32.20 29.62
C PRO C 29 -16.99 -32.35 28.25
N LEU C 30 -17.13 -31.31 27.42
CA LEU C 30 -16.52 -31.26 26.09
C LEU C 30 -15.33 -30.30 26.18
N ASP C 31 -14.13 -30.86 26.26
CA ASP C 31 -12.89 -30.09 26.28
C ASP C 31 -12.12 -30.43 25.01
N ILE C 32 -11.91 -29.44 24.15
CA ILE C 32 -11.14 -29.59 22.92
C ILE C 32 -9.86 -28.78 23.06
N LYS C 33 -8.72 -29.42 22.78
CA LYS C 33 -7.43 -28.76 22.75
C LYS C 33 -6.78 -29.04 21.40
N VAL C 34 -6.02 -28.06 20.91
CA VAL C 34 -5.34 -28.16 19.63
C VAL C 34 -3.84 -28.24 19.90
N TYR C 35 -3.24 -29.38 19.53
CA TYR C 35 -1.80 -29.57 19.57
C TYR C 35 -1.24 -29.38 18.17
N ALA C 36 -0.23 -28.54 18.04
CA ALA C 36 0.34 -28.27 16.72
C ALA C 36 1.80 -27.88 16.86
N ASP C 37 2.60 -28.34 15.89
CA ASP C 37 4.00 -27.95 15.85
C ASP C 37 4.16 -26.56 15.23
N ARG C 38 3.33 -26.23 14.25
CA ARG C 38 3.39 -24.94 13.56
C ARG C 38 2.02 -24.28 13.56
N PHE C 39 2.01 -22.97 13.75
CA PHE C 39 0.81 -22.16 13.64
C PHE C 39 1.01 -21.13 12.52
N THR C 40 0.05 -20.22 12.38
CA THR C 40 0.18 -19.16 11.41
C THR C 40 1.35 -18.25 11.78
N PRO C 41 2.07 -17.71 10.78
CA PRO C 41 1.90 -17.99 9.35
C PRO C 41 2.91 -19.02 8.82
N LEU C 42 3.07 -20.15 9.50
CA LEU C 42 4.14 -21.10 9.21
C LEU C 42 3.62 -22.45 8.72
N THR C 43 2.36 -22.54 8.31
CA THR C 43 1.78 -23.81 7.88
C THR C 43 1.64 -23.84 6.36
N THR C 44 1.46 -25.06 5.84
CA THR C 44 1.26 -25.22 4.40
C THR C 44 0.05 -24.45 3.92
N THR C 45 -0.98 -24.31 4.76
CA THR C 45 -2.15 -23.53 4.39
C THR C 45 -1.79 -22.08 4.12
N ASP C 46 -0.81 -21.53 4.85
CA ASP C 46 -0.40 -20.15 4.64
C ASP C 46 0.25 -19.96 3.27
N VAL C 47 0.90 -20.99 2.73
CA VAL C 47 1.55 -20.87 1.43
C VAL C 47 0.52 -20.81 0.31
N ALA C 48 -0.61 -21.50 0.48
CA ALA C 48 -1.60 -21.60 -0.59
C ALA C 48 -2.23 -20.25 -0.90
N ALA C 49 -2.48 -20.01 -2.19
CA ALA C 49 -3.20 -18.80 -2.58
C ALA C 49 -4.64 -18.84 -2.09
N GLY C 50 -5.23 -20.03 -2.02
CA GLY C 50 -6.58 -20.17 -1.53
C GLY C 50 -7.65 -20.33 -2.58
N LEU C 51 -7.28 -20.55 -3.83
CA LEU C 51 -8.27 -20.68 -4.90
C LEU C 51 -9.09 -21.96 -4.72
N TRP C 52 -10.40 -21.84 -4.90
CA TRP C 52 -11.26 -23.01 -4.93
C TRP C 52 -11.24 -23.60 -6.34
N GLN C 53 -10.54 -24.73 -6.49
CA GLN C 53 -10.64 -25.52 -7.71
C GLN C 53 -10.15 -26.93 -7.43
N PRO C 54 -10.99 -27.95 -7.62
CA PRO C 54 -10.50 -29.32 -7.52
C PRO C 54 -9.63 -29.69 -8.70
N TYR C 55 -9.06 -30.89 -8.67
CA TYR C 55 -8.27 -31.36 -9.80
C TYR C 55 -9.14 -31.48 -11.04
N LEU C 56 -8.49 -31.49 -12.21
CA LEU C 56 -9.23 -31.56 -13.46
C LEU C 56 -9.92 -32.91 -13.63
N SER C 57 -9.25 -34.00 -13.25
CA SER C 57 -9.82 -35.32 -13.35
C SER C 57 -10.69 -35.63 -12.12
N ASP C 58 -11.60 -36.57 -12.30
CA ASP C 58 -12.47 -36.96 -11.21
C ASP C 58 -11.68 -37.72 -10.15
N PRO C 59 -12.00 -37.55 -8.87
CA PRO C 59 -11.25 -38.22 -7.82
C PRO C 59 -11.58 -39.69 -7.72
N ASN C 60 -10.62 -40.46 -7.19
CA ASN C 60 -10.81 -41.89 -7.01
C ASN C 60 -11.86 -42.21 -5.95
N ASN C 61 -12.26 -41.23 -5.15
CA ASN C 61 -13.39 -41.37 -4.24
C ASN C 61 -14.42 -40.30 -4.60
N PRO C 62 -15.58 -40.68 -5.15
CA PRO C 62 -16.55 -39.66 -5.57
C PRO C 62 -17.15 -38.86 -4.42
N GLN C 63 -16.87 -39.25 -3.17
CA GLN C 63 -17.36 -38.46 -2.03
C GLN C 63 -16.61 -37.14 -1.92
N GLU C 64 -15.39 -37.08 -2.44
CA GLU C 64 -14.62 -35.83 -2.39
C GLU C 64 -15.25 -34.75 -3.25
N ALA C 65 -15.90 -35.14 -4.35
CA ALA C 65 -16.59 -34.16 -5.19
C ALA C 65 -17.70 -33.45 -4.41
N ASP C 66 -18.44 -34.21 -3.60
CA ASP C 66 -19.46 -33.57 -2.76
C ASP C 66 -18.83 -32.71 -1.69
N TRP C 67 -17.73 -33.18 -1.08
CA TRP C 67 -17.05 -32.38 -0.07
C TRP C 67 -16.59 -31.05 -0.63
N SER C 68 -16.12 -31.04 -1.89
CA SER C 68 -15.74 -29.79 -2.53
C SER C 68 -16.96 -28.91 -2.78
N GLN C 69 -18.07 -29.51 -3.19
CA GLN C 69 -19.26 -28.73 -3.50
C GLN C 69 -19.89 -28.15 -2.24
N GLN C 70 -19.92 -28.91 -1.14
CA GLN C 70 -20.42 -28.37 0.11
C GLN C 70 -19.58 -27.19 0.58
N THR C 71 -18.25 -27.29 0.46
CA THR C 71 -17.39 -26.19 0.85
C THR C 71 -17.68 -24.94 0.02
N PHE C 72 -17.87 -25.11 -1.29
CA PHE C 72 -18.13 -23.96 -2.15
C PHE C 72 -19.45 -23.28 -1.77
N ASP C 73 -20.52 -24.06 -1.61
CA ASP C 73 -21.80 -23.48 -1.23
C ASP C 73 -21.74 -22.82 0.14
N TYR C 74 -20.95 -23.38 1.05
CA TYR C 74 -20.77 -22.76 2.37
C TYR C 74 -20.12 -21.39 2.24
N LEU C 75 -18.96 -21.32 1.58
CA LEU C 75 -18.27 -20.04 1.43
C LEU C 75 -19.08 -19.06 0.60
N LEU C 76 -19.81 -19.55 -0.41
CA LEU C 76 -20.62 -18.66 -1.24
C LEU C 76 -21.76 -18.04 -0.44
N SER C 77 -22.32 -18.77 0.53
CA SER C 77 -23.35 -18.20 1.39
C SER C 77 -22.82 -17.17 2.37
N HIS C 78 -21.51 -16.94 2.39
CA HIS C 78 -20.90 -15.97 3.29
C HIS C 78 -20.03 -14.95 2.54
N VAL C 79 -20.03 -14.97 1.20
CA VAL C 79 -19.12 -14.11 0.46
C VAL C 79 -19.53 -12.65 0.57
N HIS C 80 -20.82 -12.38 0.76
CA HIS C 80 -21.32 -11.02 0.97
C HIS C 80 -21.61 -10.74 2.43
N SER C 81 -21.30 -11.67 3.33
CA SER C 81 -21.40 -11.42 4.76
C SER C 81 -20.40 -10.33 5.16
N PRO C 82 -20.71 -9.55 6.21
CA PRO C 82 -19.82 -8.43 6.56
C PRO C 82 -18.41 -8.85 6.97
N ASN C 83 -18.24 -10.07 7.48
CA ASN C 83 -16.93 -10.52 7.94
C ASN C 83 -16.18 -11.32 6.88
N ALA C 84 -16.59 -11.23 5.61
CA ALA C 84 -15.85 -11.89 4.54
C ALA C 84 -14.43 -11.34 4.43
N GLU C 85 -14.24 -10.05 4.73
CA GLU C 85 -12.90 -9.49 4.76
C GLU C 85 -12.04 -10.14 5.83
N ASN C 86 -12.63 -10.43 6.99
CA ASN C 86 -11.90 -11.10 8.05
C ASN C 86 -11.58 -12.55 7.70
N LEU C 87 -12.44 -13.19 6.91
CA LEU C 87 -12.18 -14.55 6.44
C LEU C 87 -11.14 -14.58 5.33
N GLY C 88 -10.92 -13.47 4.63
CA GLY C 88 -10.10 -13.49 3.45
C GLY C 88 -10.80 -14.09 2.25
N LEU C 89 -12.12 -14.02 2.23
CA LEU C 89 -12.94 -14.65 1.19
C LEU C 89 -13.47 -13.59 0.24
N PHE C 90 -13.42 -13.89 -1.06
CA PHE C 90 -13.94 -12.98 -2.07
C PHE C 90 -14.11 -13.73 -3.38
N LEU C 91 -14.92 -13.15 -4.26
CA LEU C 91 -15.16 -13.72 -5.58
C LEU C 91 -14.02 -13.36 -6.53
N ILE C 92 -13.78 -14.23 -7.51
CA ILE C 92 -12.79 -13.97 -8.54
C ILE C 92 -13.12 -14.82 -9.76
N SER C 93 -13.02 -14.20 -10.94
CA SER C 93 -13.16 -14.90 -12.20
C SER C 93 -11.78 -15.06 -12.84
N GLY C 94 -11.70 -15.96 -13.81
CA GLY C 94 -10.41 -16.21 -14.44
C GLY C 94 -10.49 -17.27 -15.50
N TYR C 95 -9.33 -17.58 -16.07
CA TYR C 95 -9.18 -18.47 -17.20
C TYR C 95 -8.49 -19.77 -16.78
N ASN C 96 -8.64 -20.79 -17.63
CA ASN C 96 -7.96 -22.08 -17.47
C ASN C 96 -7.53 -22.51 -18.86
N LEU C 97 -6.25 -22.39 -19.16
CA LEU C 97 -5.75 -22.53 -20.52
C LEU C 97 -5.19 -23.93 -20.78
N PHE C 98 -5.36 -24.40 -22.02
CA PHE C 98 -4.87 -25.69 -22.45
C PHE C 98 -4.31 -25.58 -23.87
N HIS C 99 -3.38 -26.47 -24.18
CA HIS C 99 -2.93 -26.63 -25.57
C HIS C 99 -3.89 -27.49 -26.38
N GLU C 100 -4.69 -28.33 -25.72
CA GLU C 100 -5.56 -29.29 -26.38
C GLU C 100 -6.91 -29.28 -25.69
N ALA C 101 -7.97 -29.47 -26.48
CA ALA C 101 -9.31 -29.51 -25.92
C ALA C 101 -9.47 -30.72 -25.01
N ILE C 102 -10.05 -30.50 -23.83
CA ILE C 102 -10.25 -31.57 -22.85
C ILE C 102 -11.68 -31.47 -22.33
N PRO C 103 -12.24 -32.58 -21.82
CA PRO C 103 -13.63 -32.57 -21.38
C PRO C 103 -13.87 -31.59 -20.24
N ASP C 104 -15.15 -31.27 -20.03
CA ASP C 104 -15.54 -30.39 -18.95
C ASP C 104 -15.29 -31.06 -17.60
N PRO C 105 -15.01 -30.27 -16.56
CA PRO C 105 -14.72 -30.86 -15.25
C PRO C 105 -15.99 -31.24 -14.51
N SER C 106 -15.79 -32.05 -13.46
CA SER C 106 -16.91 -32.51 -12.65
C SER C 106 -17.57 -31.39 -11.86
N TRP C 107 -16.86 -30.28 -11.64
CA TRP C 107 -17.37 -29.16 -10.88
C TRP C 107 -17.87 -28.03 -11.77
N LYS C 108 -18.31 -28.35 -13.00
CA LYS C 108 -18.70 -27.31 -13.96
C LYS C 108 -19.88 -26.50 -13.45
N ASP C 109 -20.86 -27.16 -12.83
CA ASP C 109 -22.06 -26.50 -12.34
C ASP C 109 -21.95 -26.06 -10.89
N THR C 110 -20.83 -26.35 -10.23
CA THR C 110 -20.59 -25.85 -8.89
C THR C 110 -20.15 -24.40 -8.92
N VAL C 111 -19.24 -24.05 -9.83
CA VAL C 111 -18.78 -22.68 -10.00
C VAL C 111 -19.86 -21.88 -10.71
N LEU C 112 -19.73 -20.56 -10.71
CA LEU C 112 -20.71 -19.69 -11.32
C LEU C 112 -20.36 -19.41 -12.78
N GLY C 113 -21.35 -19.53 -13.65
CA GLY C 113 -21.22 -19.14 -15.04
C GLY C 113 -20.09 -19.79 -15.81
N PHE C 114 -19.94 -21.10 -15.68
CA PHE C 114 -18.91 -21.81 -16.41
C PHE C 114 -19.20 -21.78 -17.90
N ARG C 115 -18.14 -21.61 -18.69
CA ARG C 115 -18.25 -21.56 -20.14
C ARG C 115 -16.87 -21.76 -20.75
N LYS C 116 -16.85 -22.09 -22.03
CA LYS C 116 -15.61 -22.23 -22.76
C LYS C 116 -15.19 -20.88 -23.34
N LEU C 117 -13.90 -20.76 -23.64
CA LEU C 117 -13.33 -19.49 -24.05
C LEU C 117 -13.63 -19.19 -25.52
N THR C 118 -13.92 -17.92 -25.80
CA THR C 118 -14.17 -17.45 -27.15
C THR C 118 -12.85 -17.17 -27.87
N PRO C 119 -12.88 -17.06 -29.21
CA PRO C 119 -11.60 -16.84 -29.93
C PRO C 119 -10.87 -15.58 -29.51
N ARG C 120 -11.59 -14.46 -29.31
CA ARG C 120 -10.92 -13.21 -28.95
C ARG C 120 -10.22 -13.33 -27.61
N GLU C 121 -10.76 -14.12 -26.68
CA GLU C 121 -10.08 -14.34 -25.41
C GLU C 121 -8.82 -15.17 -25.58
N LEU C 122 -8.89 -16.20 -26.44
CA LEU C 122 -7.73 -17.04 -26.67
C LEU C 122 -6.62 -16.30 -27.41
N ASP C 123 -6.94 -15.24 -28.14
CA ASP C 123 -5.92 -14.45 -28.82
C ASP C 123 -4.99 -13.75 -27.84
N MET C 124 -5.43 -13.53 -26.60
CA MET C 124 -4.57 -12.94 -25.59
C MET C 124 -3.54 -13.92 -25.04
N PHE C 125 -3.65 -15.20 -25.40
CA PHE C 125 -2.74 -16.25 -24.90
C PHE C 125 -2.32 -17.09 -26.10
N PRO C 126 -1.29 -16.66 -26.83
CA PRO C 126 -0.93 -17.35 -28.08
C PRO C 126 -0.50 -18.79 -27.89
N ASP C 127 0.04 -19.16 -26.73
CA ASP C 127 0.53 -20.51 -26.51
C ASP C 127 -0.58 -21.52 -26.25
N TYR C 128 -1.84 -21.08 -26.14
CA TYR C 128 -2.93 -21.95 -25.78
C TYR C 128 -4.11 -21.71 -26.71
N GLY C 129 -4.78 -22.80 -27.09
CA GLY C 129 -5.84 -22.73 -28.07
C GLY C 129 -7.19 -23.23 -27.59
N TYR C 130 -7.29 -23.56 -26.31
CA TYR C 130 -8.55 -23.99 -25.72
C TYR C 130 -8.53 -23.68 -24.24
N GLY C 131 -9.70 -23.43 -23.67
CA GLY C 131 -9.76 -23.13 -22.25
C GLY C 131 -11.17 -22.80 -21.80
N TRP C 132 -11.28 -22.51 -20.51
CA TRP C 132 -12.53 -22.20 -19.84
C TRP C 132 -12.50 -20.78 -19.29
N PHE C 133 -13.67 -20.32 -18.88
CA PHE C 133 -13.83 -19.10 -18.09
C PHE C 133 -14.94 -19.35 -17.08
N HIS C 134 -14.70 -18.99 -15.83
CA HIS C 134 -15.70 -19.19 -14.79
C HIS C 134 -15.37 -18.32 -13.59
N THR C 135 -16.38 -18.10 -12.75
CA THR C 135 -16.24 -17.31 -11.53
C THR C 135 -16.18 -18.26 -10.34
N SER C 136 -15.22 -18.04 -9.45
CA SER C 136 -14.98 -18.94 -8.33
C SER C 136 -14.68 -18.10 -7.08
N LEU C 137 -14.14 -18.76 -6.07
CA LEU C 137 -13.86 -18.15 -4.77
C LEU C 137 -12.39 -18.31 -4.42
N ILE C 138 -11.90 -17.39 -3.58
CA ILE C 138 -10.57 -17.47 -3.00
C ILE C 138 -10.71 -17.35 -1.49
N LEU C 139 -10.11 -18.29 -0.77
CA LEU C 139 -10.08 -18.28 0.70
C LEU C 139 -8.62 -18.20 1.12
N GLU C 140 -8.15 -16.99 1.39
CA GLU C 140 -6.74 -16.80 1.75
C GLU C 140 -6.46 -17.43 3.10
N GLY C 141 -5.44 -18.29 3.15
CA GLY C 141 -5.22 -19.10 4.34
C GLY C 141 -4.81 -18.30 5.56
N LYS C 142 -4.00 -17.25 5.36
CA LYS C 142 -3.51 -16.48 6.50
C LYS C 142 -4.66 -15.83 7.27
N ASN C 143 -5.60 -15.21 6.56
CA ASN C 143 -6.73 -14.58 7.22
C ASN C 143 -7.73 -15.61 7.72
N TYR C 144 -7.92 -16.70 6.97
CA TYR C 144 -8.90 -17.70 7.37
C TYR C 144 -8.45 -18.45 8.62
N LEU C 145 -7.17 -18.78 8.72
CA LEU C 145 -6.68 -19.49 9.88
C LEU C 145 -6.70 -18.60 11.13
N GLN C 146 -6.42 -17.30 10.96
CA GLN C 146 -6.57 -16.38 12.08
C GLN C 146 -8.03 -16.23 12.48
N TRP C 147 -8.93 -16.26 11.50
CA TRP C 147 -10.36 -16.20 11.80
C TRP C 147 -10.79 -17.42 12.58
N LEU C 148 -10.40 -18.62 12.13
CA LEU C 148 -10.75 -19.84 12.85
C LEU C 148 -10.15 -19.84 14.25
N THR C 149 -8.94 -19.29 14.39
CA THR C 149 -8.31 -19.22 15.71
C THR C 149 -9.13 -18.36 16.67
N GLU C 150 -9.62 -17.22 16.19
CA GLU C 150 -10.41 -16.34 17.06
C GLU C 150 -11.71 -17.01 17.47
N ARG C 151 -12.39 -17.68 16.54
CA ARG C 151 -13.64 -18.35 16.88
C ARG C 151 -13.40 -19.50 17.87
N LEU C 152 -12.35 -20.29 17.64
CA LEU C 152 -12.05 -21.38 18.57
C LEU C 152 -11.66 -20.85 19.94
N THR C 153 -11.02 -19.69 20.00
CA THR C 153 -10.67 -19.10 21.29
C THR C 153 -11.92 -18.62 22.02
N GLU C 154 -12.86 -18.02 21.29
CA GLU C 154 -14.14 -17.63 21.89
C GLU C 154 -14.84 -18.83 22.51
N ARG C 155 -14.74 -19.99 21.87
CA ARG C 155 -15.37 -21.22 22.34
C ARG C 155 -14.49 -22.01 23.29
N GLY C 156 -13.49 -21.38 23.88
CA GLY C 156 -12.71 -22.00 24.95
C GLY C 156 -11.89 -23.19 24.52
N VAL C 157 -11.35 -23.16 23.30
CA VAL C 157 -10.49 -24.23 22.79
C VAL C 157 -9.05 -23.78 23.00
N LYS C 158 -8.37 -24.40 23.96
CA LYS C 158 -6.99 -24.03 24.25
C LYS C 158 -6.07 -24.49 23.12
N PHE C 159 -5.02 -23.71 22.89
CA PHE C 159 -4.02 -23.99 21.86
C PHE C 159 -2.68 -24.25 22.53
N PHE C 160 -1.94 -25.23 22.00
CA PHE C 160 -0.66 -25.62 22.57
C PHE C 160 0.33 -25.90 21.45
N GLN C 161 1.46 -25.20 21.49
CA GLN C 161 2.55 -25.45 20.54
C GLN C 161 3.32 -26.67 21.03
N ARG C 162 3.28 -27.74 20.25
CA ARG C 162 3.73 -29.05 20.73
C ARG C 162 3.96 -29.96 19.54
N LYS C 163 5.06 -30.72 19.59
CA LYS C 163 5.35 -31.74 18.60
C LYS C 163 4.96 -33.09 19.19
N VAL C 164 3.98 -33.74 18.57
CA VAL C 164 3.46 -35.01 19.04
C VAL C 164 4.33 -36.14 18.49
N GLU C 165 4.84 -36.99 19.39
CA GLU C 165 5.69 -38.09 18.97
C GLU C 165 4.88 -39.31 18.53
N SER C 166 3.72 -39.53 19.14
CA SER C 166 2.91 -40.71 18.83
C SER C 166 1.50 -40.51 19.34
N PHE C 167 0.57 -41.25 18.74
CA PHE C 167 -0.81 -41.26 19.23
C PHE C 167 -0.86 -41.75 20.68
N GLU C 168 -0.05 -42.76 21.00
CA GLU C 168 -0.01 -43.30 22.35
C GLU C 168 0.37 -42.23 23.38
N GLU C 169 1.25 -41.31 23.00
CA GLU C 169 1.60 -40.20 23.89
C GLU C 169 0.38 -39.36 24.23
N VAL C 170 -0.38 -38.97 23.20
CA VAL C 170 -1.60 -38.18 23.43
C VAL C 170 -2.66 -39.03 24.12
N ALA C 171 -2.73 -40.32 23.78
CA ALA C 171 -3.76 -41.17 24.37
C ALA C 171 -3.55 -41.37 25.87
N ARG C 172 -2.29 -41.46 26.30
CA ARG C 172 -2.00 -41.75 27.70
C ARG C 172 -2.31 -40.55 28.60
N GLU C 173 -2.18 -39.33 28.09
CA GLU C 173 -2.41 -38.16 28.93
C GLU C 173 -3.89 -37.80 29.06
N GLY C 174 -4.79 -38.61 28.49
CA GLY C 174 -6.21 -38.46 28.80
C GLY C 174 -7.12 -38.21 27.60
N ALA C 175 -6.59 -38.36 26.39
CA ALA C 175 -7.39 -38.09 25.19
C ALA C 175 -8.34 -39.26 24.94
N ASP C 176 -9.63 -38.96 24.86
CA ASP C 176 -10.63 -39.95 24.49
C ASP C 176 -10.75 -40.08 22.97
N VAL C 177 -10.67 -38.98 22.24
CA VAL C 177 -10.73 -38.96 20.78
C VAL C 177 -9.58 -38.11 20.28
N ILE C 178 -8.82 -38.64 19.32
CA ILE C 178 -7.71 -37.93 18.69
C ILE C 178 -8.08 -37.65 17.24
N VAL C 179 -7.97 -36.39 16.83
CA VAL C 179 -8.27 -35.98 15.47
C VAL C 179 -6.94 -35.73 14.76
N ASN C 180 -6.60 -36.61 13.83
CA ASN C 180 -5.30 -36.57 13.15
C ASN C 180 -5.40 -35.69 11.91
N CYS C 181 -4.89 -34.46 12.02
CA CYS C 181 -4.88 -33.49 10.93
C CYS C 181 -3.46 -32.98 10.71
N THR C 182 -2.51 -33.91 10.64
CA THR C 182 -1.09 -33.58 10.57
C THR C 182 -0.60 -33.30 9.16
N GLY C 183 -1.50 -33.30 8.16
CA GLY C 183 -1.11 -32.93 6.82
C GLY C 183 -0.12 -33.89 6.21
N VAL C 184 0.92 -33.33 5.58
CA VAL C 184 1.91 -34.16 4.90
C VAL C 184 2.84 -34.88 5.89
N TRP C 185 2.88 -34.42 7.14
CA TRP C 185 3.73 -35.03 8.16
C TRP C 185 3.02 -36.13 8.93
N ALA C 186 2.00 -36.75 8.35
CA ALA C 186 1.21 -37.76 9.06
C ALA C 186 1.95 -39.09 9.20
N GLY C 187 2.88 -39.38 8.28
CA GLY C 187 3.60 -40.63 8.33
C GLY C 187 4.46 -40.81 9.56
N ALA C 188 4.82 -39.71 10.23
CA ALA C 188 5.63 -39.80 11.45
C ALA C 188 4.85 -40.38 12.61
N LEU C 189 3.52 -40.37 12.55
CA LEU C 189 2.70 -40.98 13.60
C LEU C 189 2.17 -42.35 13.22
N GLN C 190 2.04 -42.63 11.93
CA GLN C 190 1.59 -43.94 11.46
C GLN C 190 2.02 -44.08 10.01
N ARG C 191 2.85 -45.08 9.73
CA ARG C 191 3.38 -45.27 8.38
C ARG C 191 2.28 -45.35 7.35
N ASP C 192 2.33 -44.45 6.36
CA ASP C 192 1.35 -44.39 5.28
C ASP C 192 2.10 -44.29 3.96
N PRO C 193 2.29 -45.41 3.26
CA PRO C 193 3.05 -45.36 2.00
C PRO C 193 2.35 -44.59 0.89
N LEU C 194 1.04 -44.35 1.01
CA LEU C 194 0.31 -43.60 -0.01
C LEU C 194 0.42 -42.10 0.19
N LEU C 195 0.86 -41.64 1.35
CA LEU C 195 1.07 -40.22 1.59
C LEU C 195 2.42 -39.79 1.00
N GLN C 196 2.40 -38.65 0.30
CA GLN C 196 3.57 -38.19 -0.42
C GLN C 196 3.61 -36.67 -0.41
N PRO C 197 4.79 -36.05 -0.34
CA PRO C 197 4.88 -34.59 -0.40
C PRO C 197 4.83 -34.09 -1.84
N GLY C 198 3.82 -33.28 -2.13
CA GLY C 198 3.77 -32.56 -3.40
C GLY C 198 4.39 -31.18 -3.27
N ARG C 199 5.72 -31.13 -3.16
CA ARG C 199 6.40 -29.88 -2.87
C ARG C 199 6.05 -28.81 -3.89
N GLY C 200 5.73 -27.62 -3.40
CA GLY C 200 5.44 -26.50 -4.28
C GLY C 200 6.18 -25.27 -3.83
N GLN C 201 6.34 -24.33 -4.76
CA GLN C 201 7.01 -23.07 -4.52
C GLN C 201 6.24 -21.98 -5.24
N ILE C 202 5.99 -20.86 -4.57
CA ILE C 202 5.19 -19.79 -5.15
C ILE C 202 5.90 -18.46 -4.94
N MET C 203 5.61 -17.52 -5.82
CA MET C 203 6.07 -16.14 -5.72
C MET C 203 4.89 -15.23 -5.44
N LYS C 204 5.07 -14.30 -4.53
CA LYS C 204 4.06 -13.30 -4.20
C LYS C 204 4.54 -11.96 -4.71
N VAL C 205 3.80 -11.38 -5.67
CA VAL C 205 4.24 -10.22 -6.41
C VAL C 205 3.20 -9.11 -6.26
N ASP C 206 3.67 -7.86 -6.37
CA ASP C 206 2.80 -6.69 -6.27
C ASP C 206 2.38 -6.28 -7.68
N ALA C 207 1.20 -6.72 -8.10
CA ALA C 207 0.64 -6.39 -9.40
C ALA C 207 -0.86 -6.24 -9.26
N PRO C 208 -1.32 -5.14 -8.66
CA PRO C 208 -2.74 -5.02 -8.31
C PRO C 208 -3.67 -4.79 -9.48
N TRP C 209 -3.16 -4.64 -10.70
CA TRP C 209 -4.04 -4.54 -11.86
C TRP C 209 -4.55 -5.89 -12.34
N MET C 210 -4.03 -6.99 -11.79
CA MET C 210 -4.50 -8.32 -12.15
C MET C 210 -5.80 -8.63 -11.41
N LYS C 211 -6.89 -8.79 -12.15
CA LYS C 211 -8.19 -9.07 -11.58
C LYS C 211 -8.69 -10.48 -11.90
N HIS C 212 -7.95 -11.25 -12.68
CA HIS C 212 -8.33 -12.61 -13.04
C HIS C 212 -7.23 -13.59 -12.66
N PHE C 213 -7.64 -14.79 -12.29
CA PHE C 213 -6.68 -15.89 -12.15
C PHE C 213 -6.45 -16.52 -13.51
N ILE C 214 -5.21 -16.95 -13.76
CA ILE C 214 -4.84 -17.57 -15.02
C ILE C 214 -4.10 -18.86 -14.70
N LEU C 215 -4.74 -20.00 -14.91
CA LEU C 215 -4.14 -21.30 -14.69
C LEU C 215 -3.93 -21.97 -16.04
N THR C 216 -2.69 -22.38 -16.30
CA THR C 216 -2.37 -23.14 -17.50
C THR C 216 -2.13 -24.60 -17.13
N HIS C 217 -2.34 -25.48 -18.10
CA HIS C 217 -2.31 -26.91 -17.85
C HIS C 217 -1.53 -27.64 -18.94
N ASP C 218 -0.75 -28.64 -18.52
CA ASP C 218 -0.06 -29.53 -19.45
C ASP C 218 0.03 -30.88 -18.75
N PRO C 219 -0.82 -31.85 -19.13
CA PRO C 219 -0.86 -33.12 -18.39
C PRO C 219 0.44 -33.90 -18.44
N GLU C 220 1.24 -33.76 -19.51
CA GLU C 220 2.50 -34.48 -19.57
C GLU C 220 3.46 -34.04 -18.47
N ARG C 221 3.35 -32.79 -18.01
CA ARG C 221 4.13 -32.31 -16.88
C ARG C 221 3.43 -32.51 -15.54
N GLY C 222 2.15 -32.86 -15.56
CA GLY C 222 1.39 -33.00 -14.32
C GLY C 222 0.67 -31.72 -13.94
N ILE C 223 -0.30 -31.86 -13.04
CA ILE C 223 -1.11 -30.72 -12.64
C ILE C 223 -0.27 -29.76 -11.80
N TYR C 224 -0.52 -28.46 -12.01
CA TYR C 224 0.15 -27.37 -11.28
C TYR C 224 1.66 -27.39 -11.49
N ASN C 225 2.15 -28.14 -12.48
CA ASN C 225 3.51 -28.00 -12.98
C ASN C 225 3.55 -27.12 -14.22
N SER C 226 2.68 -26.13 -14.28
CA SER C 226 2.51 -25.22 -15.40
C SER C 226 2.17 -23.85 -14.83
N PRO C 227 2.61 -22.78 -15.48
CA PRO C 227 2.49 -21.44 -14.89
C PRO C 227 1.05 -21.10 -14.52
N TYR C 228 0.87 -20.56 -13.32
CA TYR C 228 -0.44 -20.05 -12.90
C TYR C 228 -0.25 -18.74 -12.14
N ILE C 229 -1.27 -17.89 -12.24
CA ILE C 229 -1.26 -16.55 -11.67
C ILE C 229 -2.57 -16.35 -10.91
N ILE C 230 -2.48 -16.16 -9.60
CA ILE C 230 -3.66 -16.06 -8.75
C ILE C 230 -3.63 -14.77 -7.93
N PRO C 231 -4.40 -13.74 -8.31
CA PRO C 231 -4.40 -12.50 -7.53
C PRO C 231 -5.12 -12.68 -6.19
N GLY C 232 -4.50 -12.16 -5.13
CA GLY C 232 -5.10 -12.12 -3.82
C GLY C 232 -5.53 -10.73 -3.43
N THR C 233 -5.81 -10.58 -2.13
CA THR C 233 -6.24 -9.27 -1.63
C THR C 233 -5.14 -8.24 -1.75
N GLN C 234 -3.94 -8.56 -1.25
CA GLN C 234 -2.83 -7.62 -1.22
C GLN C 234 -1.68 -8.02 -2.15
N THR C 235 -1.75 -9.18 -2.80
CA THR C 235 -0.62 -9.70 -3.55
C THR C 235 -1.13 -10.59 -4.67
N VAL C 236 -0.25 -10.89 -5.61
CA VAL C 236 -0.54 -11.79 -6.73
C VAL C 236 0.38 -13.00 -6.59
N THR C 237 -0.21 -14.19 -6.55
CA THR C 237 0.54 -15.43 -6.40
C THR C 237 0.99 -15.94 -7.77
N LEU C 238 2.29 -16.20 -7.91
CA LEU C 238 2.86 -16.82 -9.10
C LEU C 238 3.40 -18.18 -8.70
N GLY C 239 2.94 -19.22 -9.39
CA GLY C 239 3.36 -20.57 -9.08
C GLY C 239 3.54 -21.45 -10.30
N GLY C 240 3.47 -22.76 -10.10
CA GLY C 240 3.65 -23.71 -11.20
C GLY C 240 4.65 -24.81 -10.93
N ILE C 241 4.94 -25.09 -9.66
CA ILE C 241 5.88 -26.14 -9.28
C ILE C 241 5.12 -27.23 -8.51
N PHE C 242 5.34 -28.48 -8.93
CA PHE C 242 4.71 -29.64 -8.28
C PHE C 242 5.72 -30.79 -8.41
N GLN C 243 6.50 -31.01 -7.35
CA GLN C 243 7.57 -32.01 -7.36
C GLN C 243 7.29 -33.05 -6.29
N LEU C 244 6.97 -34.27 -6.72
CA LEU C 244 6.70 -35.35 -5.78
C LEU C 244 7.97 -35.81 -5.08
N GLY C 245 7.84 -36.17 -3.81
CA GLY C 245 8.95 -36.75 -3.07
C GLY C 245 10.05 -35.79 -2.66
N ASN C 246 9.86 -34.48 -2.84
CA ASN C 246 10.84 -33.49 -2.46
C ASN C 246 10.49 -32.91 -1.10
N TRP C 247 11.37 -33.07 -0.13
CA TRP C 247 11.14 -32.62 1.23
C TRP C 247 11.92 -31.37 1.58
N SER C 248 12.49 -30.68 0.58
CA SER C 248 13.34 -29.51 0.83
C SER C 248 12.45 -28.29 1.05
N GLU C 249 12.34 -27.87 2.32
CA GLU C 249 11.60 -26.65 2.66
C GLU C 249 12.53 -25.45 2.47
N LEU C 250 12.87 -25.20 1.21
CA LEU C 250 13.83 -24.16 0.85
C LEU C 250 13.52 -23.67 -0.55
N ASN C 251 13.50 -22.35 -0.71
CA ASN C 251 13.22 -21.77 -2.02
C ASN C 251 14.37 -22.03 -2.98
N ASN C 252 14.04 -22.57 -4.15
CA ASN C 252 15.03 -22.95 -5.15
C ASN C 252 15.14 -21.87 -6.22
N ILE C 253 16.38 -21.60 -6.64
CA ILE C 253 16.61 -20.60 -7.67
C ILE C 253 16.05 -21.06 -9.01
N GLN C 254 16.24 -22.33 -9.36
CA GLN C 254 15.72 -22.84 -10.62
C GLN C 254 14.20 -22.84 -10.63
N ASP C 255 13.57 -23.18 -9.49
CA ASP C 255 12.12 -23.09 -9.41
C ASP C 255 11.66 -21.63 -9.46
N HIS C 256 12.44 -20.73 -8.85
CA HIS C 256 12.14 -19.30 -8.96
C HIS C 256 12.17 -18.85 -10.42
N ASN C 257 13.17 -19.31 -11.17
CA ASN C 257 13.27 -18.91 -12.59
C ASN C 257 12.15 -19.55 -13.41
N THR C 258 11.78 -20.79 -13.10
CA THR C 258 10.69 -21.44 -13.82
C THR C 258 9.38 -20.70 -13.60
N ILE C 259 9.08 -20.33 -12.35
CA ILE C 259 7.87 -19.57 -12.06
C ILE C 259 7.90 -18.23 -12.78
N TRP C 260 9.02 -17.50 -12.68
CA TRP C 260 9.09 -16.15 -13.24
C TRP C 260 8.98 -16.17 -14.76
N GLU C 261 9.78 -17.01 -15.42
CA GLU C 261 9.75 -17.06 -16.88
C GLU C 261 8.41 -17.54 -17.39
N GLY C 262 7.77 -18.46 -16.68
CA GLY C 262 6.50 -19.01 -17.15
C GLY C 262 5.37 -17.99 -17.08
N CYS C 263 5.22 -17.34 -15.93
CA CYS C 263 4.14 -16.36 -15.78
C CYS C 263 4.40 -15.10 -16.58
N CYS C 264 5.67 -14.72 -16.74
CA CYS C 264 5.99 -13.53 -17.53
C CYS C 264 5.68 -13.75 -18.99
N ARG C 265 5.95 -14.95 -19.51
CA ARG C 265 5.54 -15.29 -20.87
C ARG C 265 4.03 -15.33 -20.98
N LEU C 266 3.34 -15.74 -19.91
CA LEU C 266 1.89 -15.84 -19.92
C LEU C 266 1.22 -14.48 -19.81
N GLU C 267 1.84 -13.54 -19.08
CA GLU C 267 1.29 -12.19 -18.92
C GLU C 267 2.46 -11.22 -18.85
N PRO C 268 2.83 -10.63 -19.98
CA PRO C 268 4.05 -9.79 -20.01
C PRO C 268 4.00 -8.57 -19.11
N THR C 269 2.84 -8.19 -18.59
CA THR C 269 2.78 -7.04 -17.68
C THR C 269 3.42 -7.32 -16.34
N LEU C 270 3.81 -8.58 -16.07
CA LEU C 270 4.43 -8.94 -14.80
C LEU C 270 5.92 -8.62 -14.74
N LYS C 271 6.52 -8.16 -15.86
CA LYS C 271 7.96 -7.93 -15.87
C LYS C 271 8.38 -6.84 -14.90
N ASN C 272 7.54 -5.84 -14.69
CA ASN C 272 7.85 -4.73 -13.79
C ASN C 272 7.11 -4.83 -12.46
N ALA C 273 6.52 -5.98 -12.15
CA ALA C 273 5.86 -6.18 -10.87
C ALA C 273 6.92 -6.47 -9.80
N ARG C 274 6.81 -5.78 -8.67
CA ARG C 274 7.79 -5.94 -7.60
C ARG C 274 7.54 -7.22 -6.82
N ILE C 275 8.59 -8.01 -6.63
CA ILE C 275 8.49 -9.24 -5.86
C ILE C 275 8.47 -8.90 -4.38
N ILE C 276 7.47 -9.42 -3.68
CA ILE C 276 7.30 -9.16 -2.25
C ILE C 276 7.79 -10.31 -1.39
N GLY C 277 7.53 -11.55 -1.82
CA GLY C 277 7.95 -12.71 -1.06
C GLY C 277 7.90 -13.96 -1.89
N GLU C 278 8.48 -15.02 -1.32
CA GLU C 278 8.54 -16.32 -1.96
C GLU C 278 8.51 -17.40 -0.89
N ARG C 279 7.71 -18.44 -1.12
CA ARG C 279 7.46 -19.46 -0.10
C ARG C 279 7.53 -20.84 -0.73
N THR C 280 7.70 -21.84 0.13
CA THR C 280 7.75 -23.24 -0.27
C THR C 280 6.86 -24.05 0.66
N GLY C 281 6.00 -24.89 0.09
CA GLY C 281 5.10 -25.72 0.87
C GLY C 281 5.04 -27.13 0.33
N PHE C 282 4.40 -28.01 1.10
CA PHE C 282 4.31 -29.42 0.79
C PHE C 282 2.84 -29.83 0.70
N ARG C 283 2.39 -30.15 -0.50
CA ARG C 283 1.03 -30.67 -0.66
C ARG C 283 0.96 -32.10 -0.12
N PRO C 284 0.02 -32.40 0.77
CA PRO C 284 -0.13 -33.80 1.27
C PRO C 284 -0.79 -34.70 0.23
N VAL C 285 0.04 -35.18 -0.70
CA VAL C 285 -0.47 -35.95 -1.83
C VAL C 285 -0.85 -37.35 -1.36
N ARG C 286 -2.07 -37.77 -1.69
CA ARG C 286 -2.55 -39.12 -1.50
C ARG C 286 -3.49 -39.44 -2.64
N PRO C 287 -3.55 -40.70 -3.07
CA PRO C 287 -4.51 -41.05 -4.13
C PRO C 287 -5.95 -40.77 -3.76
N GLN C 288 -6.22 -40.60 -2.47
CA GLN C 288 -7.55 -40.28 -1.95
C GLN C 288 -7.38 -39.82 -0.51
N ILE C 289 -8.17 -38.82 -0.10
CA ILE C 289 -8.09 -38.31 1.26
C ILE C 289 -8.41 -39.43 2.24
N ARG C 290 -7.63 -39.52 3.31
CA ARG C 290 -7.90 -40.47 4.39
C ARG C 290 -8.77 -39.77 5.43
N LEU C 291 -10.08 -40.02 5.36
CA LEU C 291 -11.05 -39.45 6.29
C LEU C 291 -11.82 -40.63 6.87
N GLU C 292 -11.32 -41.19 7.96
CA GLU C 292 -11.85 -42.42 8.50
C GLU C 292 -11.56 -42.49 10.00
N ARG C 293 -12.21 -43.43 10.66
CA ARG C 293 -12.03 -43.68 12.08
C ARG C 293 -11.04 -44.82 12.30
N GLU C 294 -10.56 -44.92 13.53
CA GLU C 294 -9.59 -45.95 13.90
C GLU C 294 -9.57 -46.09 15.41
N GLN C 295 -9.93 -47.27 15.91
CA GLN C 295 -9.79 -47.58 17.33
C GLN C 295 -8.35 -47.98 17.62
N LEU C 296 -7.69 -47.26 18.53
CA LEU C 296 -6.27 -47.43 18.74
C LEU C 296 -5.99 -48.64 19.63
N ARG C 297 -4.95 -49.38 19.28
CA ARG C 297 -4.70 -50.69 19.89
C ARG C 297 -4.16 -50.58 21.31
N THR C 298 -3.37 -49.56 21.60
CA THR C 298 -2.58 -49.52 22.82
C THR C 298 -3.43 -49.05 24.00
N GLY C 299 -2.89 -49.27 25.20
CA GLY C 299 -3.52 -48.83 26.42
C GLY C 299 -4.40 -49.89 27.05
N PRO C 300 -4.69 -49.73 28.35
CA PRO C 300 -5.69 -50.61 28.98
C PRO C 300 -7.01 -50.64 28.24
N SER C 301 -7.48 -49.50 27.76
CA SER C 301 -8.72 -49.40 27.00
C SER C 301 -8.42 -48.88 25.60
N ASN C 302 -9.49 -48.61 24.85
CA ASN C 302 -9.38 -48.13 23.47
C ASN C 302 -9.52 -46.62 23.43
N THR C 303 -8.64 -45.98 22.66
CA THR C 303 -8.73 -44.55 22.37
C THR C 303 -9.09 -44.36 20.90
N GLU C 304 -10.09 -43.52 20.63
CA GLU C 304 -10.59 -43.35 19.29
C GLU C 304 -9.73 -42.35 18.52
N VAL C 305 -9.52 -42.63 17.23
CA VAL C 305 -8.70 -41.80 16.36
C VAL C 305 -9.47 -41.52 15.07
N ILE C 306 -9.53 -40.26 14.68
CA ILE C 306 -10.16 -39.84 13.43
C ILE C 306 -9.06 -39.24 12.54
N HIS C 307 -8.86 -39.84 11.37
CA HIS C 307 -7.87 -39.36 10.42
C HIS C 307 -8.49 -38.35 9.47
N ASN C 308 -7.77 -37.26 9.23
CA ASN C 308 -8.19 -36.26 8.24
C ASN C 308 -6.93 -35.64 7.63
N TYR C 309 -6.46 -36.23 6.54
CA TYR C 309 -5.26 -35.76 5.87
C TYR C 309 -5.21 -36.38 4.48
N GLY C 310 -4.35 -35.80 3.64
CA GLY C 310 -4.21 -36.23 2.27
C GLY C 310 -4.98 -35.40 1.26
N HIS C 311 -5.16 -34.11 1.51
CA HIS C 311 -5.95 -33.25 0.63
C HIS C 311 -5.15 -32.67 -0.52
N GLY C 312 -3.85 -32.96 -0.60
CA GLY C 312 -3.07 -32.59 -1.76
C GLY C 312 -3.06 -31.09 -2.01
N GLY C 313 -3.28 -30.72 -3.27
CA GLY C 313 -3.30 -29.32 -3.65
C GLY C 313 -4.68 -28.71 -3.70
N TYR C 314 -5.62 -29.26 -2.92
CA TYR C 314 -6.98 -28.74 -2.88
C TYR C 314 -7.55 -28.75 -1.47
N GLY C 315 -6.69 -28.54 -0.46
CA GLY C 315 -7.17 -28.59 0.91
C GLY C 315 -8.20 -27.52 1.23
N LEU C 316 -7.89 -26.27 0.89
CA LEU C 316 -8.85 -25.19 1.12
C LEU C 316 -10.10 -25.38 0.26
N THR C 317 -9.96 -26.01 -0.90
CA THR C 317 -11.10 -26.25 -1.78
C THR C 317 -12.10 -27.21 -1.16
N ILE C 318 -11.64 -28.08 -0.26
CA ILE C 318 -12.44 -29.22 0.22
C ILE C 318 -12.55 -29.27 1.74
N HIS C 319 -12.01 -28.28 2.46
CA HIS C 319 -11.84 -28.41 3.90
C HIS C 319 -13.18 -28.52 4.64
N TRP C 320 -14.19 -27.76 4.21
CA TRP C 320 -15.44 -27.72 4.97
C TRP C 320 -16.22 -29.03 4.84
N GLY C 321 -16.23 -29.61 3.64
CA GLY C 321 -16.85 -30.92 3.49
C GLY C 321 -16.16 -31.97 4.34
N CYS C 322 -14.83 -31.90 4.43
CA CYS C 322 -14.10 -32.82 5.30
C CYS C 322 -14.38 -32.54 6.78
N ALA C 323 -14.58 -31.27 7.13
CA ALA C 323 -14.85 -30.94 8.52
C ALA C 323 -16.21 -31.46 8.97
N LEU C 324 -17.22 -31.33 8.11
CA LEU C 324 -18.54 -31.86 8.45
C LEU C 324 -18.53 -33.38 8.51
N GLU C 325 -17.82 -34.02 7.58
CA GLU C 325 -17.75 -35.48 7.58
C GLU C 325 -17.00 -36.00 8.80
N ALA C 326 -15.93 -35.31 9.22
CA ALA C 326 -15.23 -35.68 10.43
C ALA C 326 -16.11 -35.47 11.66
N ALA C 327 -17.04 -34.52 11.61
CA ALA C 327 -17.96 -34.33 12.72
C ALA C 327 -19.00 -35.45 12.80
N LYS C 328 -19.42 -35.96 11.64
CA LYS C 328 -20.35 -37.09 11.64
C LYS C 328 -19.70 -38.33 12.26
N LEU C 329 -18.45 -38.61 11.89
CA LEU C 329 -17.74 -39.73 12.50
C LEU C 329 -17.55 -39.53 13.99
N PHE C 330 -17.42 -38.28 14.44
CA PHE C 330 -17.38 -38.00 15.86
C PHE C 330 -18.71 -38.30 16.53
N GLY C 331 -19.82 -38.11 15.82
CA GLY C 331 -21.12 -38.41 16.39
C GLY C 331 -21.33 -39.90 16.58
N ARG C 332 -20.84 -40.72 15.64
CA ARG C 332 -20.95 -42.16 15.79
C ARG C 332 -20.14 -42.67 16.98
N ILE C 333 -19.03 -42.00 17.29
CA ILE C 333 -18.27 -42.35 18.49
C ILE C 333 -19.12 -42.12 19.73
N LEU C 334 -19.90 -41.04 19.76
CA LEU C 334 -20.76 -40.77 20.90
C LEU C 334 -21.87 -41.81 21.02
N GLU C 335 -22.40 -42.27 19.88
CA GLU C 335 -23.47 -43.26 19.93
C GLU C 335 -22.95 -44.62 20.38
N GLU C 336 -21.72 -44.97 19.97
CA GLU C 336 -21.17 -46.26 20.37
C GLU C 336 -20.80 -46.28 21.84
N LYS C 337 -20.42 -45.14 22.40
CA LYS C 337 -20.25 -45.01 23.84
C LYS C 337 -21.56 -44.70 24.56
N LYS C 338 -22.66 -44.59 23.81
CA LYS C 338 -23.98 -44.27 24.35
C LYS C 338 -23.97 -42.95 25.12
N LEU C 339 -23.15 -42.00 24.66
CA LEU C 339 -23.15 -40.64 25.18
C LEU C 339 -24.01 -39.71 24.33
N SER C 340 -24.76 -40.24 23.38
CA SER C 340 -25.58 -39.43 22.48
C SER C 340 -27.04 -39.86 22.54
N MET D 1 2.26 24.86 -41.20
CA MET D 1 0.94 24.59 -40.64
C MET D 1 0.99 24.52 -39.12
N ARG D 2 0.40 25.50 -38.47
CA ARG D 2 0.38 25.59 -37.01
C ARG D 2 -0.96 25.08 -36.50
N VAL D 3 -0.92 24.06 -35.64
CA VAL D 3 -2.11 23.45 -35.08
C VAL D 3 -2.15 23.74 -33.59
N VAL D 4 -3.32 24.16 -33.10
CA VAL D 4 -3.52 24.46 -31.68
C VAL D 4 -4.67 23.61 -31.18
N VAL D 5 -4.38 22.69 -30.27
CA VAL D 5 -5.39 21.84 -29.66
C VAL D 5 -5.73 22.45 -28.31
N ILE D 6 -7.02 22.73 -28.09
CA ILE D 6 -7.50 23.29 -26.84
C ILE D 6 -8.09 22.17 -26.00
N GLY D 7 -7.49 21.91 -24.85
CA GLY D 7 -8.00 20.84 -23.98
C GLY D 7 -6.95 19.77 -23.77
N ALA D 8 -6.67 19.48 -22.49
CA ALA D 8 -5.69 18.48 -22.11
C ALA D 8 -6.33 17.24 -21.50
N GLY D 9 -7.62 17.03 -21.74
CA GLY D 9 -8.29 15.81 -21.33
C GLY D 9 -7.95 14.66 -22.27
N VAL D 10 -8.69 13.57 -22.09
CA VAL D 10 -8.46 12.39 -22.93
C VAL D 10 -8.77 12.71 -24.38
N ILE D 11 -9.74 13.60 -24.63
CA ILE D 11 -10.10 13.90 -26.01
C ILE D 11 -9.03 14.78 -26.66
N GLY D 12 -8.56 15.79 -25.94
CA GLY D 12 -7.55 16.67 -26.51
C GLY D 12 -6.19 16.00 -26.67
N LEU D 13 -5.75 15.28 -25.65
CA LEU D 13 -4.43 14.68 -25.69
C LEU D 13 -4.36 13.55 -26.72
N SER D 14 -5.39 12.71 -26.78
CA SER D 14 -5.38 11.63 -27.75
C SER D 14 -5.49 12.16 -29.18
N THR D 15 -6.35 13.16 -29.39
CA THR D 15 -6.46 13.75 -30.72
C THR D 15 -5.16 14.40 -31.15
N ALA D 16 -4.54 15.16 -30.26
CA ALA D 16 -3.24 15.76 -30.57
C ALA D 16 -2.21 14.69 -30.90
N LEU D 17 -2.16 13.63 -30.09
CA LEU D 17 -1.24 12.53 -30.37
C LEU D 17 -1.59 11.84 -31.67
N CYS D 18 -2.88 11.60 -31.92
CA CYS D 18 -3.30 10.88 -33.11
C CYS D 18 -3.05 11.70 -34.38
N ILE D 19 -3.18 13.02 -34.30
CA ILE D 19 -2.91 13.86 -35.46
C ILE D 19 -1.43 13.83 -35.81
N HIS D 20 -0.57 13.98 -34.80
CA HIS D 20 0.87 13.97 -35.04
C HIS D 20 1.34 12.60 -35.54
N GLU D 21 0.65 11.53 -35.14
CA GLU D 21 1.02 10.19 -35.59
C GLU D 21 0.95 10.08 -37.11
N ARG D 22 -0.03 10.73 -37.73
CA ARG D 22 -0.39 10.45 -39.11
C ARG D 22 0.11 11.50 -40.11
N TYR D 23 0.51 12.68 -39.66
CA TYR D 23 0.83 13.77 -40.58
C TYR D 23 2.13 14.48 -40.24
N HIS D 24 2.94 13.94 -39.33
CA HIS D 24 4.24 14.57 -39.06
C HIS D 24 5.24 14.26 -40.16
N SER D 25 5.07 13.16 -40.88
CA SER D 25 5.93 12.83 -42.02
C SER D 25 5.42 13.42 -43.32
N VAL D 26 4.11 13.65 -43.41
CA VAL D 26 3.53 14.26 -44.61
C VAL D 26 3.72 15.77 -44.64
N LEU D 27 3.99 16.39 -43.49
CA LEU D 27 4.02 17.84 -43.36
C LEU D 27 5.34 18.27 -42.75
N GLN D 28 6.04 19.19 -43.42
CA GLN D 28 7.33 19.64 -42.90
C GLN D 28 7.16 20.54 -41.68
N PRO D 29 6.45 21.69 -41.76
CA PRO D 29 6.30 22.53 -40.56
C PRO D 29 5.03 22.22 -39.79
N LEU D 30 5.00 21.09 -39.09
CA LEU D 30 3.84 20.68 -38.30
C LEU D 30 4.14 21.02 -36.84
N ASP D 31 3.80 22.24 -36.45
CA ASP D 31 3.97 22.72 -35.08
C ASP D 31 2.63 22.55 -34.36
N ILE D 32 2.58 21.58 -33.45
CA ILE D 32 1.37 21.29 -32.68
C ILE D 32 1.57 21.81 -31.27
N LYS D 33 0.65 22.64 -30.80
CA LYS D 33 0.65 23.15 -29.45
C LYS D 33 -0.66 22.80 -28.77
N VAL D 34 -0.60 22.56 -27.47
CA VAL D 34 -1.77 22.24 -26.67
C VAL D 34 -1.99 23.37 -25.67
N TYR D 35 -3.14 24.04 -25.80
CA TYR D 35 -3.57 25.06 -24.84
C TYR D 35 -4.62 24.44 -23.94
N ALA D 36 -4.46 24.61 -22.63
CA ALA D 36 -5.39 24.02 -21.69
C ALA D 36 -5.52 24.89 -20.46
N ASP D 37 -6.73 24.92 -19.89
CA ASP D 37 -6.97 25.62 -18.63
C ASP D 37 -6.44 24.81 -17.45
N ARG D 38 -6.68 23.50 -17.45
CA ARG D 38 -6.19 22.62 -16.41
C ARG D 38 -5.64 21.35 -17.02
N PHE D 39 -4.68 20.74 -16.33
CA PHE D 39 -4.04 19.50 -16.74
C PHE D 39 -4.29 18.43 -15.67
N THR D 40 -3.61 17.30 -15.83
CA THR D 40 -3.63 16.28 -14.79
C THR D 40 -3.08 16.86 -13.49
N PRO D 41 -3.62 16.45 -12.33
CA PRO D 41 -4.78 15.56 -12.23
C PRO D 41 -6.07 16.33 -11.94
N LEU D 42 -6.30 17.40 -12.68
CA LEU D 42 -7.41 18.32 -12.39
C LEU D 42 -8.42 18.40 -13.53
N THR D 43 -8.53 17.35 -14.34
CA THR D 43 -9.48 17.30 -15.43
C THR D 43 -10.60 16.31 -15.14
N THR D 44 -11.67 16.40 -15.94
CA THR D 44 -12.79 15.48 -15.77
C THR D 44 -12.37 14.03 -16.04
N THR D 45 -11.41 13.84 -16.95
CA THR D 45 -10.91 12.48 -17.21
C THR D 45 -10.27 11.87 -15.98
N ASP D 46 -9.66 12.70 -15.12
CA ASP D 46 -9.05 12.19 -13.90
C ASP D 46 -10.08 11.66 -12.92
N VAL D 47 -11.30 12.19 -12.96
CA VAL D 47 -12.35 11.74 -12.04
C VAL D 47 -12.91 10.39 -12.48
N ALA D 48 -12.99 10.15 -13.79
CA ALA D 48 -13.63 8.95 -14.31
C ALA D 48 -12.95 7.69 -13.78
N ALA D 49 -13.75 6.64 -13.55
CA ALA D 49 -13.20 5.37 -13.13
C ALA D 49 -12.41 4.71 -14.26
N GLY D 50 -12.85 4.88 -15.50
CA GLY D 50 -12.14 4.35 -16.65
C GLY D 50 -12.70 3.10 -17.26
N LEU D 51 -13.87 2.65 -16.82
CA LEU D 51 -14.47 1.44 -17.37
C LEU D 51 -14.93 1.68 -18.80
N TRP D 52 -14.63 0.72 -19.68
CA TRP D 52 -15.14 0.76 -21.06
C TRP D 52 -16.55 0.19 -21.04
N GLN D 53 -17.54 1.08 -21.16
CA GLN D 53 -18.92 0.68 -21.37
C GLN D 53 -19.70 1.87 -21.93
N PRO D 54 -20.28 1.75 -23.11
CA PRO D 54 -21.17 2.81 -23.62
C PRO D 54 -22.53 2.73 -22.95
N TYR D 55 -23.39 3.68 -23.32
CA TYR D 55 -24.75 3.69 -22.81
C TYR D 55 -25.51 2.44 -23.27
N LEU D 56 -26.60 2.14 -22.57
CA LEU D 56 -27.36 0.92 -22.89
C LEU D 56 -28.18 1.09 -24.16
N SER D 57 -28.70 2.29 -24.40
CA SER D 57 -29.47 2.56 -25.60
C SER D 57 -28.54 2.96 -26.75
N ASP D 58 -29.02 2.74 -27.97
CA ASP D 58 -28.22 3.03 -29.15
C ASP D 58 -27.91 4.52 -29.23
N PRO D 59 -26.76 4.90 -29.80
CA PRO D 59 -26.20 6.22 -29.56
C PRO D 59 -26.82 7.36 -30.36
N ASN D 60 -27.88 7.13 -31.13
CA ASN D 60 -28.54 8.13 -31.96
C ASN D 60 -27.66 8.57 -33.13
N ASN D 61 -26.41 8.09 -33.19
CA ASN D 61 -25.52 8.34 -34.32
C ASN D 61 -24.68 7.08 -34.45
N PRO D 62 -25.06 6.18 -35.36
CA PRO D 62 -24.50 4.82 -35.33
C PRO D 62 -22.98 4.75 -35.48
N GLN D 63 -22.34 5.80 -35.98
CA GLN D 63 -20.88 5.76 -36.07
C GLN D 63 -20.23 5.93 -34.70
N GLU D 64 -20.98 6.41 -33.70
CA GLU D 64 -20.47 6.41 -32.33
C GLU D 64 -20.27 4.99 -31.83
N ALA D 65 -21.13 4.05 -32.27
CA ALA D 65 -20.98 2.66 -31.87
C ALA D 65 -19.65 2.08 -32.38
N ASP D 66 -19.26 2.45 -33.59
CA ASP D 66 -17.99 1.97 -34.13
C ASP D 66 -16.79 2.70 -33.52
N TRP D 67 -16.95 3.98 -33.19
CA TRP D 67 -15.89 4.70 -32.50
C TRP D 67 -15.57 4.04 -31.17
N SER D 68 -16.60 3.55 -30.47
CA SER D 68 -16.38 2.79 -29.24
C SER D 68 -15.72 1.45 -29.54
N GLN D 69 -16.14 0.80 -30.63
CA GLN D 69 -15.58 -0.50 -30.97
C GLN D 69 -14.12 -0.38 -31.39
N GLN D 70 -13.78 0.66 -32.14
CA GLN D 70 -12.38 0.89 -32.50
C GLN D 70 -11.53 1.13 -31.26
N THR D 71 -12.08 1.83 -30.26
CA THR D 71 -11.34 2.09 -29.04
C THR D 71 -11.09 0.79 -28.26
N PHE D 72 -12.10 -0.09 -28.19
CA PHE D 72 -11.93 -1.33 -27.46
C PHE D 72 -10.91 -2.24 -28.13
N ASP D 73 -11.00 -2.37 -29.46
CA ASP D 73 -10.04 -3.21 -30.18
C ASP D 73 -8.63 -2.67 -30.05
N TYR D 74 -8.48 -1.34 -30.05
CA TYR D 74 -7.16 -0.73 -29.91
C TYR D 74 -6.56 -1.02 -28.54
N LEU D 75 -7.34 -0.80 -27.48
CA LEU D 75 -6.84 -1.03 -26.13
C LEU D 75 -6.60 -2.50 -25.87
N LEU D 76 -7.47 -3.38 -26.39
CA LEU D 76 -7.32 -4.81 -26.15
C LEU D 76 -6.05 -5.36 -26.77
N SER D 77 -5.64 -4.82 -27.92
CA SER D 77 -4.41 -5.25 -28.57
C SER D 77 -3.16 -4.82 -27.81
N HIS D 78 -3.31 -4.02 -26.75
CA HIS D 78 -2.18 -3.56 -25.95
C HIS D 78 -2.30 -3.95 -24.48
N VAL D 79 -3.33 -4.69 -24.10
CA VAL D 79 -3.55 -4.99 -22.69
C VAL D 79 -2.48 -5.92 -22.14
N HIS D 80 -1.81 -6.70 -22.99
CA HIS D 80 -0.72 -7.55 -22.58
C HIS D 80 0.64 -7.01 -23.00
N SER D 81 0.68 -5.85 -23.64
CA SER D 81 1.95 -5.20 -23.91
C SER D 81 2.56 -4.71 -22.60
N PRO D 82 3.89 -4.79 -22.44
CA PRO D 82 4.49 -4.49 -21.14
C PRO D 82 4.29 -3.06 -20.66
N ASN D 83 3.90 -2.11 -21.51
CA ASN D 83 3.63 -0.75 -21.06
C ASN D 83 2.18 -0.54 -20.63
N ALA D 84 1.37 -1.61 -20.58
CA ALA D 84 -0.01 -1.46 -20.16
C ALA D 84 -0.13 -0.92 -18.74
N GLU D 85 0.86 -1.21 -17.89
CA GLU D 85 0.88 -0.63 -16.55
C GLU D 85 1.01 0.89 -16.61
N ASN D 86 1.83 1.39 -17.54
CA ASN D 86 1.97 2.83 -17.71
C ASN D 86 0.70 3.46 -18.27
N LEU D 87 -0.04 2.73 -19.11
CA LEU D 87 -1.30 3.22 -19.63
C LEU D 87 -2.41 3.19 -18.60
N GLY D 88 -2.24 2.42 -17.52
CA GLY D 88 -3.34 2.19 -16.61
C GLY D 88 -4.40 1.29 -17.19
N LEU D 89 -4.00 0.32 -18.01
CA LEU D 89 -4.93 -0.51 -18.77
C LEU D 89 -4.88 -1.94 -18.26
N PHE D 90 -6.05 -2.54 -18.05
CA PHE D 90 -6.14 -3.92 -17.62
C PHE D 90 -7.55 -4.43 -17.86
N LEU D 91 -7.67 -5.75 -17.92
CA LEU D 91 -8.96 -6.43 -18.07
C LEU D 91 -9.69 -6.52 -16.74
N ILE D 92 -11.01 -6.44 -16.81
CA ILE D 92 -11.85 -6.64 -15.62
C ILE D 92 -13.22 -7.14 -16.06
N SER D 93 -13.72 -8.15 -15.35
CA SER D 93 -15.06 -8.66 -15.56
C SER D 93 -15.99 -8.09 -14.49
N GLY D 94 -17.29 -8.21 -14.73
CA GLY D 94 -18.22 -7.68 -13.76
C GLY D 94 -19.65 -7.92 -14.18
N TYR D 95 -20.56 -7.38 -13.35
CA TYR D 95 -22.00 -7.60 -13.49
C TYR D 95 -22.70 -6.30 -13.86
N ASN D 96 -23.85 -6.45 -14.52
CA ASN D 96 -24.76 -5.33 -14.80
C ASN D 96 -26.13 -5.73 -14.29
N LEU D 97 -26.60 -5.09 -13.23
CA LEU D 97 -27.79 -5.52 -12.52
C LEU D 97 -29.00 -4.66 -12.89
N PHE D 98 -30.14 -5.31 -13.05
CA PHE D 98 -31.39 -4.64 -13.38
C PHE D 98 -32.52 -5.22 -12.54
N HIS D 99 -33.61 -4.45 -12.44
CA HIS D 99 -34.81 -4.92 -11.78
C HIS D 99 -35.72 -5.71 -12.72
N GLU D 100 -35.72 -5.37 -14.01
CA GLU D 100 -36.53 -6.07 -15.01
C GLU D 100 -35.67 -6.41 -16.22
N ALA D 101 -36.18 -7.30 -17.06
CA ALA D 101 -35.42 -7.79 -18.21
C ALA D 101 -35.27 -6.70 -19.26
N ILE D 102 -34.08 -6.63 -19.85
CA ILE D 102 -33.71 -5.57 -20.80
C ILE D 102 -33.12 -6.24 -22.04
N PRO D 103 -33.44 -5.76 -23.25
CA PRO D 103 -32.78 -6.28 -24.45
C PRO D 103 -31.27 -6.09 -24.39
N ASP D 104 -30.55 -6.96 -25.10
CA ASP D 104 -29.10 -6.93 -25.10
C ASP D 104 -28.58 -5.61 -25.65
N PRO D 105 -27.41 -5.17 -25.21
CA PRO D 105 -26.88 -3.88 -25.65
C PRO D 105 -26.33 -3.94 -27.07
N SER D 106 -26.05 -2.76 -27.62
CA SER D 106 -25.46 -2.65 -28.94
C SER D 106 -24.04 -3.18 -28.98
N TRP D 107 -23.36 -3.27 -27.83
CA TRP D 107 -21.95 -3.63 -27.77
C TRP D 107 -21.75 -5.04 -27.21
N LYS D 108 -22.72 -5.94 -27.42
CA LYS D 108 -22.64 -7.26 -26.83
C LYS D 108 -21.56 -8.14 -27.47
N ASP D 109 -21.16 -7.84 -28.70
CA ASP D 109 -20.18 -8.67 -29.40
C ASP D 109 -18.78 -8.08 -29.41
N THR D 110 -18.59 -6.84 -28.96
CA THR D 110 -17.25 -6.30 -28.83
C THR D 110 -16.64 -6.56 -27.46
N VAL D 111 -17.47 -6.72 -26.43
CA VAL D 111 -16.97 -7.15 -25.13
C VAL D 111 -16.60 -8.62 -25.22
N LEU D 112 -15.92 -9.13 -24.20
CA LEU D 112 -15.47 -10.52 -24.17
C LEU D 112 -16.42 -11.37 -23.35
N GLY D 113 -16.87 -12.47 -23.94
CA GLY D 113 -17.69 -13.44 -23.22
C GLY D 113 -18.97 -12.90 -22.65
N PHE D 114 -19.68 -12.07 -23.40
CA PHE D 114 -20.94 -11.53 -22.92
C PHE D 114 -21.96 -12.64 -22.73
N ARG D 115 -22.71 -12.57 -21.63
CA ARG D 115 -23.74 -13.56 -21.34
C ARG D 115 -24.70 -12.95 -20.33
N LYS D 116 -25.85 -13.60 -20.19
CA LYS D 116 -26.79 -13.22 -19.16
C LYS D 116 -26.50 -13.97 -17.87
N LEU D 117 -26.95 -13.39 -16.76
CA LEU D 117 -26.60 -13.89 -15.44
C LEU D 117 -27.47 -15.09 -15.05
N THR D 118 -26.83 -16.06 -14.38
CA THR D 118 -27.47 -17.30 -13.95
C THR D 118 -28.08 -17.16 -12.56
N PRO D 119 -29.17 -17.88 -12.26
CA PRO D 119 -29.89 -17.64 -10.99
C PRO D 119 -29.01 -17.61 -9.75
N ARG D 120 -28.03 -18.52 -9.67
CA ARG D 120 -27.14 -18.54 -8.51
C ARG D 120 -26.36 -17.24 -8.37
N GLU D 121 -25.96 -16.65 -9.51
CA GLU D 121 -25.31 -15.34 -9.46
C GLU D 121 -26.29 -14.26 -9.00
N LEU D 122 -27.54 -14.29 -9.49
CA LEU D 122 -28.52 -13.30 -9.07
C LEU D 122 -28.91 -13.44 -7.61
N ASP D 123 -28.67 -14.60 -7.00
CA ASP D 123 -28.94 -14.76 -5.58
C ASP D 123 -28.01 -13.93 -4.71
N MET D 124 -26.83 -13.58 -5.22
CA MET D 124 -25.91 -12.72 -4.50
C MET D 124 -26.37 -11.27 -4.47
N PHE D 125 -27.41 -10.91 -5.23
CA PHE D 125 -27.93 -9.55 -5.29
C PHE D 125 -29.45 -9.62 -5.14
N PRO D 126 -29.96 -9.53 -3.91
CA PRO D 126 -31.41 -9.73 -3.71
C PRO D 126 -32.28 -8.68 -4.39
N ASP D 127 -31.81 -7.43 -4.43
CA ASP D 127 -32.62 -6.34 -4.97
C ASP D 127 -32.75 -6.37 -6.49
N TYR D 128 -32.12 -7.33 -7.17
CA TYR D 128 -32.12 -7.36 -8.63
C TYR D 128 -32.38 -8.78 -9.11
N GLY D 129 -33.09 -8.88 -10.24
CA GLY D 129 -33.52 -10.17 -10.74
C GLY D 129 -33.15 -10.47 -12.18
N TYR D 130 -32.33 -9.62 -12.79
CA TYR D 130 -31.88 -9.85 -14.16
C TYR D 130 -30.61 -9.06 -14.39
N GLY D 131 -29.72 -9.60 -15.22
CA GLY D 131 -28.49 -8.89 -15.50
C GLY D 131 -27.59 -9.63 -16.46
N TRP D 132 -26.44 -9.01 -16.73
CA TRP D 132 -25.43 -9.52 -17.65
C TRP D 132 -24.14 -9.83 -16.91
N PHE D 133 -23.22 -10.46 -17.64
CA PHE D 133 -21.85 -10.66 -17.19
C PHE D 133 -20.95 -10.65 -18.41
N HIS D 134 -19.82 -9.95 -18.29
CA HIS D 134 -18.87 -9.89 -19.39
C HIS D 134 -17.54 -9.39 -18.87
N THR D 135 -16.50 -9.56 -19.69
CA THR D 135 -15.17 -9.04 -19.41
C THR D 135 -14.93 -7.80 -20.25
N SER D 136 -14.45 -6.74 -19.62
CA SER D 136 -14.24 -5.47 -20.31
C SER D 136 -12.88 -4.91 -19.89
N LEU D 137 -12.66 -3.65 -20.25
CA LEU D 137 -11.40 -2.95 -20.04
C LEU D 137 -11.58 -1.79 -19.08
N ILE D 138 -10.49 -1.40 -18.43
CA ILE D 138 -10.45 -0.19 -17.61
C ILE D 138 -9.21 0.61 -18.03
N LEU D 139 -9.43 1.87 -18.41
CA LEU D 139 -8.35 2.79 -18.76
C LEU D 139 -8.38 3.94 -17.76
N GLU D 140 -7.54 3.85 -16.73
CA GLU D 140 -7.54 4.85 -15.67
C GLU D 140 -7.00 6.18 -16.21
N GLY D 141 -7.76 7.25 -15.98
CA GLY D 141 -7.45 8.52 -16.63
C GLY D 141 -6.11 9.10 -16.21
N LYS D 142 -5.82 9.09 -14.91
CA LYS D 142 -4.59 9.71 -14.43
C LYS D 142 -3.35 9.06 -15.06
N ASN D 143 -3.36 7.74 -15.17
CA ASN D 143 -2.23 7.04 -15.79
C ASN D 143 -2.22 7.27 -17.30
N TYR D 144 -3.38 7.13 -17.95
CA TYR D 144 -3.44 7.24 -19.41
C TYR D 144 -3.11 8.65 -19.86
N LEU D 145 -3.55 9.67 -19.12
CA LEU D 145 -3.32 11.04 -19.55
C LEU D 145 -1.85 11.41 -19.47
N GLN D 146 -1.17 11.00 -18.40
CA GLN D 146 0.27 11.25 -18.30
C GLN D 146 1.06 10.41 -19.29
N TRP D 147 0.53 9.26 -19.70
CA TRP D 147 1.16 8.48 -20.75
C TRP D 147 1.11 9.24 -22.08
N LEU D 148 -0.05 9.80 -22.41
CA LEU D 148 -0.17 10.60 -23.63
C LEU D 148 0.70 11.84 -23.56
N THR D 149 0.82 12.44 -22.38
CA THR D 149 1.66 13.63 -22.22
C THR D 149 3.13 13.32 -22.49
N GLU D 150 3.62 12.19 -22.01
CA GLU D 150 5.01 11.82 -22.25
C GLU D 150 5.28 11.59 -23.73
N ARG D 151 4.31 10.99 -24.44
CA ARG D 151 4.48 10.76 -25.87
C ARG D 151 4.46 12.08 -26.64
N LEU D 152 3.51 12.96 -26.31
CA LEU D 152 3.44 14.25 -26.98
C LEU D 152 4.70 15.08 -26.72
N THR D 153 5.23 14.99 -25.50
CA THR D 153 6.49 15.68 -25.21
C THR D 153 7.64 15.09 -26.02
N GLU D 154 7.67 13.76 -26.16
CA GLU D 154 8.68 13.13 -27.01
C GLU D 154 8.62 13.64 -28.44
N ARG D 155 7.41 13.86 -28.95
CA ARG D 155 7.22 14.28 -30.33
C ARG D 155 7.26 15.79 -30.51
N GLY D 156 7.80 16.51 -29.53
CA GLY D 156 7.95 17.96 -29.66
C GLY D 156 6.66 18.74 -29.68
N VAL D 157 5.66 18.30 -28.93
CA VAL D 157 4.39 19.01 -28.80
C VAL D 157 4.43 19.79 -27.50
N LYS D 158 4.57 21.11 -27.61
CA LYS D 158 4.69 21.95 -26.43
C LYS D 158 3.33 22.18 -25.78
N PHE D 159 3.34 22.29 -24.45
CA PHE D 159 2.14 22.48 -23.66
C PHE D 159 2.16 23.85 -23.01
N PHE D 160 0.98 24.47 -22.91
CA PHE D 160 0.86 25.81 -22.33
C PHE D 160 -0.41 25.86 -21.49
N GLN D 161 -0.26 26.22 -20.21
CA GLN D 161 -1.41 26.44 -19.35
C GLN D 161 -2.03 27.79 -19.70
N ARG D 162 -3.27 27.77 -20.18
CA ARG D 162 -3.81 28.93 -20.88
C ARG D 162 -5.33 28.82 -20.94
N LYS D 163 -6.02 29.91 -20.60
CA LYS D 163 -7.47 29.97 -20.71
C LYS D 163 -7.82 30.72 -21.99
N VAL D 164 -8.27 29.97 -23.00
CA VAL D 164 -8.63 30.57 -24.28
C VAL D 164 -10.01 31.19 -24.17
N GLU D 165 -10.10 32.48 -24.48
CA GLU D 165 -11.37 33.20 -24.36
C GLU D 165 -12.17 33.22 -25.65
N SER D 166 -11.54 32.98 -26.80
CA SER D 166 -12.25 32.97 -28.07
C SER D 166 -11.41 32.28 -29.13
N PHE D 167 -12.10 31.66 -30.10
CA PHE D 167 -11.40 31.06 -31.23
C PHE D 167 -10.59 32.09 -32.00
N GLU D 168 -11.12 33.32 -32.10
CA GLU D 168 -10.42 34.38 -32.83
C GLU D 168 -9.13 34.77 -32.12
N GLU D 169 -9.12 34.71 -30.79
CA GLU D 169 -7.89 34.98 -30.04
C GLU D 169 -6.78 34.02 -30.47
N VAL D 170 -7.11 32.74 -30.66
CA VAL D 170 -6.12 31.77 -31.12
C VAL D 170 -5.79 32.00 -32.59
N ALA D 171 -6.83 32.24 -33.41
CA ALA D 171 -6.60 32.45 -34.84
C ALA D 171 -5.81 33.74 -35.11
N ARG D 172 -6.00 34.77 -34.27
CA ARG D 172 -5.28 36.02 -34.46
C ARG D 172 -3.78 35.82 -34.30
N GLU D 173 -3.36 34.88 -33.46
CA GLU D 173 -1.95 34.68 -33.17
C GLU D 173 -1.27 33.73 -34.13
N GLY D 174 -1.97 33.24 -35.16
CA GLY D 174 -1.31 32.50 -36.22
C GLY D 174 -1.72 31.05 -36.37
N ALA D 175 -2.80 30.64 -35.71
CA ALA D 175 -3.24 29.26 -35.79
C ALA D 175 -3.92 28.98 -37.12
N ASP D 176 -3.51 27.90 -37.78
CA ASP D 176 -4.12 27.50 -39.04
C ASP D 176 -5.26 26.52 -38.85
N VAL D 177 -5.13 25.60 -37.87
CA VAL D 177 -6.17 24.64 -37.53
C VAL D 177 -6.36 24.67 -36.03
N ILE D 178 -7.61 24.77 -35.58
CA ILE D 178 -7.95 24.77 -34.16
C ILE D 178 -8.76 23.51 -33.87
N VAL D 179 -8.30 22.72 -32.92
CA VAL D 179 -8.98 21.50 -32.50
C VAL D 179 -9.71 21.81 -31.19
N ASN D 180 -11.04 21.82 -31.23
CA ASN D 180 -11.85 22.18 -30.08
C ASN D 180 -12.13 20.93 -29.26
N CYS D 181 -11.42 20.77 -28.14
CA CYS D 181 -11.58 19.66 -27.22
C CYS D 181 -11.79 20.19 -25.81
N THR D 182 -12.69 21.15 -25.68
CA THR D 182 -12.92 21.85 -24.43
C THR D 182 -13.92 21.13 -23.52
N GLY D 183 -14.47 20.00 -23.96
CA GLY D 183 -15.34 19.22 -23.09
C GLY D 183 -16.61 19.95 -22.73
N VAL D 184 -16.97 19.89 -21.44
CA VAL D 184 -18.23 20.47 -20.98
C VAL D 184 -18.19 21.99 -21.00
N TRP D 185 -17.01 22.60 -21.04
CA TRP D 185 -16.87 24.04 -21.06
C TRP D 185 -16.81 24.61 -22.48
N ALA D 186 -17.32 23.88 -23.47
CA ALA D 186 -17.22 24.33 -24.85
C ALA D 186 -18.15 25.51 -25.15
N GLY D 187 -19.22 25.68 -24.37
CA GLY D 187 -20.16 26.76 -24.64
C GLY D 187 -19.54 28.14 -24.50
N ALA D 188 -18.48 28.26 -23.71
CA ALA D 188 -17.83 29.56 -23.51
C ALA D 188 -17.04 30.01 -24.73
N LEU D 189 -16.79 29.13 -25.70
CA LEU D 189 -16.15 29.51 -26.95
C LEU D 189 -17.13 29.63 -28.10
N GLN D 190 -18.22 28.86 -28.07
CA GLN D 190 -19.28 28.95 -29.07
C GLN D 190 -20.55 28.37 -28.46
N ARG D 191 -21.62 29.14 -28.47
CA ARG D 191 -22.84 28.75 -27.79
C ARG D 191 -23.38 27.44 -28.34
N ASP D 192 -23.63 26.48 -27.43
CA ASP D 192 -24.19 25.18 -27.79
C ASP D 192 -25.28 24.85 -26.78
N PRO D 193 -26.56 25.04 -27.16
CA PRO D 193 -27.65 24.72 -26.21
C PRO D 193 -27.80 23.23 -25.94
N LEU D 194 -27.30 22.37 -26.83
CA LEU D 194 -27.41 20.94 -26.61
C LEU D 194 -26.37 20.40 -25.64
N LEU D 195 -25.28 21.13 -25.42
CA LEU D 195 -24.26 20.70 -24.47
C LEU D 195 -24.71 21.03 -23.05
N GLN D 196 -24.58 20.04 -22.16
CA GLN D 196 -25.11 20.15 -20.81
C GLN D 196 -24.17 19.48 -19.81
N PRO D 197 -24.04 20.02 -18.60
CA PRO D 197 -23.19 19.40 -17.58
C PRO D 197 -23.90 18.24 -16.89
N GLY D 198 -23.35 17.04 -17.06
CA GLY D 198 -23.82 15.87 -16.33
C GLY D 198 -23.03 15.64 -15.05
N ARG D 199 -23.25 16.47 -14.03
CA ARG D 199 -22.46 16.41 -12.82
C ARG D 199 -22.50 15.03 -12.18
N GLY D 200 -21.33 14.55 -11.78
CA GLY D 200 -21.22 13.29 -11.07
C GLY D 200 -20.31 13.42 -9.88
N GLN D 201 -20.45 12.46 -8.95
CA GLN D 201 -19.63 12.40 -7.76
C GLN D 201 -19.25 10.95 -7.51
N ILE D 202 -17.99 10.71 -7.19
CA ILE D 202 -17.49 9.36 -6.97
C ILE D 202 -16.70 9.29 -5.67
N MET D 203 -16.67 8.10 -5.08
CA MET D 203 -15.91 7.82 -3.88
C MET D 203 -14.82 6.81 -4.21
N LYS D 204 -13.60 7.10 -3.81
CA LYS D 204 -12.47 6.19 -3.99
C LYS D 204 -12.18 5.48 -2.67
N VAL D 205 -12.33 4.16 -2.66
CA VAL D 205 -12.31 3.39 -1.42
C VAL D 205 -11.24 2.31 -1.52
N ASP D 206 -10.70 1.93 -0.36
CA ASP D 206 -9.67 0.90 -0.26
C ASP D 206 -10.35 -0.43 0.07
N ALA D 207 -10.64 -1.22 -0.96
CA ALA D 207 -11.24 -2.54 -0.80
C ALA D 207 -10.64 -3.48 -1.85
N PRO D 208 -9.39 -3.90 -1.64
CA PRO D 208 -8.67 -4.61 -2.71
C PRO D 208 -9.17 -6.02 -2.96
N TRP D 209 -10.10 -6.53 -2.16
CA TRP D 209 -10.68 -7.84 -2.42
C TRP D 209 -11.74 -7.80 -3.51
N MET D 210 -12.15 -6.60 -3.95
CA MET D 210 -13.13 -6.47 -5.03
C MET D 210 -12.43 -6.71 -6.36
N LYS D 211 -12.82 -7.77 -7.06
CA LYS D 211 -12.24 -8.11 -8.35
C LYS D 211 -13.19 -7.88 -9.51
N HIS D 212 -14.45 -7.57 -9.26
CA HIS D 212 -15.44 -7.36 -10.31
C HIS D 212 -16.04 -5.97 -10.19
N PHE D 213 -16.39 -5.38 -11.33
CA PHE D 213 -17.24 -4.20 -11.31
C PHE D 213 -18.69 -4.61 -11.19
N ILE D 214 -19.49 -3.77 -10.55
CA ILE D 214 -20.91 -4.04 -10.35
C ILE D 214 -21.67 -2.78 -10.67
N LEU D 215 -22.37 -2.75 -11.80
CA LEU D 215 -23.20 -1.63 -12.21
C LEU D 215 -24.67 -2.01 -12.09
N THR D 216 -25.44 -1.19 -11.37
CA THR D 216 -26.88 -1.35 -11.29
C THR D 216 -27.55 -0.26 -12.11
N HIS D 217 -28.77 -0.57 -12.59
CA HIS D 217 -29.45 0.32 -13.52
C HIS D 217 -30.94 0.37 -13.20
N ASP D 218 -31.56 1.47 -13.62
CA ASP D 218 -33.00 1.66 -13.63
C ASP D 218 -33.32 2.85 -14.52
N PRO D 219 -34.19 2.68 -15.52
CA PRO D 219 -34.54 3.83 -16.38
C PRO D 219 -35.34 4.90 -15.65
N GLU D 220 -35.89 4.60 -14.48
CA GLU D 220 -36.71 5.59 -13.77
C GLU D 220 -35.90 6.81 -13.36
N ARG D 221 -34.66 6.60 -12.91
CA ARG D 221 -33.82 7.69 -12.44
C ARG D 221 -32.72 8.07 -13.44
N GLY D 222 -32.63 7.36 -14.57
CA GLY D 222 -31.61 7.65 -15.56
C GLY D 222 -30.36 6.81 -15.36
N ILE D 223 -29.50 6.82 -16.39
CA ILE D 223 -28.29 6.02 -16.36
C ILE D 223 -27.30 6.63 -15.38
N TYR D 224 -26.58 5.75 -14.67
CA TYR D 224 -25.56 6.13 -13.69
C TYR D 224 -26.12 6.98 -12.56
N ASN D 225 -27.44 6.92 -12.36
CA ASN D 225 -28.08 7.42 -11.15
C ASN D 225 -28.43 6.28 -10.20
N SER D 226 -27.66 5.21 -10.25
CA SER D 226 -27.85 3.99 -9.48
C SER D 226 -26.48 3.53 -9.01
N PRO D 227 -26.39 2.87 -7.85
CA PRO D 227 -25.07 2.53 -7.31
C PRO D 227 -24.25 1.69 -8.27
N TYR D 228 -22.96 2.01 -8.35
CA TYR D 228 -22.02 1.18 -9.09
C TYR D 228 -20.69 1.12 -8.34
N ILE D 229 -19.98 0.01 -8.55
CA ILE D 229 -18.72 -0.28 -7.87
C ILE D 229 -17.71 -0.68 -8.94
N ILE D 230 -16.62 0.08 -9.04
CA ILE D 230 -15.62 -0.17 -10.08
C ILE D 230 -14.23 -0.27 -9.46
N PRO D 231 -13.68 -1.47 -9.32
CA PRO D 231 -12.32 -1.59 -8.76
C PRO D 231 -11.28 -1.13 -9.77
N GLY D 232 -10.33 -0.32 -9.30
CA GLY D 232 -9.23 0.14 -10.09
C GLY D 232 -7.92 -0.54 -9.72
N THR D 233 -6.81 0.11 -10.11
CA THR D 233 -5.50 -0.45 -9.82
C THR D 233 -5.22 -0.42 -8.32
N GLN D 234 -5.30 0.75 -7.71
CA GLN D 234 -4.98 0.92 -6.30
C GLN D 234 -6.20 1.21 -5.42
N THR D 235 -7.38 1.38 -6.02
CA THR D 235 -8.55 1.80 -5.26
C THR D 235 -9.80 1.29 -5.95
N VAL D 236 -10.93 1.37 -5.24
CA VAL D 236 -12.23 0.98 -5.76
C VAL D 236 -13.10 2.21 -5.84
N THR D 237 -13.73 2.42 -7.00
CA THR D 237 -14.57 3.59 -7.21
C THR D 237 -16.02 3.26 -6.87
N LEU D 238 -16.66 4.17 -6.11
CA LEU D 238 -18.06 4.04 -5.75
C LEU D 238 -18.78 5.27 -6.29
N GLY D 239 -19.83 5.04 -7.08
CA GLY D 239 -20.56 6.15 -7.68
C GLY D 239 -22.06 5.92 -7.81
N GLY D 240 -22.69 6.64 -8.73
CA GLY D 240 -24.13 6.57 -8.89
C GLY D 240 -24.83 7.93 -8.91
N ILE D 241 -24.08 8.99 -9.21
CA ILE D 241 -24.61 10.35 -9.25
C ILE D 241 -24.56 10.86 -10.69
N PHE D 242 -25.69 11.38 -11.17
CA PHE D 242 -25.79 11.95 -12.51
C PHE D 242 -26.83 13.07 -12.45
N GLN D 243 -26.37 14.30 -12.30
CA GLN D 243 -27.25 15.46 -12.13
C GLN D 243 -27.10 16.40 -13.32
N LEU D 244 -28.17 16.53 -14.10
CA LEU D 244 -28.14 17.39 -15.28
C LEU D 244 -28.22 18.86 -14.89
N GLY D 245 -27.39 19.68 -15.52
CA GLY D 245 -27.42 21.11 -15.31
C GLY D 245 -26.81 21.60 -14.01
N ASN D 246 -26.13 20.73 -13.25
CA ASN D 246 -25.51 21.12 -12.00
C ASN D 246 -24.05 21.49 -12.26
N TRP D 247 -23.72 22.76 -12.03
CA TRP D 247 -22.39 23.30 -12.28
C TRP D 247 -21.55 23.41 -11.02
N SER D 248 -21.93 22.71 -9.95
CA SER D 248 -21.28 22.86 -8.65
C SER D 248 -20.13 21.84 -8.56
N GLU D 249 -18.91 22.32 -8.79
CA GLU D 249 -17.72 21.48 -8.61
C GLU D 249 -17.36 21.45 -7.12
N LEU D 250 -18.19 20.72 -6.37
CA LEU D 250 -18.04 20.65 -4.92
C LEU D 250 -18.68 19.35 -4.45
N ASN D 251 -17.99 18.64 -3.56
CA ASN D 251 -18.52 17.39 -3.03
C ASN D 251 -19.71 17.66 -2.12
N ASN D 252 -20.81 16.97 -2.36
CA ASN D 252 -22.06 17.18 -1.64
C ASN D 252 -22.27 16.07 -0.62
N ILE D 253 -22.73 16.46 0.58
CA ILE D 253 -22.92 15.49 1.65
C ILE D 253 -24.03 14.50 1.31
N GLN D 254 -25.13 15.00 0.73
CA GLN D 254 -26.24 14.12 0.38
C GLN D 254 -25.82 13.13 -0.71
N ASP D 255 -25.06 13.61 -1.71
CA ASP D 255 -24.56 12.70 -2.74
C ASP D 255 -23.59 11.69 -2.15
N HIS D 256 -22.80 12.10 -1.17
CA HIS D 256 -21.90 11.17 -0.48
C HIS D 256 -22.70 10.05 0.17
N ASN D 257 -23.75 10.40 0.91
CA ASN D 257 -24.56 9.38 1.59
C ASN D 257 -25.29 8.49 0.59
N THR D 258 -25.74 9.07 -0.54
CA THR D 258 -26.40 8.27 -1.56
C THR D 258 -25.45 7.23 -2.15
N ILE D 259 -24.21 7.64 -2.42
CA ILE D 259 -23.20 6.71 -2.94
C ILE D 259 -22.89 5.64 -1.90
N TRP D 260 -22.71 6.04 -0.64
CA TRP D 260 -22.27 5.11 0.39
C TRP D 260 -23.34 4.07 0.69
N GLU D 261 -24.55 4.52 1.02
CA GLU D 261 -25.62 3.59 1.37
C GLU D 261 -26.02 2.72 0.17
N GLY D 262 -25.86 3.24 -1.04
CA GLY D 262 -26.22 2.45 -2.21
C GLY D 262 -25.25 1.30 -2.45
N CYS D 263 -23.95 1.59 -2.42
CA CYS D 263 -22.96 0.55 -2.64
C CYS D 263 -22.84 -0.39 -1.45
N CYS D 264 -23.13 0.11 -0.25
CA CYS D 264 -23.09 -0.76 0.93
C CYS D 264 -24.19 -1.80 0.90
N ARG D 265 -25.40 -1.39 0.49
CA ARG D 265 -26.48 -2.36 0.30
C ARG D 265 -26.14 -3.32 -0.84
N LEU D 266 -25.51 -2.81 -1.90
CA LEU D 266 -25.16 -3.65 -3.04
C LEU D 266 -24.03 -4.64 -2.68
N GLU D 267 -23.12 -4.23 -1.80
CA GLU D 267 -21.99 -5.07 -1.41
C GLU D 267 -21.68 -4.79 0.05
N PRO D 268 -22.17 -5.63 0.96
CA PRO D 268 -22.01 -5.34 2.40
C PRO D 268 -20.57 -5.39 2.90
N THR D 269 -19.64 -5.96 2.16
CA THR D 269 -18.25 -5.97 2.61
C THR D 269 -17.62 -4.59 2.60
N LEU D 270 -18.23 -3.61 1.94
CA LEU D 270 -17.69 -2.26 1.86
C LEU D 270 -17.88 -1.46 3.15
N LYS D 271 -18.63 -2.00 4.12
CA LYS D 271 -18.95 -1.23 5.32
C LYS D 271 -17.70 -0.80 6.09
N ASN D 272 -16.65 -1.62 6.08
CA ASN D 272 -15.42 -1.31 6.79
C ASN D 272 -14.29 -0.92 5.85
N ALA D 273 -14.61 -0.52 4.62
CA ALA D 273 -13.59 -0.10 3.66
C ALA D 273 -13.19 1.34 3.92
N ARG D 274 -11.88 1.60 3.93
CA ARG D 274 -11.38 2.94 4.20
C ARG D 274 -11.60 3.85 3.01
N ILE D 275 -12.13 5.04 3.27
CA ILE D 275 -12.38 6.02 2.22
C ILE D 275 -11.10 6.82 1.98
N ILE D 276 -10.61 6.79 0.75
CA ILE D 276 -9.35 7.46 0.42
C ILE D 276 -9.59 8.86 -0.11
N GLY D 277 -10.63 9.05 -0.91
CA GLY D 277 -10.89 10.37 -1.47
C GLY D 277 -12.27 10.43 -2.09
N GLU D 278 -12.62 11.63 -2.55
CA GLU D 278 -13.92 11.90 -3.16
C GLU D 278 -13.74 13.04 -4.15
N ARG D 279 -14.38 12.91 -5.32
CA ARG D 279 -14.19 13.87 -6.39
C ARG D 279 -15.52 14.17 -7.07
N THR D 280 -15.57 15.33 -7.73
CA THR D 280 -16.72 15.77 -8.50
C THR D 280 -16.28 16.14 -9.91
N GLY D 281 -17.06 15.72 -10.90
CA GLY D 281 -16.77 16.03 -12.29
C GLY D 281 -18.05 16.34 -13.05
N PHE D 282 -17.87 16.81 -14.29
CA PHE D 282 -18.98 17.19 -15.15
C PHE D 282 -18.88 16.43 -16.47
N ARG D 283 -19.81 15.50 -16.69
CA ARG D 283 -19.87 14.81 -17.97
C ARG D 283 -20.36 15.77 -19.05
N PRO D 284 -19.66 15.89 -20.17
CA PRO D 284 -20.15 16.75 -21.25
C PRO D 284 -21.33 16.13 -21.98
N VAL D 285 -22.52 16.32 -21.44
CA VAL D 285 -23.73 15.67 -21.97
C VAL D 285 -24.19 16.40 -23.23
N ARG D 286 -24.41 15.63 -24.29
CA ARG D 286 -25.02 16.13 -25.52
C ARG D 286 -25.73 14.96 -26.18
N PRO D 287 -26.85 15.19 -26.86
CA PRO D 287 -27.54 14.09 -27.56
C PRO D 287 -26.67 13.36 -28.56
N GLN D 288 -25.55 13.96 -28.98
CA GLN D 288 -24.65 13.36 -29.94
C GLN D 288 -23.32 14.10 -29.86
N ILE D 289 -22.23 13.34 -29.98
CA ILE D 289 -20.90 13.96 -29.97
C ILE D 289 -20.76 14.89 -31.17
N ARG D 290 -20.31 16.11 -30.92
CA ARG D 290 -20.00 17.04 -31.99
C ARG D 290 -18.57 16.79 -32.44
N LEU D 291 -18.42 15.99 -33.49
CA LEU D 291 -17.13 15.69 -34.09
C LEU D 291 -17.23 16.09 -35.56
N GLU D 292 -16.87 17.33 -35.86
CA GLU D 292 -17.13 17.90 -37.18
C GLU D 292 -16.17 19.05 -37.43
N ARG D 293 -16.14 19.49 -38.67
CA ARG D 293 -15.35 20.63 -39.10
C ARG D 293 -16.21 21.89 -39.13
N GLU D 294 -15.54 23.05 -39.07
CA GLU D 294 -16.23 24.32 -39.22
C GLU D 294 -15.23 25.37 -39.69
N GLN D 295 -15.51 26.01 -40.81
CA GLN D 295 -14.70 27.13 -41.28
C GLN D 295 -15.16 28.40 -40.58
N LEU D 296 -14.23 29.08 -39.90
CA LEU D 296 -14.52 30.28 -39.13
C LEU D 296 -14.00 31.49 -39.91
N ARG D 297 -14.90 32.20 -40.58
CA ARG D 297 -14.55 33.39 -41.35
C ARG D 297 -14.25 34.54 -40.38
N THR D 298 -12.98 34.90 -40.23
CA THR D 298 -12.64 35.88 -39.20
C THR D 298 -12.95 37.32 -39.64
N GLY D 299 -12.31 37.84 -40.70
CA GLY D 299 -11.15 37.33 -41.40
C GLY D 299 -10.97 37.66 -42.88
N PRO D 300 -9.77 38.13 -43.23
CA PRO D 300 -9.35 38.08 -44.64
C PRO D 300 -8.73 36.73 -44.95
N SER D 301 -9.36 35.67 -44.44
CA SER D 301 -8.83 34.32 -44.42
C SER D 301 -9.87 33.46 -43.71
N ASN D 302 -9.68 32.15 -43.79
CA ASN D 302 -10.57 31.20 -43.15
C ASN D 302 -9.73 30.26 -42.29
N THR D 303 -9.87 30.38 -40.98
CA THR D 303 -9.15 29.52 -40.05
C THR D 303 -9.98 28.28 -39.76
N GLU D 304 -9.36 27.12 -39.92
CA GLU D 304 -10.05 25.84 -39.82
C GLU D 304 -10.23 25.44 -38.36
N VAL D 305 -11.40 24.87 -38.05
CA VAL D 305 -11.75 24.49 -36.69
C VAL D 305 -12.30 23.07 -36.70
N ILE D 306 -11.80 22.24 -35.80
CA ILE D 306 -12.26 20.86 -35.63
C ILE D 306 -12.84 20.72 -34.23
N HIS D 307 -14.13 20.38 -34.14
CA HIS D 307 -14.79 20.20 -32.87
C HIS D 307 -14.75 18.74 -32.44
N ASN D 308 -14.45 18.50 -31.16
CA ASN D 308 -14.48 17.16 -30.59
C ASN D 308 -14.85 17.31 -29.11
N TYR D 309 -16.14 17.22 -28.83
CA TYR D 309 -16.64 17.36 -27.46
C TYR D 309 -18.06 16.83 -27.39
N GLY D 310 -18.55 16.67 -26.15
CA GLY D 310 -19.88 16.15 -25.92
C GLY D 310 -19.89 14.65 -25.73
N HIS D 311 -18.86 14.12 -25.06
CA HIS D 311 -18.71 12.68 -24.89
C HIS D 311 -19.41 12.14 -23.66
N GLY D 312 -19.97 13.01 -22.82
CA GLY D 312 -20.83 12.54 -21.74
C GLY D 312 -20.10 11.64 -20.77
N GLY D 313 -20.72 10.50 -20.47
CA GLY D 313 -20.15 9.57 -19.52
C GLY D 313 -19.47 8.38 -20.17
N TYR D 314 -19.00 8.57 -21.41
CA TYR D 314 -18.29 7.50 -22.11
C TYR D 314 -17.10 8.05 -22.89
N GLY D 315 -16.45 9.09 -22.36
CA GLY D 315 -15.33 9.70 -23.07
C GLY D 315 -14.16 8.76 -23.25
N LEU D 316 -13.77 8.05 -22.17
CA LEU D 316 -12.67 7.10 -22.28
C LEU D 316 -13.06 5.88 -23.10
N THR D 317 -14.35 5.52 -23.10
CA THR D 317 -14.83 4.38 -23.86
C THR D 317 -14.72 4.62 -25.36
N ILE D 318 -14.74 5.88 -25.80
CA ILE D 318 -14.88 6.22 -27.21
C ILE D 318 -13.76 7.12 -27.72
N HIS D 319 -12.76 7.44 -26.89
CA HIS D 319 -11.83 8.51 -27.23
C HIS D 319 -11.00 8.17 -28.46
N TRP D 320 -10.61 6.91 -28.63
CA TRP D 320 -9.68 6.59 -29.73
C TRP D 320 -10.37 6.64 -31.08
N GLY D 321 -11.60 6.13 -31.16
CA GLY D 321 -12.35 6.24 -32.41
C GLY D 321 -12.56 7.68 -32.82
N CYS D 322 -12.85 8.56 -31.85
CA CYS D 322 -13.00 9.97 -32.14
C CYS D 322 -11.69 10.59 -32.56
N ALA D 323 -10.58 10.16 -31.95
CA ALA D 323 -9.26 10.70 -32.30
C ALA D 323 -8.89 10.34 -33.73
N LEU D 324 -9.17 9.11 -34.16
CA LEU D 324 -8.90 8.72 -35.54
C LEU D 324 -9.78 9.51 -36.50
N GLU D 325 -11.05 9.71 -36.15
CA GLU D 325 -11.96 10.46 -37.02
C GLU D 325 -11.54 11.92 -37.11
N ALA D 326 -11.12 12.52 -36.00
CA ALA D 326 -10.65 13.89 -36.02
C ALA D 326 -9.39 14.04 -36.87
N ALA D 327 -8.56 13.00 -36.92
CA ALA D 327 -7.38 13.04 -37.79
C ALA D 327 -7.77 12.91 -39.26
N LYS D 328 -8.83 12.16 -39.56
CA LYS D 328 -9.31 12.08 -40.94
C LYS D 328 -9.81 13.44 -41.41
N LEU D 329 -10.57 14.15 -40.57
CA LEU D 329 -11.01 15.50 -40.91
C LEU D 329 -9.80 16.42 -41.11
N PHE D 330 -8.74 16.21 -40.33
CA PHE D 330 -7.53 17.00 -40.50
C PHE D 330 -6.86 16.69 -41.84
N GLY D 331 -7.02 15.47 -42.35
CA GLY D 331 -6.41 15.13 -43.63
C GLY D 331 -7.08 15.83 -44.80
N ARG D 332 -8.41 15.91 -44.79
CA ARG D 332 -9.11 16.57 -45.87
C ARG D 332 -8.86 18.07 -45.88
N ILE D 333 -8.58 18.65 -44.71
CA ILE D 333 -8.14 20.04 -44.66
C ILE D 333 -6.84 20.21 -45.43
N LEU D 334 -5.90 19.27 -45.27
CA LEU D 334 -4.63 19.36 -45.96
C LEU D 334 -4.82 19.28 -47.48
N GLU D 335 -5.68 18.37 -47.94
CA GLU D 335 -5.92 18.24 -49.37
C GLU D 335 -6.60 19.48 -49.94
N GLU D 336 -7.51 20.09 -49.18
CA GLU D 336 -8.15 21.32 -49.63
C GLU D 336 -7.18 22.49 -49.66
N LYS D 337 -6.15 22.46 -48.82
CA LYS D 337 -5.13 23.49 -48.79
C LYS D 337 -3.94 23.17 -49.69
N LYS D 338 -4.10 22.21 -50.61
CA LYS D 338 -3.03 21.83 -51.53
C LYS D 338 -1.77 21.40 -50.78
N LEU D 339 -1.96 20.61 -49.72
CA LEU D 339 -0.86 20.22 -48.85
C LEU D 339 -0.71 18.71 -48.67
N SER D 340 -1.54 17.92 -49.33
CA SER D 340 -1.42 16.46 -49.23
C SER D 340 -1.54 15.81 -50.60
PA FAD E . -4.78 28.36 -1.40
O1A FAD E . -5.00 27.05 -0.72
O2A FAD E . -4.73 28.51 -2.87
O5B FAD E . -6.39 28.48 -1.50
C5B FAD E . -6.99 29.61 -2.16
C4B FAD E . -8.51 29.51 -2.02
O4B FAD E . -9.06 30.82 -2.39
C3B FAD E . -9.07 28.55 -3.07
O3B FAD E . -10.41 28.21 -2.74
C2B FAD E . -9.11 29.49 -4.23
O2B FAD E . -9.85 28.92 -5.31
C1B FAD E . -9.91 30.56 -3.53
N9A FAD E . -10.15 31.77 -4.36
C8A FAD E . -9.22 32.60 -4.81
N7A FAD E . -9.83 33.57 -5.49
C5A FAD E . -11.14 33.33 -5.48
C6A FAD E . -12.17 33.98 -6.01
N6A FAD E . -11.88 35.09 -6.70
N1A FAD E . -13.43 33.57 -5.87
C2A FAD E . -13.67 32.41 -5.13
N3A FAD E . -12.58 31.74 -4.58
C4A FAD E . -11.33 32.21 -4.76
N1 FAD E . 3.53 25.87 3.29
C2 FAD E . 3.92 25.30 4.50
O2 FAD E . 3.58 25.82 5.57
N3 FAD E . 4.71 24.14 4.50
C4 FAD E . 5.08 23.54 3.29
O4 FAD E . 5.77 22.52 3.29
C4X FAD E . 4.69 24.12 2.09
N5 FAD E . 5.05 23.55 0.92
C5X FAD E . 4.66 24.10 -0.25
C6 FAD E . 5.04 23.51 -1.45
C7 FAD E . 4.64 24.07 -2.65
C7M FAD E . 5.02 23.47 -3.85
C8 FAD E . 3.86 25.22 -2.65
C8M FAD E . 3.45 25.79 -3.86
C9 FAD E . 3.48 25.81 -1.45
C9A FAD E . 3.89 25.25 -0.24
N10 FAD E . 3.52 25.83 0.92
C10 FAD E . 3.91 25.28 2.08
C1' FAD E . 2.72 27.06 0.92
C2' FAD E . 1.23 26.78 1.16
O2' FAD E . 0.75 25.85 0.19
C3' FAD E . 0.44 28.08 1.04
O3' FAD E . 1.09 29.12 1.78
C4' FAD E . -0.98 27.87 1.58
O4' FAD E . -1.58 26.77 0.90
C5' FAD E . -1.81 29.14 1.36
O5' FAD E . -3.10 28.78 0.87
P FAD E . -4.32 29.81 0.97
O1P FAD E . -5.31 29.30 1.94
O2P FAD E . -3.76 31.17 1.13
O3P FAD E . -4.97 29.71 -0.50
C1 9E6 F . 8.07 25.08 -0.25
S1 9E6 F . 9.40 23.05 2.95
C2 9E6 F . 8.40 24.52 1.09
C4 9E6 F . 7.86 25.03 2.30
C5 9E6 F . 8.32 24.31 3.39
C7 9E6 F . 9.28 23.42 1.26
O8 9E6 F . 7.54 26.18 -0.34
O9 9E6 F . 8.35 24.40 -1.35
CL1 9E6 F . 7.85 24.68 5.14
PA FAD G . 17.91 -17.26 14.45
O1A FAD G . 17.73 -16.40 13.25
O2A FAD G . 16.87 -18.19 14.94
O5B FAD G . 18.38 -18.43 13.43
C5B FAD G . 18.63 -19.75 13.89
C4B FAD G . 19.20 -20.57 12.74
O4B FAD G . 19.78 -21.79 13.30
C3B FAD G . 18.07 -21.06 11.85
O3B FAD G . 18.60 -21.43 10.57
C2B FAD G . 17.71 -22.31 12.58
O2B FAD G . 16.88 -23.14 11.77
C1B FAD G . 19.10 -22.87 12.62
N9A FAD G . 19.21 -24.15 13.38
C8A FAD G . 19.07 -24.29 14.69
N7A FAD G . 19.23 -25.58 14.99
C5A FAD G . 19.47 -26.24 13.85
C6A FAD G . 19.70 -27.54 13.61
N6A FAD G . 19.69 -28.35 14.66
N1A FAD G . 19.93 -28.00 12.37
C2A FAD G . 19.92 -27.10 11.31
N3A FAD G . 19.68 -25.75 11.59
C4A FAD G . 19.45 -25.35 12.86
N1 FAD G . 17.85 -7.95 17.58
C2 FAD G . 18.30 -6.70 17.16
O2 FAD G . 19.50 -6.53 16.94
N3 FAD G . 17.40 -5.66 16.97
C4 FAD G . 16.04 -5.86 17.22
O4 FAD G . 15.25 -4.92 17.06
C4X FAD G . 15.58 -7.10 17.64
N5 FAD G . 14.28 -7.29 17.88
C5X FAD G . 13.84 -8.49 18.29
C6 FAD G . 12.48 -8.68 18.54
C7 FAD G . 12.03 -9.93 18.97
C7M FAD G . 10.68 -10.13 19.22
C8 FAD G . 12.93 -10.98 19.14
C8M FAD G . 12.48 -12.23 19.56
C9 FAD G . 14.28 -10.78 18.89
C9A FAD G . 14.73 -9.53 18.47
N10 FAD G . 16.04 -9.35 18.24
C10 FAD G . 16.48 -8.15 17.82
C1' FAD G . 16.99 -10.47 18.44
C2' FAD G . 17.35 -11.19 17.13
O2' FAD G . 16.16 -11.60 16.45
C3' FAD G . 18.20 -12.42 17.43
O3' FAD G . 19.25 -12.10 18.34
C4' FAD G . 18.81 -12.91 16.12
O4' FAD G . 17.75 -13.17 15.19
C5' FAD G . 19.59 -14.20 16.36
O5' FAD G . 19.60 -14.94 15.14
P FAD G . 20.51 -16.25 14.97
O1P FAD G . 21.12 -16.24 13.64
O2P FAD G . 21.37 -16.37 16.18
O3P FAD G . 19.43 -17.46 15.02
C1 9E6 H . 13.49 -6.91 21.50
S1 9E6 H . 14.24 -3.18 20.23
C2 9E6 H . 14.04 -5.63 20.96
C4 9E6 H . 15.36 -5.50 20.51
C5 9E6 H . 15.61 -4.21 20.06
C7 9E6 H . 13.27 -4.45 20.89
O8 9E6 H . 12.19 -7.03 21.73
O9 9E6 H . 14.23 -7.87 21.72
CL1 9E6 H . 17.23 -3.62 19.39
PA FAD I . -1.07 -28.11 6.75
O1A FAD I . -1.65 -26.74 6.84
O2A FAD I . 0.40 -28.38 6.81
O5B FAD I . -1.09 -28.15 8.36
C5B FAD I . -0.39 -29.15 9.11
C4B FAD I . -0.62 -28.94 10.60
O4B FAD I . -0.32 -30.21 11.27
C3B FAD I . 0.40 -27.97 11.18
O3B FAD I . -0.06 -27.49 12.44
C2B FAD I . 1.53 -28.93 11.44
O2B FAD I . 2.54 -28.31 12.25
C1B FAD I . 0.71 -29.91 12.23
N9A FAD I . 1.46 -31.13 12.63
C8A FAD I . 1.92 -32.05 11.78
N7A FAD I . 2.54 -32.99 12.50
C5A FAD I . 2.46 -32.66 13.78
C6A FAD I . 2.91 -33.27 14.89
N6A FAD I . 3.56 -34.41 14.70
N1A FAD I . 2.72 -32.76 16.11
C2A FAD I . 2.03 -31.55 16.23
N3A FAD I . 1.57 -30.93 15.06
C4A FAD I . 1.79 -31.50 13.86
N1 FAD I . -5.25 -25.74 -1.85
C2 FAD I . -6.41 -25.12 -2.34
O2 FAD I . -7.52 -25.53 -2.01
N3 FAD I . -6.30 -24.01 -3.19
C4 FAD I . -5.03 -23.54 -3.57
O4 FAD I . -4.95 -22.57 -4.31
C4X FAD I . -3.89 -24.17 -3.08
N5 FAD I . -2.69 -23.72 -3.44
C5X FAD I . -1.58 -24.32 -2.98
C6 FAD I . -0.33 -23.84 -3.35
C7 FAD I . 0.83 -24.45 -2.88
C7M FAD I . 2.07 -23.96 -3.27
C8 FAD I . 0.73 -25.55 -2.03
C8M FAD I . 1.88 -26.18 -1.55
C9 FAD I . -0.52 -26.03 -1.66
C9A FAD I . -1.68 -25.41 -2.13
N10 FAD I . -2.88 -25.87 -1.77
C10 FAD I . -3.99 -25.28 -2.23
C1' FAD I . -3.00 -27.05 -0.88
C2' FAD I . -3.21 -26.67 0.58
O2' FAD I . -2.15 -25.78 0.99
C3' FAD I . -3.17 -27.92 1.43
O3' FAD I . -4.00 -28.93 0.84
C4' FAD I . -3.70 -27.60 2.84
O4' FAD I . -3.03 -26.46 3.35
C5' FAD I . -3.44 -28.80 3.76
O5' FAD I . -3.36 -28.32 5.10
P FAD I . -3.56 -29.33 6.34
O1P FAD I . -4.45 -28.68 7.32
O2P FAD I . -3.89 -30.66 5.81
O3P FAD I . -2.08 -29.38 6.96
C1 9E6 J . -1.40 -25.47 -6.30
S1 9E6 J . -4.35 -23.30 -7.92
C2 9E6 J . -2.68 -24.83 -6.72
C4 9E6 J . -3.94 -25.19 -6.21
C5 9E6 J . -4.95 -24.44 -6.78
C7 9E6 J . -2.70 -23.80 -7.69
O8 9E6 J . -1.41 -26.48 -5.61
O9 9E6 J . -0.24 -24.94 -6.67
CL1 9E6 J . -6.74 -24.60 -6.38
PA FAD K . -12.39 16.87 -19.93
O1A FAD K . -11.32 15.96 -19.45
O2A FAD K . -12.98 17.94 -19.07
O5B FAD K . -11.21 17.91 -20.28
C5B FAD K . -11.50 19.24 -20.74
C4B FAD K . -10.20 19.90 -21.19
O4B FAD K . -10.54 21.11 -21.95
C3B FAD K . -9.43 20.44 -19.99
O3B FAD K . -8.08 20.70 -20.37
C2B FAD K . -10.13 21.75 -19.81
O2B FAD K . -9.43 22.60 -18.90
C1B FAD K . -9.94 22.21 -21.23
N9A FAD K . -10.57 23.52 -21.55
C8A FAD K . -11.88 23.77 -21.53
N7A FAD K . -12.07 25.04 -21.87
C5A FAD K . -10.88 25.60 -22.09
C6A FAD K . -10.54 26.84 -22.44
N6A FAD K . -11.53 27.71 -22.61
N1A FAD K . -9.25 27.20 -22.61
C2A FAD K . -8.27 26.23 -22.41
N3A FAD K . -8.66 24.94 -22.04
C4A FAD K . -9.96 24.66 -21.88
N1 FAD K . -16.11 7.83 -19.22
C2 FAD K . -15.80 6.51 -19.58
O2 FAD K . -15.53 6.24 -20.75
N3 FAD K . -15.79 5.50 -18.61
C4 FAD K . -16.10 5.83 -17.28
O4 FAD K . -16.08 4.94 -16.42
C4X FAD K . -16.40 7.14 -16.93
N5 FAD K . -16.70 7.44 -15.65
C5X FAD K . -17.01 8.69 -15.31
C6 FAD K . -17.31 9.00 -13.99
C7 FAD K . -17.62 10.31 -13.63
C7M FAD K . -17.92 10.60 -12.31
C8 FAD K . -17.63 11.31 -14.60
C8M FAD K . -17.94 12.62 -14.24
C9 FAD K . -17.33 11.00 -15.92
C9A FAD K . -17.00 9.69 -16.28
N10 FAD K . -16.72 9.40 -17.56
C10 FAD K . -16.42 8.14 -17.90
C1' FAD K . -16.77 10.45 -18.58
C2' FAD K . -15.39 11.02 -18.91
O2' FAD K . -14.77 11.45 -17.70
C3' FAD K . -15.55 12.21 -19.85
O3' FAD K . -16.44 11.86 -20.91
C4' FAD K . -14.18 12.58 -20.44
O4' FAD K . -13.22 12.73 -19.39
C5' FAD K . -14.28 13.89 -21.23
O5' FAD K . -12.99 14.47 -21.33
P FAD K . -12.67 15.61 -22.41
O1P FAD K . -11.31 15.39 -22.93
O2P FAD K . -13.82 15.70 -23.34
O3P FAD K . -12.65 16.95 -21.52
C1 9E6 L . -20.21 7.40 -15.07
S1 9E6 L . -19.23 3.53 -15.39
C2 9E6 L . -19.78 6.03 -15.47
C4 9E6 L . -19.35 5.71 -16.77
C5 9E6 L . -19.02 4.37 -16.87
C7 9E6 L . -19.78 4.96 -14.56
O8 9E6 L . -20.29 7.74 -13.78
O9 9E6 L . -20.49 8.24 -15.92
CL1 9E6 L . -18.41 3.57 -18.41
#